data_6O65
#
_entry.id   6O65
#
_cell.length_a   89.201
_cell.length_b   107.558
_cell.length_c   142.424
_cell.angle_alpha   90.00
_cell.angle_beta   95.30
_cell.angle_gamma   90.00
#
_symmetry.space_group_name_H-M   'P 1 21 1'
#
loop_
_entity.id
_entity.type
_entity.pdbx_description
1 polymer 'Spermidine synthase 1'
2 non-polymer "5'-[(S)-(3-AMINOPROPYL)(METHYL)-LAMBDA~4~-SULFANYL]-5'-DEOXYADENOSINE"
3 non-polymer 'CYCLOHEXYLAMMONIUM ION'
4 non-polymer 'SULFATE ION'
5 non-polymer DI(HYDROXYETHYL)ETHER
6 non-polymer 1,2-ETHANEDIOL
7 water water
#
_entity_poly.entity_id   1
_entity_poly.type   'polypeptide(L)'
_entity_poly.pdbx_seq_one_letter_code
;SNAKKEPACFSTVIPGWFSEMSPMWPGEAHSLKVEKVLFQGKSDYQDVIVFQSATYGKVLVLDGVIQLTERDECAYQEMI
THLPLCSIPNPKKVLVIGGGDGGVLREVARHASIEQIDMCEIDKMVVDVSKQFFPDVAIGYEDPRVNLVIGDGVAFLKNA
AEGSYDAVIVDSSDPIGPAKELFEKPFFQSVARALRPGGVVCTQAESLWLHMDIIEDIVSNCREIFKGSVNYAWTSVPTY
PSGVIGFMLCSTEGPDVDFKHPLNPIDESSSKSNGPLKFYNAEIHSAAFCLPSFAKKVIESKAN
;
_entity_poly.pdbx_strand_id   A,B,C,D,E,F,G,H
#
loop_
_chem_comp.id
_chem_comp.type
_chem_comp.name
_chem_comp.formula
EDO non-polymer 1,2-ETHANEDIOL 'C2 H6 O2'
HAI non-polymer 'CYCLOHEXYLAMMONIUM ION' 'C6 H14 N 1'
PEG non-polymer DI(HYDROXYETHYL)ETHER 'C4 H10 O3'
S4M non-polymer 5'-[(S)-(3-AMINOPROPYL)(METHYL)-LAMBDA~4~-SULFANYL]-5'-DEOXYADENOSINE 'C14 H24 N6 O3 S'
SO4 non-polymer 'SULFATE ION' 'O4 S -2'
#
# COMPACT_ATOMS: atom_id res chain seq x y z
N LYS A 5 20.92 44.25 16.26
CA LYS A 5 22.05 43.90 17.17
C LYS A 5 22.73 45.17 17.68
N GLU A 6 22.57 45.48 18.98
CA GLU A 6 23.24 46.65 19.61
C GLU A 6 24.05 46.18 20.82
N PRO A 7 23.43 45.50 21.81
CA PRO A 7 24.15 45.00 22.99
C PRO A 7 25.27 44.00 22.67
N ALA A 8 26.28 43.92 23.55
CA ALA A 8 27.46 43.04 23.38
C ALA A 8 27.12 41.53 23.40
N CYS A 9 25.91 41.13 23.83
CA CYS A 9 25.48 39.70 23.90
C CYS A 9 24.71 39.33 22.63
N PHE A 10 24.55 40.31 21.72
CA PHE A 10 23.87 40.17 20.41
C PHE A 10 24.88 39.76 19.35
N SER A 11 24.39 39.19 18.25
CA SER A 11 25.25 38.44 17.28
C SER A 11 26.18 39.39 16.55
N THR A 12 27.47 39.00 16.45
CA THR A 12 28.46 39.61 15.52
C THR A 12 28.21 39.08 14.11
N VAL A 13 27.37 38.06 13.91
CA VAL A 13 27.22 37.41 12.58
C VAL A 13 26.00 38.00 11.84
N ILE A 14 24.83 38.10 12.47
CA ILE A 14 23.61 38.63 11.79
C ILE A 14 22.84 39.54 12.76
N PRO A 15 22.14 40.60 12.25
CA PRO A 15 21.27 41.47 13.07
C PRO A 15 20.14 40.67 13.77
N GLY A 16 19.70 41.16 14.93
CA GLY A 16 18.44 40.76 15.58
C GLY A 16 18.51 39.39 16.23
N TRP A 17 19.66 38.94 16.73
CA TRP A 17 19.77 37.71 17.55
C TRP A 17 20.46 38.02 18.88
N PHE A 18 19.82 37.58 19.95
CA PHE A 18 20.39 37.53 21.31
C PHE A 18 20.80 36.09 21.61
N SER A 19 21.96 35.90 22.20
CA SER A 19 22.36 34.57 22.71
C SER A 19 22.74 34.67 24.18
N GLU A 20 22.16 33.79 25.01
CA GLU A 20 22.45 33.72 26.47
C GLU A 20 23.76 32.98 26.71
N MET A 21 24.90 33.69 26.77
CA MET A 21 26.21 33.07 27.10
C MET A 21 26.52 33.28 28.60
N SER A 22 27.22 32.34 29.24
CA SER A 22 27.64 32.46 30.65
C SER A 22 28.58 31.31 30.99
N PRO A 23 29.65 31.54 31.82
CA PRO A 23 30.47 30.42 32.30
C PRO A 23 29.68 29.46 33.20
N MET A 24 28.48 29.84 33.58
CA MET A 24 27.64 29.01 34.46
C MET A 24 27.03 27.85 33.67
N TRP A 25 27.00 28.00 32.34
CA TRP A 25 26.57 26.94 31.39
C TRP A 25 27.48 26.99 30.17
N PRO A 26 28.76 26.59 30.30
CA PRO A 26 29.69 26.65 29.20
C PRO A 26 29.25 25.82 27.97
N GLY A 27 29.65 26.30 26.81
CA GLY A 27 29.51 25.59 25.53
C GLY A 27 28.06 25.56 25.07
N GLU A 28 27.22 26.43 25.60
CA GLU A 28 25.79 26.35 25.20
C GLU A 28 25.14 27.70 25.35
N ALA A 29 24.15 27.94 24.53
CA ALA A 29 23.50 29.25 24.53
C ALA A 29 22.15 29.14 23.86
N HIS A 30 21.09 29.61 24.51
CA HIS A 30 19.75 29.76 23.89
C HIS A 30 19.71 31.11 23.16
N SER A 31 19.42 31.07 21.88
CA SER A 31 19.44 32.21 20.95
C SER A 31 17.99 32.48 20.64
N LEU A 32 17.62 33.75 20.61
CA LEU A 32 16.21 34.21 20.46
C LEU A 32 16.24 35.37 19.49
N LYS A 33 15.31 35.37 18.52
CA LYS A 33 15.20 36.46 17.53
C LYS A 33 14.63 37.69 18.23
N VAL A 34 15.30 38.85 18.07
CA VAL A 34 14.94 40.16 18.68
C VAL A 34 14.27 41.09 17.63
N GLU A 35 13.01 41.45 17.82
CA GLU A 35 12.29 42.43 16.94
C GLU A 35 12.83 43.82 17.24
N LYS A 36 13.06 44.12 18.53
CA LYS A 36 13.49 45.48 18.95
C LYS A 36 13.99 45.45 20.39
N VAL A 37 15.08 46.19 20.66
CA VAL A 37 15.55 46.40 22.05
C VAL A 37 14.65 47.50 22.59
N LEU A 38 14.02 47.31 23.76
CA LEU A 38 13.13 48.35 24.37
C LEU A 38 13.88 49.14 25.45
N PHE A 39 14.98 48.63 26.01
CA PHE A 39 15.67 49.30 27.13
C PHE A 39 17.02 48.66 27.34
N GLN A 40 18.04 49.52 27.50
CA GLN A 40 19.36 49.13 28.04
C GLN A 40 19.78 50.16 29.07
N GLY A 41 20.18 49.71 30.23
CA GLY A 41 20.68 50.61 31.28
C GLY A 41 21.65 49.87 32.16
N LYS A 42 22.55 50.61 32.80
CA LYS A 42 23.40 50.06 33.88
C LYS A 42 22.91 50.59 35.22
N SER A 43 22.22 49.78 36.02
CA SER A 43 21.86 50.13 37.42
C SER A 43 23.13 50.18 38.28
N ASP A 44 22.96 50.36 39.59
CA ASP A 44 24.05 50.27 40.58
C ASP A 44 24.55 48.83 40.73
N TYR A 45 23.72 47.85 40.37
CA TYR A 45 24.07 46.42 40.67
C TYR A 45 24.27 45.62 39.39
N GLN A 46 23.61 45.96 38.26
CA GLN A 46 23.41 45.03 37.10
C GLN A 46 23.30 45.74 35.75
N ASP A 47 23.73 45.09 34.66
CA ASP A 47 23.35 45.51 33.29
C ASP A 47 22.01 44.89 32.97
N VAL A 48 21.08 45.74 32.53
CA VAL A 48 19.63 45.48 32.37
C VAL A 48 19.24 45.70 30.91
N ILE A 49 18.61 44.71 30.29
CA ILE A 49 18.04 44.82 28.92
C ILE A 49 16.65 44.25 28.90
N VAL A 50 15.70 45.00 28.36
CA VAL A 50 14.41 44.47 27.86
C VAL A 50 14.41 44.52 26.34
N PHE A 51 13.95 43.46 25.66
CA PHE A 51 13.76 43.43 24.20
C PHE A 51 12.44 42.74 23.94
N GLN A 52 11.79 43.21 22.87
CA GLN A 52 10.66 42.53 22.21
C GLN A 52 11.25 41.40 21.35
N SER A 53 10.89 40.15 21.63
CA SER A 53 11.45 39.00 20.87
C SER A 53 10.41 38.65 19.81
N ALA A 54 10.80 37.99 18.71
CA ALA A 54 9.86 37.52 17.66
C ALA A 54 8.77 36.64 18.25
N THR A 55 9.14 35.65 19.07
CA THR A 55 8.27 34.48 19.35
C THR A 55 8.08 34.18 20.84
N TYR A 56 8.76 34.90 21.74
CA TYR A 56 8.61 34.68 23.20
C TYR A 56 8.07 35.94 23.92
N GLY A 57 7.44 36.87 23.18
CA GLY A 57 7.02 38.19 23.70
C GLY A 57 8.20 38.96 24.28
N LYS A 58 7.97 39.75 25.33
CA LYS A 58 9.02 40.62 25.88
CA LYS A 58 9.03 40.63 25.88
C LYS A 58 9.90 39.79 26.81
N VAL A 59 11.17 40.18 26.93
CA VAL A 59 12.28 39.43 27.62
C VAL A 59 13.06 40.37 28.54
N LEU A 60 13.26 39.95 29.78
CA LEU A 60 14.09 40.69 30.74
C LEU A 60 15.44 39.96 30.82
N VAL A 61 16.54 40.71 30.67
CA VAL A 61 17.91 40.12 30.76
C VAL A 61 18.68 40.88 31.82
N LEU A 62 19.35 40.13 32.68
CA LEU A 62 20.21 40.71 33.74
C LEU A 62 21.58 40.14 33.58
N ASP A 63 22.59 41.01 33.45
CA ASP A 63 23.99 40.59 33.25
C ASP A 63 24.08 39.45 32.23
N GLY A 64 23.43 39.62 31.09
CA GLY A 64 23.47 38.67 29.98
C GLY A 64 22.55 37.48 30.19
N VAL A 65 21.88 37.38 31.34
CA VAL A 65 21.03 36.20 31.68
C VAL A 65 19.52 36.53 31.56
N ILE A 66 18.80 35.64 30.91
CA ILE A 66 17.36 35.73 30.67
C ILE A 66 16.74 35.48 32.02
N GLN A 67 15.96 36.42 32.50
CA GLN A 67 15.24 36.31 33.81
C GLN A 67 13.80 35.93 33.52
N LEU A 68 13.28 36.36 32.40
CA LEU A 68 11.85 36.14 32.17
C LEU A 68 11.60 36.34 30.69
N THR A 69 10.71 35.51 30.15
CA THR A 69 9.92 35.86 28.93
C THR A 69 8.42 35.73 29.19
N GLU A 70 7.65 36.54 28.49
CA GLU A 70 6.17 36.56 28.65
C GLU A 70 5.57 35.19 28.32
N ARG A 71 6.16 34.52 27.33
CA ARG A 71 5.56 33.29 26.79
C ARG A 71 5.63 32.20 27.82
N ASP A 72 6.68 32.14 28.60
CA ASP A 72 6.85 30.98 29.50
C ASP A 72 6.95 31.35 30.97
N GLU A 73 6.62 32.57 31.39
CA GLU A 73 6.93 32.87 32.80
C GLU A 73 5.92 32.15 33.69
N CYS A 74 4.68 31.92 33.27
CA CYS A 74 3.71 31.15 34.11
C CYS A 74 4.40 29.90 34.72
N ALA A 75 5.33 29.23 34.03
CA ALA A 75 5.94 27.99 34.59
C ALA A 75 6.67 28.31 35.87
N TYR A 76 7.59 29.27 35.84
CA TYR A 76 8.42 29.58 37.00
C TYR A 76 7.54 30.25 38.06
N GLN A 77 6.76 31.22 37.66
CA GLN A 77 6.05 32.01 38.68
C GLN A 77 5.16 31.09 39.48
N GLU A 78 4.38 30.26 38.79
CA GLU A 78 3.34 29.43 39.45
C GLU A 78 4.01 28.41 40.37
N MET A 79 5.03 27.72 39.87
CA MET A 79 5.68 26.62 40.61
C MET A 79 6.40 27.17 41.84
N ILE A 80 7.26 28.20 41.68
CA ILE A 80 8.05 28.76 42.81
C ILE A 80 7.07 29.28 43.89
N THR A 81 5.89 29.78 43.53
CA THR A 81 4.89 30.31 44.48
C THR A 81 4.07 29.18 45.09
N HIS A 82 3.41 28.36 44.28
CA HIS A 82 2.39 27.42 44.80
C HIS A 82 3.04 26.16 45.35
N LEU A 83 4.25 25.81 44.92
CA LEU A 83 4.90 24.70 45.63
C LEU A 83 4.87 25.02 47.14
N PRO A 84 5.46 26.13 47.63
CA PRO A 84 5.47 26.30 49.09
C PRO A 84 4.14 26.62 49.77
N LEU A 85 3.29 27.44 49.15
CA LEU A 85 2.11 28.00 49.80
C LEU A 85 1.00 26.96 49.81
N CYS A 86 1.00 26.00 48.87
CA CYS A 86 -0.05 24.96 48.83
C CYS A 86 0.38 23.83 49.77
N SER A 87 1.60 23.90 50.31
CA SER A 87 2.18 22.86 51.20
C SER A 87 1.88 23.13 52.67
N ILE A 88 1.41 24.33 53.02
CA ILE A 88 1.11 24.67 54.43
C ILE A 88 -0.29 25.26 54.56
N PRO A 89 -0.97 24.96 55.68
CA PRO A 89 -2.29 25.52 55.96
C PRO A 89 -2.24 27.04 56.19
N ASN A 90 -3.21 27.72 55.60
CA ASN A 90 -3.57 29.08 56.05
C ASN A 90 -2.35 30.01 56.06
N PRO A 91 -1.54 30.11 54.99
CA PRO A 91 -0.45 31.09 55.00
C PRO A 91 -0.92 32.55 55.03
N LYS A 92 -0.23 33.37 55.84
CA LYS A 92 -0.72 34.72 56.23
C LYS A 92 0.32 35.76 55.89
N LYS A 93 1.56 35.48 56.30
CA LYS A 93 2.69 36.40 56.16
C LYS A 93 3.83 35.75 55.39
N VAL A 94 4.17 36.35 54.26
CA VAL A 94 5.12 35.74 53.26
C VAL A 94 6.16 36.79 52.86
N LEU A 95 7.39 36.33 52.61
CA LEU A 95 8.50 37.23 52.20
C LEU A 95 9.01 36.74 50.87
N VAL A 96 9.14 37.64 49.91
CA VAL A 96 9.73 37.44 48.56
C VAL A 96 11.04 38.20 48.54
N ILE A 97 12.14 37.46 48.39
CA ILE A 97 13.50 38.04 48.13
C ILE A 97 13.76 38.01 46.63
N GLY A 98 14.24 39.13 46.09
CA GLY A 98 14.32 39.39 44.63
C GLY A 98 12.92 39.57 44.08
N GLY A 99 12.52 38.88 43.01
CA GLY A 99 11.12 39.01 42.53
C GLY A 99 10.83 40.33 41.84
N GLY A 100 11.86 41.03 41.35
CA GLY A 100 11.77 42.40 40.80
C GLY A 100 10.76 42.57 39.67
N ASP A 101 10.37 41.50 38.99
CA ASP A 101 9.34 41.58 37.91
C ASP A 101 7.94 41.68 38.53
N GLY A 102 7.81 41.32 39.80
CA GLY A 102 6.53 41.24 40.52
C GLY A 102 5.69 40.00 40.16
N GLY A 103 6.23 39.08 39.36
CA GLY A 103 5.51 37.81 39.05
C GLY A 103 5.14 37.00 40.32
N VAL A 104 6.05 36.77 41.25
CA VAL A 104 5.78 36.03 42.53
C VAL A 104 4.68 36.81 43.30
N LEU A 105 4.76 38.15 43.37
CA LEU A 105 3.68 38.95 44.04
C LEU A 105 2.33 38.50 43.47
N ARG A 106 2.24 38.39 42.13
CA ARG A 106 0.97 38.12 41.41
C ARG A 106 0.48 36.73 41.86
N GLU A 107 1.37 35.77 42.05
CA GLU A 107 0.90 34.39 42.35
C GLU A 107 0.53 34.32 43.82
N VAL A 108 1.29 35.01 44.68
CA VAL A 108 1.08 34.96 46.14
C VAL A 108 -0.33 35.53 46.38
N ALA A 109 -0.63 36.61 45.68
CA ALA A 109 -1.93 37.33 45.76
C ALA A 109 -3.06 36.34 45.54
N ARG A 110 -2.87 35.29 44.74
CA ARG A 110 -3.97 34.32 44.46
C ARG A 110 -4.48 33.72 45.77
N HIS A 111 -3.64 33.60 46.80
CA HIS A 111 -4.06 33.00 48.09
C HIS A 111 -4.83 34.03 48.94
N ALA A 112 -6.12 33.75 49.18
CA ALA A 112 -7.02 34.63 49.94
C ALA A 112 -6.58 34.69 51.41
N SER A 113 -5.87 33.67 51.93
CA SER A 113 -5.48 33.57 53.37
C SER A 113 -4.38 34.59 53.65
N ILE A 114 -3.63 34.96 52.63
CA ILE A 114 -2.49 35.91 52.78
C ILE A 114 -2.99 37.27 53.27
N GLU A 115 -2.32 37.82 54.30
CA GLU A 115 -2.60 39.19 54.84
C GLU A 115 -1.44 40.13 54.53
N GLN A 116 -0.24 39.59 54.44
CA GLN A 116 0.95 40.47 54.31
C GLN A 116 1.93 39.81 53.33
N ILE A 117 2.29 40.56 52.27
CA ILE A 117 3.37 40.17 51.31
C ILE A 117 4.49 41.22 51.42
N ASP A 118 5.57 40.84 52.09
CA ASP A 118 6.79 41.69 52.15
C ASP A 118 7.63 41.29 50.95
N MET A 119 8.28 42.26 50.32
CA MET A 119 9.21 41.94 49.23
C MET A 119 10.46 42.81 49.35
N CYS A 120 11.63 42.18 49.25
CA CYS A 120 12.97 42.86 49.29
C CYS A 120 13.72 42.54 47.99
N GLU A 121 13.80 43.53 47.08
CA GLU A 121 14.49 43.52 45.77
C GLU A 121 15.64 44.56 45.83
N ILE A 122 16.87 44.15 45.50
CA ILE A 122 18.09 44.99 45.66
C ILE A 122 18.22 46.08 44.60
N ASP A 123 17.50 46.00 43.50
CA ASP A 123 17.78 46.80 42.28
C ASP A 123 16.50 47.46 41.81
N LYS A 124 16.37 48.78 42.03
CA LYS A 124 15.14 49.52 41.65
C LYS A 124 14.96 49.54 40.14
N MET A 125 16.07 49.52 39.40
CA MET A 125 16.03 49.57 37.91
C MET A 125 15.19 48.42 37.40
N VAL A 126 15.34 47.24 38.02
CA VAL A 126 14.55 46.03 37.63
C VAL A 126 13.07 46.31 37.89
N VAL A 127 12.71 46.84 39.07
CA VAL A 127 11.30 47.19 39.39
C VAL A 127 10.79 48.17 38.31
N ASP A 128 11.47 49.31 38.14
CA ASP A 128 11.13 50.32 37.09
C ASP A 128 10.74 49.67 35.75
N VAL A 129 11.67 48.98 35.09
CA VAL A 129 11.42 48.46 33.71
C VAL A 129 10.35 47.35 33.76
N SER A 130 10.16 46.69 34.92
CA SER A 130 9.17 45.59 35.05
C SER A 130 7.78 46.20 35.03
N LYS A 131 7.55 47.31 35.75
CA LYS A 131 6.21 47.94 35.77
C LYS A 131 5.96 48.62 34.42
N GLN A 132 7.02 49.11 33.76
CA GLN A 132 6.84 49.84 32.47
C GLN A 132 6.50 48.82 31.38
N PHE A 133 7.22 47.70 31.29
CA PHE A 133 7.22 46.89 30.04
C PHE A 133 6.48 45.56 30.21
N PHE A 134 6.19 45.12 31.43
CA PHE A 134 5.52 43.81 31.68
C PHE A 134 4.39 43.98 32.67
N PRO A 135 3.37 44.78 32.33
CA PRO A 135 2.30 45.04 33.30
C PRO A 135 1.54 43.76 33.76
N ASP A 136 1.41 42.74 32.91
CA ASP A 136 0.70 41.47 33.28
C ASP A 136 1.49 40.67 34.33
N VAL A 137 2.81 40.91 34.48
CA VAL A 137 3.64 40.30 35.54
C VAL A 137 3.66 41.27 36.75
N ALA A 138 3.92 42.56 36.48
CA ALA A 138 4.14 43.64 37.46
C ALA A 138 2.80 44.12 38.07
N ILE A 139 1.69 43.54 37.63
CA ILE A 139 0.37 43.74 38.29
C ILE A 139 0.49 43.29 39.75
N GLY A 140 1.41 42.35 40.01
CA GLY A 140 1.77 41.91 41.37
C GLY A 140 1.80 43.07 42.34
N TYR A 141 2.41 44.19 41.95
CA TYR A 141 2.80 45.27 42.88
C TYR A 141 1.55 45.97 43.43
N GLU A 142 0.43 45.76 42.76
CA GLU A 142 -0.78 46.62 42.93
C GLU A 142 -1.60 46.10 44.13
N ASP A 143 -1.33 44.90 44.60
CA ASP A 143 -2.16 44.28 45.67
C ASP A 143 -1.93 45.08 46.96
N PRO A 144 -3.00 45.58 47.62
CA PRO A 144 -2.80 46.41 48.80
C PRO A 144 -2.02 45.69 49.92
N ARG A 145 -1.87 44.36 49.86
CA ARG A 145 -1.16 43.55 50.90
C ARG A 145 0.35 43.70 50.75
N VAL A 146 0.81 44.23 49.63
CA VAL A 146 2.27 44.23 49.33
C VAL A 146 2.97 45.38 50.06
N ASN A 147 4.04 45.04 50.77
CA ASN A 147 5.10 45.98 51.24
CA ASN A 147 5.10 45.99 51.21
C ASN A 147 6.39 45.80 50.38
N LEU A 148 6.79 46.84 49.62
CA LEU A 148 7.99 46.78 48.74
C LEU A 148 9.16 47.58 49.36
N VAL A 149 10.23 46.83 49.57
CA VAL A 149 11.51 47.30 50.10
C VAL A 149 12.50 47.13 48.98
N ILE A 150 13.23 48.18 48.64
CA ILE A 150 14.48 48.14 47.85
C ILE A 150 15.67 47.92 48.80
N GLY A 151 16.27 46.74 48.77
CA GLY A 151 17.45 46.46 49.60
C GLY A 151 17.97 45.07 49.43
N ASP A 152 19.12 44.83 50.01
CA ASP A 152 19.79 43.51 49.92
C ASP A 152 18.98 42.58 50.81
N GLY A 153 18.50 41.46 50.26
CA GLY A 153 17.74 40.48 51.05
C GLY A 153 18.58 39.92 52.20
N VAL A 154 19.92 39.94 52.12
CA VAL A 154 20.82 39.44 53.22
C VAL A 154 20.53 40.25 54.48
N ALA A 155 20.68 41.57 54.40
CA ALA A 155 20.45 42.49 55.53
C ALA A 155 19.00 42.38 55.97
N PHE A 156 18.03 42.55 55.06
CA PHE A 156 16.58 42.42 55.40
C PHE A 156 16.33 41.17 56.26
N LEU A 157 16.85 40.01 55.90
CA LEU A 157 16.58 38.77 56.66
C LEU A 157 17.20 38.85 58.06
N LYS A 158 18.41 39.38 58.13
CA LYS A 158 19.07 39.59 59.45
C LYS A 158 18.21 40.41 60.42
N ASN A 159 17.43 41.36 59.92
CA ASN A 159 16.67 42.35 60.73
C ASN A 159 15.25 41.86 60.90
N ALA A 160 14.89 40.76 60.27
CA ALA A 160 13.55 40.17 60.43
C ALA A 160 13.46 39.62 61.82
N ALA A 161 12.29 39.80 62.43
CA ALA A 161 11.92 39.19 63.73
C ALA A 161 11.96 37.67 63.64
N GLU A 162 12.53 37.01 64.65
CA GLU A 162 12.55 35.54 64.78
C GLU A 162 11.11 35.01 64.74
N GLY A 163 10.90 33.96 63.96
CA GLY A 163 9.67 33.17 63.92
C GLY A 163 8.48 33.92 63.34
N SER A 164 8.70 34.94 62.53
CA SER A 164 7.66 35.91 62.13
C SER A 164 6.98 35.54 60.80
N TYR A 165 7.59 34.68 59.97
CA TYR A 165 7.05 34.37 58.61
C TYR A 165 6.55 32.92 58.53
N ASP A 166 5.42 32.75 57.82
CA ASP A 166 4.87 31.44 57.35
C ASP A 166 5.68 30.93 56.16
N ALA A 167 6.14 31.79 55.24
CA ALA A 167 6.96 31.33 54.09
C ALA A 167 7.91 32.40 53.63
N VAL A 168 9.04 31.97 53.07
CA VAL A 168 10.00 32.84 52.36
C VAL A 168 10.22 32.27 50.96
N ILE A 169 10.08 33.09 49.93
CA ILE A 169 10.35 32.65 48.53
C ILE A 169 11.53 33.46 48.00
N VAL A 170 12.60 32.77 47.63
CA VAL A 170 13.86 33.42 47.21
C VAL A 170 13.89 33.35 45.69
N ASP A 171 13.30 34.36 45.04
CA ASP A 171 13.24 34.48 43.57
C ASP A 171 14.42 35.33 43.12
N SER A 172 15.59 34.71 43.09
CA SER A 172 16.91 35.33 42.90
C SER A 172 17.45 34.96 41.52
N SER A 173 18.24 35.88 41.01
CA SER A 173 19.19 35.70 39.90
C SER A 173 20.26 34.69 40.35
N ASP A 174 21.19 34.44 39.45
CA ASP A 174 22.23 33.42 39.57
C ASP A 174 23.26 33.86 40.60
N PRO A 175 24.15 32.93 41.06
CA PRO A 175 25.24 33.24 42.00
C PRO A 175 26.31 34.22 41.52
N ILE A 176 26.36 34.45 40.24
CA ILE A 176 27.24 35.51 39.70
C ILE A 176 26.43 36.79 39.63
N GLY A 177 26.88 37.79 40.38
CA GLY A 177 26.16 39.07 40.56
C GLY A 177 25.67 39.22 42.00
N PRO A 178 24.71 40.14 42.24
CA PRO A 178 24.30 40.41 43.61
C PRO A 178 23.62 39.28 44.38
N ALA A 179 23.08 38.24 43.75
CA ALA A 179 22.44 37.14 44.49
C ALA A 179 23.46 36.14 45.07
N LYS A 180 24.74 36.33 44.83
CA LYS A 180 25.84 35.42 45.27
C LYS A 180 25.58 34.82 46.64
N GLU A 181 25.36 35.63 47.68
CA GLU A 181 25.36 35.17 49.09
C GLU A 181 23.99 34.53 49.35
N LEU A 182 23.05 34.67 48.42
CA LEU A 182 21.71 34.07 48.67
C LEU A 182 21.80 32.56 48.53
N PHE A 183 22.88 32.07 47.95
CA PHE A 183 23.12 30.64 47.74
C PHE A 183 23.90 30.05 48.91
N GLU A 184 24.32 30.84 49.91
CA GLU A 184 25.35 30.37 50.90
C GLU A 184 24.73 30.17 52.29
N LYS A 185 25.40 29.39 53.15
CA LYS A 185 24.78 28.77 54.36
C LYS A 185 24.25 29.85 55.31
N PRO A 186 24.96 30.98 55.57
CA PRO A 186 24.50 31.92 56.59
C PRO A 186 23.15 32.52 56.17
N PHE A 187 22.93 32.75 54.88
CA PHE A 187 21.64 33.30 54.39
C PHE A 187 20.52 32.31 54.67
N PHE A 188 20.76 31.01 54.36
CA PHE A 188 19.83 29.90 54.67
C PHE A 188 19.57 29.89 56.17
N GLN A 189 20.56 30.18 56.97
CA GLN A 189 20.39 30.11 58.42
C GLN A 189 19.49 31.25 58.93
N SER A 190 19.63 32.46 58.38
CA SER A 190 18.77 33.61 58.72
C SER A 190 17.33 33.34 58.27
N VAL A 191 17.14 32.59 57.17
CA VAL A 191 15.77 32.25 56.64
C VAL A 191 15.09 31.39 57.69
N ALA A 192 15.80 30.34 58.11
CA ALA A 192 15.40 29.40 59.18
C ALA A 192 14.96 30.22 60.40
N ARG A 193 15.82 31.12 60.90
CA ARG A 193 15.50 31.87 62.14
C ARG A 193 14.19 32.66 61.91
N ALA A 194 14.01 33.30 60.74
CA ALA A 194 12.84 34.17 60.45
C ALA A 194 11.54 33.38 60.22
N LEU A 195 11.62 32.06 59.97
CA LEU A 195 10.43 31.20 59.73
C LEU A 195 9.80 30.75 61.07
N ARG A 196 8.46 30.69 61.17
CA ARG A 196 7.81 30.02 62.32
C ARG A 196 8.30 28.57 62.27
N PRO A 197 8.25 27.83 63.39
CA PRO A 197 8.32 26.37 63.32
C PRO A 197 7.26 25.83 62.34
N GLY A 198 7.67 24.88 61.51
CA GLY A 198 6.88 24.35 60.39
C GLY A 198 6.67 25.34 59.24
N GLY A 199 7.33 26.48 59.32
CA GLY A 199 7.27 27.48 58.23
C GLY A 199 8.20 27.08 57.11
N VAL A 200 8.01 27.59 55.89
CA VAL A 200 8.70 27.00 54.72
C VAL A 200 9.51 28.03 53.92
N VAL A 201 10.55 27.52 53.25
CA VAL A 201 11.39 28.24 52.28
C VAL A 201 11.32 27.55 50.91
N CYS A 202 11.25 28.36 49.88
CA CYS A 202 11.30 27.90 48.47
C CYS A 202 12.30 28.76 47.77
N THR A 203 13.41 28.21 47.31
CA THR A 203 14.46 28.99 46.65
C THR A 203 14.60 28.55 45.17
N GLN A 204 15.12 29.48 44.36
CA GLN A 204 15.60 29.23 43.00
C GLN A 204 16.89 28.42 43.18
N ALA A 205 16.91 27.20 42.68
CA ALA A 205 17.99 26.26 43.05
C ALA A 205 18.50 25.56 41.77
N GLU A 206 18.58 26.31 40.67
CA GLU A 206 19.35 26.02 39.41
C GLU A 206 18.95 24.76 38.61
N SER A 207 19.88 24.27 37.76
CA SER A 207 19.67 23.11 36.86
C SER A 207 20.36 21.81 37.36
N LEU A 208 19.57 20.76 37.54
CA LEU A 208 20.09 19.43 37.87
C LEU A 208 20.97 18.94 36.71
N TRP A 209 20.75 19.42 35.47
CA TRP A 209 21.61 19.03 34.30
C TRP A 209 22.97 19.71 34.33
N LEU A 210 23.05 20.92 34.86
CA LEU A 210 24.18 21.86 34.67
C LEU A 210 24.93 22.14 35.98
N HIS A 211 24.35 21.92 37.15
CA HIS A 211 24.84 22.58 38.39
C HIS A 211 24.82 21.60 39.56
N MET A 212 24.97 20.31 39.30
CA MET A 212 24.79 19.31 40.40
C MET A 212 25.72 19.59 41.60
N ASP A 213 26.92 20.13 41.39
CA ASP A 213 27.89 20.30 42.49
C ASP A 213 27.29 21.35 43.44
N ILE A 214 26.85 22.43 42.82
CA ILE A 214 26.22 23.58 43.54
C ILE A 214 25.02 23.05 44.31
N ILE A 215 24.15 22.32 43.61
CA ILE A 215 22.88 21.90 44.24
C ILE A 215 23.19 20.95 45.42
N GLU A 216 24.13 20.05 45.25
CA GLU A 216 24.56 19.09 46.30
C GLU A 216 25.00 19.84 47.57
N ASP A 217 25.71 20.95 47.44
CA ASP A 217 26.15 21.68 48.65
C ASP A 217 24.95 22.42 49.28
N ILE A 218 24.11 23.07 48.44
CA ILE A 218 22.86 23.76 48.94
C ILE A 218 22.04 22.77 49.78
N VAL A 219 21.83 21.55 49.27
CA VAL A 219 20.97 20.52 49.92
C VAL A 219 21.61 20.07 51.25
N SER A 220 22.89 19.74 51.25
CA SER A 220 23.71 19.39 52.47
C SER A 220 23.60 20.52 53.50
N ASN A 221 23.81 21.75 53.04
CA ASN A 221 23.62 22.94 53.86
C ASN A 221 22.18 22.96 54.39
N CYS A 222 21.17 22.89 53.51
CA CYS A 222 19.77 22.94 54.01
C CYS A 222 19.52 21.79 54.98
N ARG A 223 20.15 20.62 54.80
CA ARG A 223 19.88 19.47 55.72
C ARG A 223 20.50 19.80 57.08
N GLU A 224 21.58 20.56 57.13
CA GLU A 224 22.21 20.92 58.44
C GLU A 224 21.29 21.88 59.21
N ILE A 225 20.54 22.72 58.49
CA ILE A 225 19.85 23.89 59.06
C ILE A 225 18.40 23.51 59.32
N PHE A 226 17.70 22.96 58.33
CA PHE A 226 16.22 22.77 58.44
C PHE A 226 15.94 21.34 58.90
N LYS A 227 15.33 21.20 60.07
CA LYS A 227 15.19 19.84 60.66
C LYS A 227 13.79 19.31 60.40
N GLY A 228 12.98 20.07 59.64
CA GLY A 228 11.70 19.55 59.13
C GLY A 228 11.94 18.72 57.88
N SER A 229 11.37 19.15 56.77
CA SER A 229 11.48 18.50 55.46
C SER A 229 12.52 19.25 54.64
N VAL A 230 13.34 18.54 53.87
CA VAL A 230 14.27 19.14 52.88
C VAL A 230 14.04 18.40 51.56
N ASN A 231 13.50 19.06 50.54
CA ASN A 231 13.13 18.38 49.27
C ASN A 231 13.52 19.26 48.07
N TYR A 232 13.75 18.66 46.92
CA TYR A 232 14.14 19.40 45.69
C TYR A 232 13.06 19.08 44.66
N ALA A 233 12.57 20.14 44.01
CA ALA A 233 11.57 20.06 42.93
C ALA A 233 12.14 20.62 41.63
N TRP A 234 11.69 20.12 40.48
CA TRP A 234 12.10 20.75 39.21
C TRP A 234 10.90 21.07 38.33
N THR A 235 11.11 21.97 37.39
CA THR A 235 10.09 22.39 36.41
C THR A 235 10.73 22.68 35.06
N SER A 236 9.86 22.71 34.07
CA SER A 236 10.23 23.07 32.69
C SER A 236 10.09 24.56 32.53
N VAL A 237 11.16 25.18 32.05
CA VAL A 237 11.05 26.58 31.63
C VAL A 237 11.92 26.65 30.42
N PRO A 238 11.32 26.52 29.21
CA PRO A 238 12.11 26.50 27.98
C PRO A 238 13.24 27.53 27.94
N THR A 239 13.08 28.73 28.52
CA THR A 239 13.96 29.91 28.25
C THR A 239 14.88 30.11 29.43
N TYR A 240 14.93 29.09 30.27
CA TYR A 240 16.11 28.93 31.15
C TYR A 240 17.06 27.86 30.59
N PRO A 241 18.37 28.06 30.83
CA PRO A 241 19.39 27.19 30.26
C PRO A 241 19.17 25.74 30.72
N SER A 242 19.28 24.80 29.78
CA SER A 242 18.98 23.35 29.96
C SER A 242 17.46 23.10 29.91
N GLY A 243 16.57 24.11 29.84
CA GLY A 243 15.13 23.89 29.73
C GLY A 243 14.48 23.61 31.06
N VAL A 244 15.26 23.59 32.14
CA VAL A 244 14.68 23.27 33.45
C VAL A 244 15.28 24.17 34.49
N ILE A 245 14.53 24.30 35.57
CA ILE A 245 14.93 25.01 36.81
C ILE A 245 14.50 24.14 38.00
N GLY A 246 15.21 24.27 39.11
CA GLY A 246 14.77 23.55 40.33
C GLY A 246 14.62 24.47 41.50
N PHE A 247 14.03 23.93 42.58
CA PHE A 247 13.69 24.66 43.81
C PHE A 247 14.01 23.84 45.05
N MET A 248 14.65 24.44 46.03
CA MET A 248 14.72 23.87 47.39
C MET A 248 13.38 24.15 48.08
N LEU A 249 12.74 23.13 48.65
CA LEU A 249 11.59 23.31 49.58
C LEU A 249 12.04 22.82 50.95
N CYS A 250 12.07 23.71 51.95
CA CYS A 250 12.54 23.35 53.32
C CYS A 250 11.58 23.92 54.35
N SER A 251 11.37 23.15 55.41
CA SER A 251 10.55 23.53 56.58
C SER A 251 11.39 23.38 57.83
N THR A 252 11.12 24.26 58.76
CA THR A 252 11.71 24.25 60.11
C THR A 252 10.93 23.20 60.89
N GLU A 253 11.66 22.57 61.81
CA GLU A 253 11.14 21.50 62.66
C GLU A 253 9.92 22.03 63.41
N GLY A 254 8.86 21.25 63.46
CA GLY A 254 7.63 21.60 64.19
C GLY A 254 6.44 20.88 63.59
N PRO A 255 5.34 21.58 63.23
CA PRO A 255 4.26 20.94 62.49
C PRO A 255 4.85 20.26 61.24
N ASP A 256 4.38 19.04 60.93
CA ASP A 256 4.97 18.22 59.84
C ASP A 256 4.54 18.88 58.54
N VAL A 257 5.44 18.92 57.57
CA VAL A 257 5.13 19.47 56.23
C VAL A 257 5.50 18.41 55.21
N ASP A 258 4.49 17.99 54.42
CA ASP A 258 4.68 17.03 53.27
C ASP A 258 4.64 17.83 51.96
N PHE A 259 5.78 18.26 51.45
CA PHE A 259 5.84 19.09 50.21
C PHE A 259 5.34 18.29 48.99
N LYS A 260 5.38 16.97 49.05
CA LYS A 260 5.04 16.13 47.86
C LYS A 260 3.53 15.90 47.77
N HIS A 261 2.82 16.16 48.86
CA HIS A 261 1.35 15.99 48.92
C HIS A 261 0.77 17.25 49.52
N PRO A 262 0.43 18.24 48.67
CA PRO A 262 -0.05 19.53 49.16
C PRO A 262 -1.43 19.47 49.82
N LEU A 263 -1.54 19.93 51.07
CA LEU A 263 -2.82 19.90 51.80
C LEU A 263 -3.56 21.24 51.71
N ASN A 264 -2.97 22.23 51.04
CA ASN A 264 -3.59 23.56 50.91
C ASN A 264 -3.81 23.87 49.43
N PRO A 265 -4.69 23.16 48.71
CA PRO A 265 -4.78 23.34 47.27
C PRO A 265 -5.34 24.73 46.94
N ILE A 266 -4.84 25.35 45.87
CA ILE A 266 -5.30 26.70 45.44
C ILE A 266 -6.43 26.54 44.43
N GLY A 275 -6.90 35.24 36.18
CA GLY A 275 -7.36 34.17 35.27
C GLY A 275 -7.12 32.79 35.86
N PRO A 276 -7.39 31.66 35.16
CA PRO A 276 -7.02 30.36 35.70
C PRO A 276 -5.49 30.20 35.68
N LEU A 277 -4.94 29.32 36.53
CA LEU A 277 -3.50 29.00 36.50
C LEU A 277 -3.21 28.40 35.13
N LYS A 278 -2.04 28.68 34.52
CA LYS A 278 -1.72 28.17 33.17
C LYS A 278 -0.83 26.95 33.21
N PHE A 279 -0.18 26.68 34.35
CA PHE A 279 0.87 25.61 34.47
C PHE A 279 0.57 24.72 35.68
N TYR A 280 0.65 25.28 36.89
CA TYR A 280 0.47 24.58 38.18
C TYR A 280 -0.87 23.87 38.22
N ASN A 281 -0.86 22.66 38.77
CA ASN A 281 -2.05 21.95 39.32
C ASN A 281 -1.52 21.03 40.42
N ALA A 282 -2.43 20.38 41.14
CA ALA A 282 -2.16 19.53 42.32
C ALA A 282 -1.31 18.33 41.90
N GLU A 283 -1.47 17.83 40.67
CA GLU A 283 -0.75 16.59 40.22
C GLU A 283 0.68 16.92 39.82
N ILE A 284 0.89 18.04 39.15
CA ILE A 284 2.26 18.33 38.71
C ILE A 284 3.03 18.84 39.93
N HIS A 285 2.32 19.24 40.99
CA HIS A 285 3.00 19.63 42.26
C HIS A 285 3.78 18.42 42.77
N SER A 286 3.13 17.27 42.93
CA SER A 286 3.76 16.01 43.40
C SER A 286 4.78 15.46 42.38
N ALA A 287 4.50 15.58 41.08
CA ALA A 287 5.35 15.11 39.95
C ALA A 287 6.69 15.85 39.94
N ALA A 288 6.75 17.08 40.40
CA ALA A 288 7.99 17.90 40.33
C ALA A 288 9.03 17.39 41.36
N PHE A 289 8.61 16.55 42.34
CA PHE A 289 9.53 15.92 43.33
C PHE A 289 10.04 14.55 42.88
N CYS A 290 9.64 14.14 41.67
CA CYS A 290 10.00 12.87 41.05
C CYS A 290 11.15 13.15 40.10
N LEU A 291 12.36 13.21 40.68
CA LEU A 291 13.58 13.53 39.91
C LEU A 291 14.06 12.30 39.11
N PRO A 292 14.91 12.55 38.09
CA PRO A 292 15.63 11.50 37.38
C PRO A 292 16.68 10.76 38.23
N SER A 293 16.88 9.46 37.95
CA SER A 293 17.74 8.58 38.76
C SER A 293 19.06 9.26 39.12
N PHE A 294 19.78 9.90 38.18
CA PHE A 294 21.12 10.52 38.39
C PHE A 294 21.07 11.63 39.47
N ALA A 295 20.00 12.42 39.47
CA ALA A 295 19.76 13.54 40.41
C ALA A 295 19.27 12.98 41.74
N LYS A 296 18.14 12.26 41.72
CA LYS A 296 17.50 11.64 42.90
C LYS A 296 18.58 11.02 43.81
N LYS A 297 19.52 10.26 43.24
CA LYS A 297 20.58 9.57 44.06
C LYS A 297 21.44 10.62 44.76
N VAL A 298 21.82 11.71 44.07
CA VAL A 298 22.58 12.84 44.69
C VAL A 298 21.69 13.53 45.73
N ILE A 299 20.54 14.07 45.33
CA ILE A 299 19.68 14.92 46.20
C ILE A 299 19.44 14.28 47.56
N GLU A 300 19.22 12.97 47.61
CA GLU A 300 18.73 12.33 48.86
C GLU A 300 19.86 11.55 49.57
N SER A 301 21.10 11.57 49.07
CA SER A 301 22.21 10.74 49.64
C SER A 301 22.66 11.29 51.01
N SER B 1 33.54 18.03 -10.03
CA SER B 1 32.10 18.28 -9.91
C SER B 1 31.83 19.52 -9.03
N ASN B 2 30.98 20.42 -9.51
CA ASN B 2 30.27 21.48 -8.76
C ASN B 2 28.82 21.00 -8.62
N ALA B 3 28.06 21.47 -7.61
CA ALA B 3 26.64 21.15 -7.43
C ALA B 3 25.87 22.39 -6.90
N LYS B 4 24.61 22.25 -6.51
CA LYS B 4 23.80 23.42 -6.06
C LYS B 4 24.30 23.93 -4.70
N LYS B 5 24.46 25.24 -4.58
CA LYS B 5 25.02 25.88 -3.36
C LYS B 5 24.21 25.48 -2.12
N GLU B 6 24.89 25.04 -1.06
CA GLU B 6 24.24 24.74 0.23
C GLU B 6 24.64 25.83 1.20
N PRO B 7 23.68 26.48 1.90
CA PRO B 7 24.03 27.47 2.92
C PRO B 7 24.93 26.89 4.03
N ALA B 8 25.73 27.76 4.66
CA ALA B 8 26.45 27.49 5.93
C ALA B 8 25.52 26.91 7.00
N CYS B 9 26.02 25.92 7.73
CA CYS B 9 25.33 25.16 8.80
C CYS B 9 25.96 25.52 10.14
N PHE B 10 27.26 25.82 10.09
CA PHE B 10 28.03 26.18 11.29
C PHE B 10 28.25 27.69 11.33
N SER B 11 28.32 28.23 12.54
CA SER B 11 28.66 29.65 12.83
C SER B 11 27.68 30.65 12.20
N THR B 12 26.41 30.28 12.12
CA THR B 12 25.37 31.11 11.49
C THR B 12 24.98 32.25 12.43
N VAL B 13 25.09 32.05 13.77
CA VAL B 13 24.79 33.14 14.74
C VAL B 13 26.01 33.43 15.60
N ILE B 14 26.76 32.43 16.05
CA ILE B 14 28.02 32.62 16.85
C ILE B 14 29.19 31.86 16.19
N PRO B 15 30.33 32.55 15.83
CA PRO B 15 31.46 31.89 15.18
C PRO B 15 32.00 30.81 16.13
N GLY B 16 32.08 29.57 15.62
CA GLY B 16 32.50 28.36 16.36
C GLY B 16 31.31 27.62 16.96
N TRP B 17 30.08 28.04 16.70
CA TRP B 17 28.90 27.43 17.34
C TRP B 17 27.89 27.02 16.28
N PHE B 18 27.27 25.86 16.51
CA PHE B 18 26.12 25.40 15.71
C PHE B 18 24.85 25.93 16.36
N SER B 19 24.02 26.60 15.56
CA SER B 19 22.66 27.03 15.98
C SER B 19 21.60 26.22 15.26
N GLU B 20 20.70 25.61 16.01
CA GLU B 20 19.67 24.72 15.43
C GLU B 20 18.43 25.53 15.00
N MET B 21 18.26 25.74 13.69
CA MET B 21 17.11 26.50 13.09
C MET B 21 16.09 25.58 12.44
N SER B 22 14.82 25.99 12.42
CA SER B 22 13.70 25.25 11.78
C SER B 22 12.47 26.11 11.84
N PRO B 23 11.57 26.13 10.83
CA PRO B 23 10.25 26.74 11.03
C PRO B 23 9.37 25.97 12.06
N MET B 24 9.82 24.82 12.59
CA MET B 24 9.12 24.11 13.70
C MET B 24 9.39 24.76 15.06
N TRP B 25 10.33 25.71 15.14
CA TRP B 25 10.61 26.51 16.38
C TRP B 25 11.10 27.89 15.95
N PRO B 26 10.20 28.69 15.34
CA PRO B 26 10.58 29.99 14.77
C PRO B 26 11.09 30.94 15.86
N GLY B 27 12.03 31.81 15.47
CA GLY B 27 12.54 32.91 16.31
C GLY B 27 13.38 32.39 17.49
N GLU B 28 13.91 31.18 17.41
CA GLU B 28 14.81 30.67 18.46
C GLU B 28 15.73 29.60 17.92
N ALA B 29 16.81 29.36 18.64
CA ALA B 29 17.76 28.29 18.30
C ALA B 29 18.51 27.92 19.56
N HIS B 30 18.66 26.63 19.78
CA HIS B 30 19.70 26.09 20.71
C HIS B 30 21.07 26.12 20.00
N SER B 31 22.07 26.62 20.69
CA SER B 31 23.38 26.87 20.10
C SER B 31 24.32 26.01 20.92
N LEU B 32 25.24 25.33 20.26
CA LEU B 32 26.24 24.54 21.02
C LEU B 32 27.58 24.87 20.44
N LYS B 33 28.58 25.09 21.29
CA LYS B 33 29.98 25.39 20.86
C LYS B 33 30.48 24.14 20.15
N VAL B 34 31.13 24.31 19.00
CA VAL B 34 31.69 23.19 18.15
C VAL B 34 33.19 23.07 18.35
N GLU B 35 33.71 21.91 18.76
CA GLU B 35 35.18 21.67 18.75
C GLU B 35 35.58 21.20 17.36
N LYS B 36 34.86 20.22 16.79
CA LYS B 36 35.31 19.52 15.56
C LYS B 36 34.08 18.99 14.83
N VAL B 37 33.99 19.25 13.53
CA VAL B 37 32.97 18.60 12.67
C VAL B 37 33.54 17.29 12.13
N LEU B 38 32.93 16.20 12.55
CA LEU B 38 33.42 14.80 12.35
C LEU B 38 32.90 14.21 11.03
N PHE B 39 31.71 14.63 10.62
CA PHE B 39 31.07 14.06 9.42
C PHE B 39 30.07 15.06 8.87
N GLN B 40 30.07 15.17 7.54
CA GLN B 40 29.04 15.87 6.75
C GLN B 40 28.80 15.02 5.51
N GLY B 41 27.54 14.71 5.25
CA GLY B 41 27.14 13.69 4.26
C GLY B 41 25.72 13.92 3.81
N LYS B 42 25.44 13.57 2.56
CA LYS B 42 24.07 13.63 2.02
C LYS B 42 23.74 12.22 1.56
N SER B 43 22.70 11.65 2.15
CA SER B 43 22.17 10.30 1.83
C SER B 43 21.08 10.49 0.80
N ASP B 44 20.27 9.45 0.59
CA ASP B 44 19.10 9.50 -0.32
C ASP B 44 17.90 10.10 0.42
N TYR B 45 18.01 10.47 1.69
CA TYR B 45 16.86 11.04 2.44
C TYR B 45 17.20 12.35 3.11
N GLN B 46 18.42 12.49 3.62
CA GLN B 46 18.71 13.54 4.62
C GLN B 46 20.13 14.08 4.50
N ASP B 47 20.34 15.33 4.93
CA ASP B 47 21.71 15.84 5.29
C ASP B 47 22.11 15.30 6.65
N VAL B 48 23.29 14.74 6.77
CA VAL B 48 23.73 14.04 8.01
C VAL B 48 25.03 14.69 8.50
N ILE B 49 25.00 15.30 9.69
CA ILE B 49 26.15 15.89 10.42
C ILE B 49 26.39 15.19 11.76
N VAL B 50 27.68 14.94 12.04
CA VAL B 50 28.18 14.53 13.37
C VAL B 50 29.23 15.55 13.77
N PHE B 51 29.17 16.06 14.99
CA PHE B 51 30.23 16.99 15.44
C PHE B 51 30.52 16.75 16.91
N GLN B 52 31.76 17.06 17.26
CA GLN B 52 32.18 17.01 18.68
C GLN B 52 31.86 18.38 19.27
N SER B 53 30.85 18.46 20.14
CA SER B 53 30.56 19.66 20.98
C SER B 53 31.63 19.84 22.05
N ALA B 54 31.83 21.08 22.52
CA ALA B 54 32.76 21.44 23.65
C ALA B 54 32.28 20.82 24.97
N THR B 55 30.97 20.79 25.24
CA THR B 55 30.46 20.38 26.57
C THR B 55 29.34 19.33 26.53
N TYR B 56 28.81 18.95 25.36
CA TYR B 56 27.70 17.96 25.20
C TYR B 56 28.17 16.68 24.49
N GLY B 57 29.48 16.44 24.41
CA GLY B 57 30.08 15.31 23.66
C GLY B 57 29.61 15.31 22.22
N LYS B 58 29.52 14.13 21.57
CA LYS B 58 29.19 14.08 20.13
C LYS B 58 27.70 14.33 19.97
N VAL B 59 27.35 14.87 18.81
CA VAL B 59 25.99 15.34 18.49
C VAL B 59 25.70 14.88 17.07
N LEU B 60 24.56 14.21 16.88
CA LEU B 60 24.08 13.85 15.53
C LEU B 60 23.06 14.88 15.06
N VAL B 61 23.18 15.30 13.80
CA VAL B 61 22.23 16.32 13.26
C VAL B 61 21.69 15.78 11.94
N LEU B 62 20.39 15.87 11.72
CA LEU B 62 19.72 15.47 10.47
C LEU B 62 18.89 16.64 9.97
N ASP B 63 19.20 17.12 8.76
CA ASP B 63 18.45 18.19 8.06
C ASP B 63 18.51 19.41 8.98
N GLY B 64 19.65 19.67 9.63
CA GLY B 64 19.86 20.86 10.50
C GLY B 64 19.30 20.76 11.93
N VAL B 65 18.73 19.62 12.33
CA VAL B 65 18.02 19.43 13.62
C VAL B 65 18.77 18.46 14.52
N ILE B 66 18.93 18.77 15.78
CA ILE B 66 19.70 17.85 16.66
C ILE B 66 18.87 16.58 16.93
N GLN B 67 19.49 15.43 16.82
CA GLN B 67 18.80 14.13 17.00
C GLN B 67 19.26 13.51 18.33
N LEU B 68 20.43 13.89 18.85
CA LEU B 68 21.17 13.20 19.97
C LEU B 68 22.42 13.99 20.37
N THR B 69 22.67 14.18 21.66
CA THR B 69 24.02 14.50 22.21
C THR B 69 24.37 13.41 23.18
N GLU B 70 25.63 13.08 23.32
CA GLU B 70 26.07 12.06 24.30
C GLU B 70 25.63 12.41 25.70
N ARG B 71 25.68 13.69 26.06
CA ARG B 71 25.44 14.17 27.46
C ARG B 71 24.03 13.94 27.99
N ASP B 72 23.00 14.16 27.18
CA ASP B 72 21.57 14.09 27.63
C ASP B 72 20.75 12.95 26.98
N GLU B 73 21.36 12.06 26.19
CA GLU B 73 20.64 11.03 25.37
C GLU B 73 19.86 10.08 26.28
N CYS B 74 20.24 9.96 27.56
CA CYS B 74 19.68 8.96 28.50
C CYS B 74 18.22 9.27 28.75
N ALA B 75 17.83 10.55 28.69
CA ALA B 75 16.44 10.99 29.04
C ALA B 75 15.49 10.41 28.01
N TYR B 76 15.73 10.61 26.74
CA TYR B 76 14.75 10.21 25.71
C TYR B 76 14.71 8.70 25.52
N GLN B 77 15.88 8.08 25.42
CA GLN B 77 16.00 6.64 25.08
C GLN B 77 15.43 5.79 26.23
N GLU B 78 15.66 6.17 27.49
CA GLU B 78 15.13 5.43 28.68
C GLU B 78 13.60 5.62 28.75
N MET B 79 13.11 6.86 28.55
CA MET B 79 11.67 7.16 28.74
C MET B 79 10.89 6.50 27.59
N ILE B 80 11.33 6.71 26.35
CA ILE B 80 10.49 6.32 25.16
C ILE B 80 10.42 4.81 25.09
N THR B 81 11.38 4.12 25.74
CA THR B 81 11.48 2.65 25.81
C THR B 81 10.76 2.08 27.05
N HIS B 82 11.03 2.58 28.26
CA HIS B 82 10.49 1.97 29.50
C HIS B 82 9.08 2.48 29.82
N LEU B 83 8.66 3.65 29.35
CA LEU B 83 7.23 4.07 29.55
C LEU B 83 6.31 2.99 28.93
N PRO B 84 6.53 2.55 27.67
CA PRO B 84 5.68 1.48 27.09
C PRO B 84 5.99 0.06 27.59
N LEU B 85 7.27 -0.32 27.58
CA LEU B 85 7.69 -1.70 27.93
C LEU B 85 7.44 -1.99 29.41
N CYS B 86 7.46 -1.01 30.30
CA CYS B 86 7.21 -1.29 31.73
C CYS B 86 5.70 -1.24 32.03
N SER B 87 4.83 -1.02 31.02
CA SER B 87 3.35 -0.90 31.15
C SER B 87 2.64 -2.20 30.74
N ILE B 88 3.35 -3.16 30.15
CA ILE B 88 2.78 -4.44 29.64
C ILE B 88 3.61 -5.61 30.16
N PRO B 89 2.95 -6.73 30.54
CA PRO B 89 3.67 -7.87 31.12
C PRO B 89 4.54 -8.61 30.09
N ASN B 90 5.75 -9.01 30.50
CA ASN B 90 6.64 -9.90 29.72
C ASN B 90 6.46 -9.64 28.23
N PRO B 91 6.92 -8.48 27.73
CA PRO B 91 6.97 -8.26 26.29
C PRO B 91 7.97 -9.22 25.63
N LYS B 92 7.59 -9.83 24.51
CA LYS B 92 8.50 -10.71 23.73
C LYS B 92 8.84 -10.07 22.38
N LYS B 93 7.86 -9.46 21.73
CA LYS B 93 8.06 -9.00 20.33
C LYS B 93 7.84 -7.47 20.25
N VAL B 94 8.91 -6.77 19.86
CA VAL B 94 8.98 -5.26 19.79
C VAL B 94 9.52 -4.77 18.45
N LEU B 95 8.83 -3.76 17.91
CA LEU B 95 9.21 -3.06 16.67
C LEU B 95 9.66 -1.66 17.06
N VAL B 96 10.79 -1.24 16.51
CA VAL B 96 11.36 0.13 16.57
C VAL B 96 11.31 0.70 15.18
N ILE B 97 10.75 1.91 15.06
CA ILE B 97 10.72 2.61 13.76
C ILE B 97 11.67 3.77 13.87
N GLY B 98 12.55 3.90 12.90
CA GLY B 98 13.65 4.89 12.93
C GLY B 98 14.73 4.43 13.88
N GLY B 99 15.06 5.21 14.90
CA GLY B 99 16.06 4.84 15.94
C GLY B 99 17.46 4.49 15.42
N GLY B 100 17.94 5.15 14.37
CA GLY B 100 19.18 4.72 13.68
C GLY B 100 20.45 4.97 14.51
N ASP B 101 20.39 5.84 15.50
CA ASP B 101 21.48 6.00 16.51
C ASP B 101 21.68 4.72 17.36
N GLY B 102 20.67 3.87 17.51
CA GLY B 102 20.77 2.59 18.25
C GLY B 102 20.55 2.72 19.75
N GLY B 103 20.30 3.94 20.24
CA GLY B 103 19.98 4.15 21.66
C GLY B 103 18.77 3.35 22.09
N VAL B 104 17.66 3.44 21.35
CA VAL B 104 16.41 2.73 21.70
C VAL B 104 16.71 1.24 21.78
N LEU B 105 17.38 0.73 20.74
CA LEU B 105 17.81 -0.66 20.68
C LEU B 105 18.39 -1.03 22.03
N ARG B 106 19.35 -0.24 22.52
CA ARG B 106 20.05 -0.49 23.80
C ARG B 106 19.07 -0.60 24.96
N GLU B 107 18.14 0.35 25.09
CA GLU B 107 17.21 0.37 26.24
C GLU B 107 16.21 -0.79 26.05
N VAL B 108 15.90 -1.19 24.80
CA VAL B 108 14.95 -2.31 24.57
C VAL B 108 15.63 -3.61 25.02
N ALA B 109 16.92 -3.76 24.75
CA ALA B 109 17.72 -4.93 25.16
C ALA B 109 17.70 -5.16 26.69
N ARG B 110 17.58 -4.13 27.53
CA ARG B 110 17.58 -4.32 29.02
C ARG B 110 16.45 -5.26 29.47
N HIS B 111 15.44 -5.44 28.62
CA HIS B 111 14.25 -6.27 28.93
C HIS B 111 14.56 -7.74 28.61
N ALA B 112 14.77 -8.56 29.66
CA ALA B 112 14.94 -10.03 29.54
C ALA B 112 13.84 -10.64 28.66
N SER B 113 12.56 -10.52 29.04
CA SER B 113 11.40 -11.13 28.32
C SER B 113 11.55 -10.97 26.80
N ILE B 114 12.08 -9.84 26.34
CA ILE B 114 12.10 -9.54 24.88
C ILE B 114 12.84 -10.67 24.18
N GLU B 115 12.25 -11.25 23.11
CA GLU B 115 12.86 -12.33 22.29
C GLU B 115 13.24 -11.77 20.91
N GLN B 116 12.44 -10.89 20.29
CA GLN B 116 12.89 -10.26 19.02
C GLN B 116 12.74 -8.75 19.08
N ILE B 117 13.76 -8.05 18.57
CA ILE B 117 13.69 -6.60 18.36
C ILE B 117 13.82 -6.31 16.87
N ASP B 118 12.69 -6.14 16.21
CA ASP B 118 12.62 -5.64 14.82
C ASP B 118 12.89 -4.14 14.81
N MET B 119 13.64 -3.67 13.80
CA MET B 119 13.92 -2.24 13.60
C MET B 119 13.85 -1.86 12.12
N CYS B 120 13.17 -0.76 11.82
CA CYS B 120 13.07 -0.26 10.44
C CYS B 120 13.48 1.20 10.42
N GLU B 121 14.70 1.42 9.91
CA GLU B 121 15.34 2.74 9.70
C GLU B 121 15.49 2.97 8.21
N ILE B 122 14.98 4.10 7.75
CA ILE B 122 14.91 4.43 6.31
C ILE B 122 16.28 4.85 5.81
N ASP B 123 17.18 5.27 6.70
CA ASP B 123 18.41 5.98 6.28
C ASP B 123 19.65 5.19 6.72
N LYS B 124 20.23 4.45 5.75
CA LYS B 124 21.40 3.61 6.07
C LYS B 124 22.53 4.53 6.56
N MET B 125 22.61 5.78 6.11
CA MET B 125 23.80 6.61 6.47
C MET B 125 23.82 6.86 7.98
N VAL B 126 22.67 7.13 8.57
CA VAL B 126 22.54 7.38 10.04
C VAL B 126 23.00 6.12 10.78
N VAL B 127 22.64 4.92 10.34
CA VAL B 127 23.17 3.70 11.00
C VAL B 127 24.68 3.76 10.98
N ASP B 128 25.24 4.11 9.81
CA ASP B 128 26.69 3.92 9.51
C ASP B 128 27.46 4.89 10.37
N VAL B 129 27.09 6.14 10.31
CA VAL B 129 27.70 7.19 11.17
C VAL B 129 27.45 6.93 12.67
N SER B 130 26.32 6.37 13.08
CA SER B 130 26.11 6.14 14.54
C SER B 130 27.08 5.06 15.03
N LYS B 131 27.26 3.99 14.22
CA LYS B 131 28.18 2.89 14.56
C LYS B 131 29.62 3.42 14.58
N GLN B 132 29.98 4.27 13.62
CA GLN B 132 31.35 4.81 13.47
C GLN B 132 31.74 5.65 14.70
N PHE B 133 30.91 6.63 15.04
CA PHE B 133 31.37 7.78 15.86
C PHE B 133 30.92 7.65 17.30
N PHE B 134 29.88 6.87 17.60
CA PHE B 134 29.27 6.86 18.96
C PHE B 134 29.63 5.54 19.66
N PRO B 135 30.04 5.60 20.96
CA PRO B 135 30.53 4.40 21.67
C PRO B 135 29.67 3.17 21.98
N ASP B 136 28.47 3.30 22.54
CA ASP B 136 27.68 2.07 22.85
C ASP B 136 27.06 1.41 21.59
N VAL B 137 27.08 2.08 20.43
CA VAL B 137 26.06 1.91 19.35
C VAL B 137 26.26 0.57 18.66
N ALA B 138 27.49 0.29 18.21
CA ALA B 138 27.77 -0.84 17.29
C ALA B 138 27.55 -2.14 18.07
N ILE B 139 27.92 -2.10 19.35
CA ILE B 139 27.67 -3.16 20.35
C ILE B 139 26.15 -3.42 20.48
N GLY B 140 25.35 -2.36 20.67
CA GLY B 140 23.88 -2.45 20.84
C GLY B 140 23.19 -2.48 19.49
N TYR B 141 23.95 -2.86 18.46
CA TYR B 141 23.43 -3.44 17.21
C TYR B 141 23.72 -4.94 17.17
N GLU B 142 24.65 -5.43 18.03
CA GLU B 142 25.19 -6.83 18.09
C GLU B 142 24.32 -7.73 18.98
N ASP B 143 23.42 -7.18 19.81
CA ASP B 143 22.51 -8.02 20.63
C ASP B 143 21.81 -8.99 19.69
N PRO B 144 21.96 -10.32 19.86
CA PRO B 144 21.50 -11.24 18.82
C PRO B 144 20.02 -11.05 18.47
N ARG B 145 19.23 -10.37 19.30
CA ARG B 145 17.75 -10.24 19.14
C ARG B 145 17.41 -9.14 18.11
N VAL B 146 18.40 -8.41 17.62
CA VAL B 146 18.16 -7.19 16.80
C VAL B 146 18.05 -7.66 15.34
N ASN B 147 16.91 -7.41 14.68
CA ASN B 147 16.72 -7.64 13.23
C ASN B 147 16.56 -6.31 12.48
N LEU B 148 17.62 -5.77 11.89
CA LEU B 148 17.58 -4.39 11.37
C LEU B 148 17.15 -4.47 9.92
N VAL B 149 16.18 -3.66 9.52
CA VAL B 149 15.75 -3.52 8.10
C VAL B 149 16.02 -2.07 7.69
N ILE B 150 16.59 -1.86 6.52
CA ILE B 150 16.58 -0.51 5.93
C ILE B 150 15.29 -0.39 5.12
N GLY B 151 14.38 0.46 5.56
CA GLY B 151 13.21 0.82 4.77
C GLY B 151 12.34 1.86 5.46
N ASP B 152 11.39 2.34 4.69
CA ASP B 152 10.44 3.34 5.20
C ASP B 152 9.53 2.58 6.18
N GLY B 153 9.39 3.07 7.42
CA GLY B 153 8.54 2.40 8.39
C GLY B 153 7.07 2.34 7.95
N VAL B 154 6.59 3.24 7.09
CA VAL B 154 5.19 3.18 6.56
C VAL B 154 5.03 1.84 5.80
N ALA B 155 5.98 1.53 4.90
CA ALA B 155 6.01 0.25 4.16
C ALA B 155 6.10 -0.91 5.14
N PHE B 156 7.03 -0.89 6.09
CA PHE B 156 7.24 -2.04 7.00
C PHE B 156 5.92 -2.33 7.72
N LEU B 157 5.26 -1.30 8.24
CA LEU B 157 4.01 -1.57 8.99
C LEU B 157 2.97 -2.17 8.06
N LYS B 158 2.87 -1.79 6.79
CA LYS B 158 1.90 -2.41 5.85
C LYS B 158 2.24 -3.90 5.63
N ASN B 159 3.52 -4.30 5.82
CA ASN B 159 4.01 -5.69 5.60
C ASN B 159 3.76 -6.59 6.81
N ALA B 160 3.55 -6.01 8.00
CA ALA B 160 3.51 -6.73 9.28
C ALA B 160 2.22 -7.59 9.37
N ALA B 161 2.32 -8.75 10.04
CA ALA B 161 1.18 -9.67 10.33
C ALA B 161 0.23 -8.98 11.33
N GLU B 162 -1.08 -9.08 11.13
CA GLU B 162 -2.08 -8.52 12.06
C GLU B 162 -1.81 -9.07 13.45
N GLY B 163 -1.79 -8.21 14.47
CA GLY B 163 -1.73 -8.63 15.87
C GLY B 163 -0.40 -9.29 16.26
N SER B 164 0.69 -8.98 15.55
CA SER B 164 1.99 -9.69 15.67
C SER B 164 2.96 -9.01 16.64
N TYR B 165 2.73 -7.76 17.06
CA TYR B 165 3.66 -7.06 17.99
C TYR B 165 2.98 -6.80 19.34
N ASP B 166 3.75 -6.98 20.40
CA ASP B 166 3.38 -6.56 21.77
C ASP B 166 3.58 -5.03 21.89
N ALA B 167 4.54 -4.46 21.17
CA ALA B 167 4.88 -3.02 21.34
C ALA B 167 5.60 -2.49 20.10
N VAL B 168 5.25 -1.26 19.72
CA VAL B 168 5.93 -0.52 18.62
C VAL B 168 6.32 0.81 19.22
N ILE B 169 7.56 1.17 18.97
CA ILE B 169 8.18 2.46 19.39
C ILE B 169 8.59 3.22 18.13
N VAL B 170 8.01 4.40 17.97
CA VAL B 170 8.29 5.26 16.79
C VAL B 170 9.26 6.30 17.27
N ASP B 171 10.56 6.01 17.09
CA ASP B 171 11.66 6.93 17.45
C ASP B 171 12.00 7.73 16.18
N SER B 172 11.12 8.62 15.79
CA SER B 172 11.24 9.30 14.47
C SER B 172 11.87 10.69 14.62
N SER B 173 12.43 11.19 13.50
CA SER B 173 12.75 12.60 13.23
C SER B 173 11.46 13.39 13.04
N ASP B 174 11.61 14.71 12.84
CA ASP B 174 10.45 15.63 12.90
C ASP B 174 9.53 15.42 11.68
N PRO B 175 8.26 15.93 11.67
CA PRO B 175 7.38 15.79 10.49
C PRO B 175 7.96 16.37 9.19
N ILE B 176 8.90 17.33 9.28
CA ILE B 176 9.56 17.90 8.07
C ILE B 176 10.70 16.94 7.72
N GLY B 177 10.64 16.36 6.51
CA GLY B 177 11.56 15.30 6.07
C GLY B 177 10.89 13.93 5.95
N PRO B 178 11.70 12.83 5.90
CA PRO B 178 11.18 11.48 5.67
C PRO B 178 10.18 10.96 6.71
N ALA B 179 10.06 11.59 7.90
CA ALA B 179 9.22 11.08 8.99
C ALA B 179 7.78 11.60 8.88
N LYS B 180 7.52 12.44 7.90
CA LYS B 180 6.24 13.16 7.74
C LYS B 180 5.07 12.20 8.03
N GLU B 181 4.95 11.12 7.29
CA GLU B 181 3.73 10.28 7.37
C GLU B 181 3.73 9.46 8.67
N LEU B 182 4.76 9.46 9.50
CA LEU B 182 4.70 8.68 10.77
C LEU B 182 3.81 9.42 11.79
N PHE B 183 3.49 10.66 11.46
CA PHE B 183 2.66 11.54 12.28
C PHE B 183 1.20 11.45 11.85
N GLU B 184 0.89 10.72 10.77
CA GLU B 184 -0.41 10.89 10.06
C GLU B 184 -1.29 9.66 10.30
N LYS B 185 -2.63 9.85 10.18
CA LYS B 185 -3.67 8.87 10.57
C LYS B 185 -3.39 7.49 9.98
N PRO B 186 -3.13 7.34 8.67
CA PRO B 186 -2.93 6.02 8.08
C PRO B 186 -1.82 5.20 8.76
N PHE B 187 -0.67 5.80 9.01
CA PHE B 187 0.39 5.05 9.73
C PHE B 187 -0.10 4.62 11.11
N PHE B 188 -0.79 5.51 11.83
CA PHE B 188 -1.36 5.15 13.16
C PHE B 188 -2.30 3.95 13.02
N GLN B 189 -3.24 3.99 12.07
CA GLN B 189 -4.20 2.86 11.80
C GLN B 189 -3.41 1.57 11.59
N SER B 190 -2.31 1.63 10.83
CA SER B 190 -1.50 0.44 10.46
C SER B 190 -0.72 -0.05 11.70
N VAL B 191 -0.36 0.85 12.64
CA VAL B 191 0.32 0.40 13.90
C VAL B 191 -0.71 -0.40 14.72
N ALA B 192 -1.95 0.08 14.76
CA ALA B 192 -2.99 -0.51 15.63
C ALA B 192 -3.30 -1.93 15.12
N ARG B 193 -3.35 -2.07 13.79
CA ARG B 193 -3.47 -3.37 13.09
C ARG B 193 -2.30 -4.30 13.43
N ALA B 194 -1.04 -3.83 13.41
CA ALA B 194 0.16 -4.70 13.65
C ALA B 194 0.26 -5.12 15.12
N LEU B 195 -0.36 -4.35 16.01
CA LEU B 195 -0.31 -4.65 17.46
C LEU B 195 -1.28 -5.77 17.81
N ARG B 196 -0.93 -6.60 18.80
CA ARG B 196 -1.94 -7.48 19.45
C ARG B 196 -3.02 -6.65 20.16
N PRO B 197 -4.14 -7.32 20.52
CA PRO B 197 -5.07 -6.80 21.52
C PRO B 197 -4.37 -6.54 22.86
N GLY B 198 -4.47 -5.30 23.32
CA GLY B 198 -3.81 -4.81 24.54
C GLY B 198 -2.39 -4.38 24.25
N GLY B 199 -1.97 -4.40 22.98
CA GLY B 199 -0.61 -4.04 22.53
C GLY B 199 -0.40 -2.55 22.63
N VAL B 200 0.85 -2.10 22.64
CA VAL B 200 1.17 -0.68 22.99
C VAL B 200 2.04 -0.03 21.89
N VAL B 201 1.73 1.25 21.60
CA VAL B 201 2.55 2.14 20.75
C VAL B 201 3.01 3.29 21.64
N CYS B 202 4.29 3.63 21.50
CA CYS B 202 4.89 4.86 22.05
C CYS B 202 5.56 5.62 20.90
N THR B 203 5.17 6.89 20.70
CA THR B 203 5.63 7.74 19.57
C THR B 203 6.30 8.99 20.11
N GLN B 204 7.29 9.49 19.36
CA GLN B 204 7.94 10.80 19.56
C GLN B 204 6.86 11.79 19.14
N ALA B 205 6.38 12.65 20.05
CA ALA B 205 5.18 13.50 19.78
C ALA B 205 5.43 14.91 20.28
N GLU B 206 6.64 15.39 20.00
CA GLU B 206 7.05 16.81 20.02
C GLU B 206 6.96 17.51 21.38
N SER B 207 6.79 18.84 21.30
CA SER B 207 6.83 19.73 22.47
C SER B 207 5.49 20.41 22.73
N LEU B 208 4.98 20.23 23.94
CA LEU B 208 3.77 20.90 24.44
C LEU B 208 3.91 22.41 24.40
N TRP B 209 5.13 22.94 24.50
CA TRP B 209 5.34 24.41 24.47
C TRP B 209 5.26 24.92 23.04
N LEU B 210 5.62 24.12 22.06
CA LEU B 210 5.88 24.57 20.66
C LEU B 210 4.83 24.10 19.66
N HIS B 211 4.19 22.95 19.94
CA HIS B 211 3.54 22.11 18.90
C HIS B 211 2.12 21.74 19.26
N MET B 212 1.41 22.56 20.04
CA MET B 212 0.11 22.16 20.61
C MET B 212 -0.89 21.88 19.46
N ASP B 213 -0.89 22.66 18.37
CA ASP B 213 -1.81 22.37 17.24
C ASP B 213 -1.54 20.94 16.76
N ILE B 214 -0.28 20.62 16.55
CA ILE B 214 0.14 19.31 15.98
C ILE B 214 -0.27 18.23 16.96
N ILE B 215 -0.01 18.46 18.23
CA ILE B 215 -0.18 17.41 19.28
C ILE B 215 -1.67 17.10 19.41
N GLU B 216 -2.52 18.12 19.46
CA GLU B 216 -4.00 17.94 19.53
C GLU B 216 -4.48 17.08 18.34
N ASP B 217 -3.89 17.25 17.14
CA ASP B 217 -4.24 16.42 15.94
C ASP B 217 -3.83 14.96 16.11
N ILE B 218 -2.62 14.69 16.60
CA ILE B 218 -2.17 13.29 16.88
C ILE B 218 -3.10 12.67 17.93
N VAL B 219 -3.36 13.38 19.01
CA VAL B 219 -4.14 12.82 20.14
C VAL B 219 -5.55 12.46 19.65
N SER B 220 -6.17 13.36 18.90
CA SER B 220 -7.56 13.20 18.41
C SER B 220 -7.59 11.96 17.50
N ASN B 221 -6.64 11.86 16.57
CA ASN B 221 -6.49 10.68 15.68
C ASN B 221 -6.29 9.40 16.50
N CYS B 222 -5.41 9.43 17.49
CA CYS B 222 -5.16 8.22 18.30
C CYS B 222 -6.46 7.81 18.98
N ARG B 223 -7.26 8.75 19.44
CA ARG B 223 -8.50 8.40 20.22
C ARG B 223 -9.49 7.69 19.28
N GLU B 224 -9.62 8.17 18.05
CA GLU B 224 -10.41 7.51 16.97
C GLU B 224 -9.92 6.08 16.72
N ILE B 225 -8.62 5.86 16.72
CA ILE B 225 -8.04 4.54 16.36
C ILE B 225 -8.02 3.60 17.57
N PHE B 226 -7.39 4.00 18.67
CA PHE B 226 -6.93 3.06 19.72
C PHE B 226 -7.96 3.16 20.82
N LYS B 227 -8.69 2.06 21.10
CA LYS B 227 -9.85 2.14 22.02
C LYS B 227 -9.41 1.69 23.40
N GLY B 228 -8.13 1.37 23.57
CA GLY B 228 -7.54 1.07 24.89
C GLY B 228 -7.30 2.35 25.64
N SER B 229 -6.13 2.49 26.24
CA SER B 229 -5.63 3.74 26.83
C SER B 229 -5.05 4.63 25.72
N VAL B 230 -5.25 5.93 25.87
CA VAL B 230 -4.47 6.94 25.10
C VAL B 230 -3.99 7.97 26.13
N ASN B 231 -2.68 8.17 26.24
CA ASN B 231 -2.06 9.02 27.29
C ASN B 231 -0.86 9.78 26.69
N TYR B 232 -0.64 11.01 27.09
CA TYR B 232 0.52 11.77 26.60
C TYR B 232 1.46 11.94 27.80
N ALA B 233 2.75 11.68 27.62
CA ALA B 233 3.76 11.86 28.68
C ALA B 233 4.84 12.83 28.18
N TRP B 234 5.58 13.46 29.06
CA TRP B 234 6.69 14.36 28.65
C TRP B 234 7.92 14.14 29.54
N THR B 235 9.08 14.49 29.02
CA THR B 235 10.33 14.43 29.79
C THR B 235 11.21 15.61 29.38
N SER B 236 12.23 15.81 30.20
CA SER B 236 13.30 16.82 30.05
C SER B 236 14.34 16.29 29.07
N VAL B 237 14.67 17.04 28.01
CA VAL B 237 15.83 16.78 27.10
C VAL B 237 16.43 18.13 26.76
N PRO B 238 17.53 18.56 27.42
CA PRO B 238 18.04 19.91 27.25
C PRO B 238 18.22 20.34 25.78
N THR B 239 18.76 19.45 24.96
CA THR B 239 19.19 19.80 23.58
C THR B 239 18.04 19.55 22.58
N TYR B 240 16.81 19.37 23.07
CA TYR B 240 15.65 19.26 22.15
C TYR B 240 14.90 20.58 22.25
N PRO B 241 14.29 21.09 21.16
CA PRO B 241 13.66 22.40 21.16
C PRO B 241 12.63 22.62 22.29
N SER B 242 12.87 23.68 23.06
CA SER B 242 12.12 24.07 24.29
C SER B 242 12.62 23.22 25.49
N GLY B 243 13.45 22.22 25.26
CA GLY B 243 14.01 21.42 26.38
C GLY B 243 13.02 20.44 26.96
N VAL B 244 11.88 20.25 26.31
CA VAL B 244 11.06 19.03 26.60
C VAL B 244 10.72 18.26 25.33
N ILE B 245 10.31 17.00 25.51
CA ILE B 245 9.70 16.25 24.38
C ILE B 245 8.66 15.33 24.98
N GLY B 246 7.70 14.92 24.15
CA GLY B 246 6.60 14.05 24.54
C GLY B 246 6.46 12.79 23.71
N PHE B 247 5.54 11.99 24.19
CA PHE B 247 5.28 10.61 23.73
C PHE B 247 3.78 10.34 23.79
N MET B 248 3.19 9.90 22.67
CA MET B 248 1.83 9.34 22.68
C MET B 248 1.98 7.93 23.20
N LEU B 249 1.27 7.56 24.26
CA LEU B 249 1.13 6.12 24.59
C LEU B 249 -0.30 5.72 24.23
N CYS B 250 -0.45 4.66 23.44
CA CYS B 250 -1.78 4.10 23.14
C CYS B 250 -1.76 2.57 23.19
N SER B 251 -2.83 2.01 23.72
CA SER B 251 -3.08 0.55 23.72
C SER B 251 -4.34 0.31 22.91
N THR B 252 -4.37 -0.83 22.25
CA THR B 252 -5.53 -1.30 21.45
C THR B 252 -6.53 -2.00 22.35
N GLU B 253 -7.72 -2.21 21.82
CA GLU B 253 -8.76 -3.03 22.45
C GLU B 253 -8.10 -4.35 22.89
N GLY B 254 -8.29 -4.73 24.14
CA GLY B 254 -7.66 -5.93 24.75
C GLY B 254 -7.52 -5.81 26.26
N PRO B 255 -6.59 -6.57 26.86
CA PRO B 255 -6.34 -6.49 28.31
C PRO B 255 -6.02 -5.04 28.64
N ASP B 256 -6.61 -4.48 29.69
CA ASP B 256 -6.44 -3.06 30.05
C ASP B 256 -4.95 -2.78 30.19
N VAL B 257 -4.49 -1.56 29.83
CA VAL B 257 -3.09 -1.08 30.00
C VAL B 257 -3.11 0.24 30.73
N ASP B 258 -2.48 0.28 31.93
CA ASP B 258 -2.41 1.45 32.84
C ASP B 258 -1.00 2.04 32.71
N PHE B 259 -0.81 2.92 31.74
CA PHE B 259 0.49 3.56 31.44
C PHE B 259 0.98 4.42 32.62
N LYS B 260 0.09 4.84 33.50
CA LYS B 260 0.43 5.76 34.62
C LYS B 260 1.01 4.97 35.80
N HIS B 261 0.56 3.72 35.99
CA HIS B 261 1.01 2.81 37.09
C HIS B 261 1.60 1.54 36.48
N PRO B 262 2.90 1.55 36.14
CA PRO B 262 3.50 0.49 35.34
C PRO B 262 3.67 -0.81 36.14
N LEU B 263 3.08 -1.90 35.67
CA LEU B 263 3.12 -3.17 36.45
C LEU B 263 4.52 -3.81 36.38
N ASN B 264 5.32 -3.48 35.35
CA ASN B 264 6.66 -4.07 35.06
C ASN B 264 7.73 -3.11 35.57
N PRO B 265 8.41 -3.41 36.69
CA PRO B 265 9.65 -2.68 37.05
C PRO B 265 10.77 -3.01 36.05
N ILE B 266 11.96 -2.43 36.22
CA ILE B 266 13.16 -2.72 35.37
C ILE B 266 14.41 -2.52 36.23
N ASN B 274 24.22 -0.38 29.08
CA ASN B 274 24.78 0.98 29.36
C ASN B 274 24.74 1.21 30.87
N GLY B 275 25.23 0.22 31.63
CA GLY B 275 25.22 0.23 33.10
C GLY B 275 23.82 0.53 33.64
N PRO B 276 23.66 0.89 34.93
CA PRO B 276 22.33 1.27 35.40
C PRO B 276 21.67 2.42 34.60
N LEU B 277 20.35 2.47 34.74
CA LEU B 277 19.54 3.53 34.13
C LEU B 277 20.00 4.86 34.74
N LYS B 278 20.05 5.91 33.94
CA LYS B 278 20.58 7.19 34.43
C LYS B 278 19.40 8.06 34.77
N PHE B 279 18.23 7.76 34.22
CA PHE B 279 17.14 8.76 34.18
C PHE B 279 15.86 8.06 34.64
N TYR B 280 15.40 7.04 33.93
CA TYR B 280 14.08 6.42 34.19
C TYR B 280 14.07 5.80 35.59
N ASN B 281 12.92 5.87 36.22
CA ASN B 281 12.61 5.21 37.52
C ASN B 281 11.09 5.17 37.65
N ALA B 282 10.57 4.27 38.49
CA ALA B 282 9.11 3.99 38.62
C ALA B 282 8.36 5.30 38.94
N GLU B 283 9.00 6.24 39.65
CA GLU B 283 8.33 7.45 40.19
C GLU B 283 8.17 8.43 39.05
N ILE B 284 9.21 8.57 38.28
CA ILE B 284 9.19 9.55 37.16
C ILE B 284 8.44 8.98 35.96
N HIS B 285 8.26 7.66 35.90
CA HIS B 285 7.32 7.01 34.96
C HIS B 285 5.97 7.66 35.13
N SER B 286 5.44 7.58 36.36
CA SER B 286 4.15 8.19 36.76
C SER B 286 4.17 9.71 36.56
N ALA B 287 5.19 10.44 37.02
CA ALA B 287 5.30 11.91 36.92
C ALA B 287 5.26 12.43 35.47
N ALA B 288 5.71 11.63 34.50
CA ALA B 288 5.79 12.05 33.08
C ALA B 288 4.39 12.30 32.51
N PHE B 289 3.33 11.73 33.12
CA PHE B 289 1.91 11.90 32.64
C PHE B 289 1.20 13.09 33.28
N CYS B 290 1.83 13.77 34.24
CA CYS B 290 1.27 14.95 34.95
C CYS B 290 1.63 16.25 34.24
N LEU B 291 0.74 16.73 33.38
CA LEU B 291 1.01 17.82 32.41
C LEU B 291 0.70 19.17 33.04
N PRO B 292 1.27 20.23 32.49
CA PRO B 292 0.91 21.56 32.93
C PRO B 292 -0.56 21.78 32.55
N SER B 293 -1.27 22.59 33.34
CA SER B 293 -2.72 22.90 33.15
C SER B 293 -3.06 23.26 31.70
N PHE B 294 -2.28 24.10 31.00
CA PHE B 294 -2.61 24.54 29.61
C PHE B 294 -2.58 23.31 28.67
N ALA B 295 -1.73 22.33 28.95
CA ALA B 295 -1.64 21.13 28.09
C ALA B 295 -2.76 20.14 28.43
N LYS B 296 -2.98 19.87 29.73
CA LYS B 296 -3.95 18.86 30.25
C LYS B 296 -5.35 19.15 29.68
N LYS B 297 -5.77 20.39 29.65
CA LYS B 297 -7.11 20.76 29.10
C LYS B 297 -7.24 20.25 27.66
N VAL B 298 -6.36 20.70 26.78
CA VAL B 298 -6.40 20.37 25.33
C VAL B 298 -6.33 18.85 25.12
N ILE B 299 -5.52 18.13 25.91
CA ILE B 299 -5.16 16.71 25.64
C ILE B 299 -6.23 15.72 26.16
N GLU B 300 -7.02 16.05 27.18
CA GLU B 300 -8.02 15.06 27.65
C GLU B 300 -9.44 15.59 27.43
N SER B 301 -9.62 16.65 26.63
CA SER B 301 -10.95 17.28 26.38
C SER B 301 -11.74 16.49 25.33
N GLU C 6 4.04 -40.42 28.78
CA GLU C 6 3.32 -39.11 28.98
C GLU C 6 2.78 -38.60 27.64
N PRO C 7 3.61 -38.34 26.59
CA PRO C 7 3.15 -37.57 25.41
C PRO C 7 1.96 -38.22 24.68
N ALA C 8 1.01 -37.40 24.22
CA ALA C 8 -0.34 -37.85 23.77
C ALA C 8 -0.27 -38.63 22.44
N CYS C 9 0.84 -38.58 21.70
CA CYS C 9 1.04 -39.30 20.41
C CYS C 9 1.61 -40.72 20.61
N PHE C 10 2.06 -41.04 21.82
CA PHE C 10 2.64 -42.37 22.17
C PHE C 10 1.53 -43.42 22.25
N SER C 11 1.90 -44.69 22.17
CA SER C 11 0.98 -45.87 22.07
C SER C 11 0.26 -46.13 23.40
N THR C 12 -1.05 -46.35 23.36
CA THR C 12 -1.85 -46.77 24.55
C THR C 12 -1.79 -48.29 24.77
N VAL C 13 -1.23 -49.05 23.83
CA VAL C 13 -1.21 -50.54 23.86
C VAL C 13 0.09 -51.00 24.52
N ILE C 14 1.24 -50.41 24.17
CA ILE C 14 2.51 -50.69 24.88
C ILE C 14 3.20 -49.35 25.11
N PRO C 15 4.03 -49.23 26.18
CA PRO C 15 4.84 -48.04 26.41
C PRO C 15 6.05 -47.91 25.47
N GLY C 16 6.62 -46.70 25.39
CA GLY C 16 7.91 -46.39 24.75
C GLY C 16 7.84 -46.53 23.23
N TRP C 17 6.65 -46.42 22.64
CA TRP C 17 6.51 -46.39 21.16
C TRP C 17 5.88 -45.06 20.74
N PHE C 18 6.57 -44.32 19.87
CA PHE C 18 6.02 -43.11 19.22
C PHE C 18 5.49 -43.46 17.82
N SER C 19 4.33 -42.94 17.45
CA SER C 19 3.67 -43.18 16.14
C SER C 19 3.30 -41.85 15.51
N GLU C 20 3.61 -41.65 14.22
CA GLU C 20 3.45 -40.32 13.60
C GLU C 20 2.11 -40.29 12.87
N MET C 21 1.08 -39.82 13.54
CA MET C 21 -0.30 -39.76 13.03
C MET C 21 -0.59 -38.34 12.53
N SER C 22 -1.35 -38.22 11.44
CA SER C 22 -1.67 -36.91 10.83
C SER C 22 -2.74 -37.11 9.79
N PRO C 23 -3.68 -36.17 9.65
CA PRO C 23 -4.61 -36.21 8.52
C PRO C 23 -3.93 -35.96 7.17
N MET C 24 -2.68 -35.49 7.16
CA MET C 24 -1.95 -35.23 5.89
C MET C 24 -1.44 -36.55 5.30
N TRP C 25 -1.41 -37.64 6.10
CA TRP C 25 -1.16 -39.03 5.59
C TRP C 25 -2.12 -40.02 6.27
N PRO C 26 -3.41 -39.98 5.89
CA PRO C 26 -4.41 -40.81 6.58
C PRO C 26 -4.12 -42.32 6.45
N GLY C 27 -4.34 -43.07 7.53
CA GLY C 27 -4.29 -44.54 7.56
C GLY C 27 -2.90 -45.12 7.45
N GLU C 28 -1.87 -44.36 7.83
CA GLU C 28 -0.48 -44.84 7.86
C GLU C 28 0.24 -44.11 8.95
N ALA C 29 1.29 -44.73 9.52
CA ALA C 29 2.11 -44.13 10.60
C ALA C 29 3.41 -44.90 10.77
N HIS C 30 4.51 -44.17 10.70
CA HIS C 30 5.84 -44.68 11.06
C HIS C 30 5.93 -44.67 12.59
N SER C 31 6.18 -45.82 13.18
CA SER C 31 6.33 -46.02 14.64
C SER C 31 7.81 -46.21 14.95
N LEU C 32 8.27 -45.63 16.04
CA LEU C 32 9.69 -45.65 16.46
C LEU C 32 9.72 -45.91 17.96
N LYS C 33 10.57 -46.85 18.34
CA LYS C 33 10.82 -47.27 19.74
C LYS C 33 11.51 -46.10 20.43
N VAL C 34 11.01 -45.78 21.63
CA VAL C 34 11.40 -44.60 22.45
C VAL C 34 12.16 -45.10 23.69
N GLU C 35 13.46 -44.87 23.69
CA GLU C 35 14.38 -45.11 24.82
C GLU C 35 14.02 -44.14 25.95
N LYS C 36 13.94 -42.83 25.68
CA LYS C 36 13.70 -41.79 26.73
C LYS C 36 13.20 -40.47 26.12
N VAL C 37 12.09 -39.91 26.61
CA VAL C 37 11.61 -38.55 26.22
C VAL C 37 12.56 -37.52 26.82
N LEU C 38 13.18 -36.68 25.99
CA LEU C 38 14.22 -35.75 26.45
C LEU C 38 13.59 -34.40 26.76
N PHE C 39 12.54 -34.02 26.04
CA PHE C 39 11.96 -32.66 26.16
C PHE C 39 10.52 -32.74 25.72
N GLN C 40 9.69 -32.00 26.43
CA GLN C 40 8.30 -31.73 26.07
C GLN C 40 8.05 -30.25 26.41
N GLY C 41 7.61 -29.47 25.45
CA GLY C 41 7.18 -28.09 25.68
C GLY C 41 6.07 -27.68 24.72
N LYS C 42 5.33 -26.63 25.06
CA LYS C 42 4.39 -25.96 24.15
C LYS C 42 4.93 -24.56 23.87
N SER C 43 5.25 -24.24 22.62
CA SER C 43 5.77 -22.89 22.26
C SER C 43 4.57 -22.00 22.02
N ASP C 44 4.83 -20.79 21.57
CA ASP C 44 3.79 -19.86 21.07
C ASP C 44 3.18 -20.41 19.79
N TYR C 45 3.81 -21.41 19.16
CA TYR C 45 3.41 -21.91 17.82
C TYR C 45 3.18 -23.41 17.76
N GLN C 46 4.00 -24.21 18.48
CA GLN C 46 4.03 -25.67 18.25
C GLN C 46 4.17 -26.44 19.56
N ASP C 47 3.58 -27.64 19.58
CA ASP C 47 3.92 -28.71 20.53
C ASP C 47 5.28 -29.31 20.14
N VAL C 48 6.30 -29.24 21.03
CA VAL C 48 7.71 -29.64 20.71
C VAL C 48 8.11 -30.84 21.55
N ILE C 49 8.61 -31.88 20.89
CA ILE C 49 9.09 -33.12 21.55
C ILE C 49 10.47 -33.47 20.99
N VAL C 50 11.39 -33.82 21.86
CA VAL C 50 12.68 -34.45 21.51
C VAL C 50 12.75 -35.74 22.32
N PHE C 51 12.98 -36.85 21.65
CA PHE C 51 13.21 -38.15 22.32
C PHE C 51 14.50 -38.71 21.76
N GLN C 52 15.18 -39.46 22.61
CA GLN C 52 16.20 -40.45 22.22
C GLN C 52 15.46 -41.69 21.69
N SER C 53 15.57 -41.99 20.39
CA SER C 53 15.00 -43.24 19.82
C SER C 53 15.95 -44.40 20.13
N ALA C 54 15.50 -45.64 19.98
CA ALA C 54 16.33 -46.83 20.21
C ALA C 54 17.31 -46.97 19.04
N THR C 55 16.88 -46.70 17.81
CA THR C 55 17.68 -47.11 16.62
C THR C 55 17.83 -45.97 15.62
N TYR C 56 17.20 -44.81 15.85
CA TYR C 56 17.27 -43.65 14.95
C TYR C 56 17.92 -42.44 15.64
N GLY C 57 18.42 -42.63 16.89
CA GLY C 57 19.05 -41.61 17.73
C GLY C 57 18.05 -40.55 18.12
N LYS C 58 18.46 -39.29 18.26
CA LYS C 58 17.53 -38.24 18.78
C LYS C 58 16.65 -37.78 17.62
N VAL C 59 15.40 -37.52 18.00
CA VAL C 59 14.25 -37.19 17.12
C VAL C 59 13.67 -35.89 17.62
N LEU C 60 13.46 -34.93 16.71
CA LEU C 60 12.65 -33.73 16.96
C LEU C 60 11.25 -33.94 16.37
N VAL C 61 10.22 -33.64 17.15
CA VAL C 61 8.82 -33.77 16.68
C VAL C 61 8.14 -32.43 16.90
N LEU C 62 7.46 -31.90 15.89
CA LEU C 62 6.61 -30.67 16.02
C LEU C 62 5.19 -31.03 15.62
N ASP C 63 4.24 -30.75 16.52
CA ASP C 63 2.78 -31.01 16.42
C ASP C 63 2.55 -32.46 15.98
N GLY C 64 3.32 -33.41 16.53
CA GLY C 64 3.11 -34.86 16.32
C GLY C 64 3.84 -35.40 15.10
N VAL C 65 4.50 -34.49 14.33
CA VAL C 65 5.18 -34.76 13.01
C VAL C 65 6.69 -34.88 13.20
N ILE C 66 7.30 -35.94 12.70
CA ILE C 66 8.78 -36.10 12.70
C ILE C 66 9.40 -35.01 11.78
N GLN C 67 10.32 -34.21 12.31
CA GLN C 67 11.11 -33.16 11.60
C GLN C 67 12.51 -33.69 11.24
N LEU C 68 13.08 -34.52 12.11
CA LEU C 68 14.48 -34.90 12.03
C LEU C 68 14.77 -36.08 12.95
N THR C 69 15.53 -37.04 12.43
CA THR C 69 16.23 -38.09 13.24
C THR C 69 17.69 -37.98 12.91
N GLU C 70 18.53 -38.32 13.87
CA GLU C 70 19.99 -38.24 13.71
C GLU C 70 20.43 -39.23 12.63
N ARG C 71 19.73 -40.36 12.54
CA ARG C 71 20.20 -41.44 11.65
C ARG C 71 20.10 -41.03 10.19
N ASP C 72 19.04 -40.39 9.76
CA ASP C 72 18.80 -40.18 8.33
C ASP C 72 18.70 -38.69 8.02
N GLU C 73 19.10 -37.78 8.93
CA GLU C 73 19.07 -36.31 8.69
C GLU C 73 19.89 -35.94 7.45
N CYS C 74 20.97 -36.67 7.15
CA CYS C 74 21.90 -36.33 6.04
C CYS C 74 21.17 -36.16 4.68
N ALA C 75 20.10 -36.92 4.39
CA ALA C 75 19.55 -36.94 3.01
C ALA C 75 18.83 -35.61 2.76
N TYR C 76 17.95 -35.19 3.65
CA TYR C 76 17.12 -33.97 3.50
C TYR C 76 18.01 -32.73 3.58
N GLN C 77 18.90 -32.64 4.57
CA GLN C 77 19.77 -31.44 4.73
CA GLN C 77 19.78 -31.46 4.74
C GLN C 77 20.71 -31.28 3.54
N GLU C 78 21.35 -32.34 3.06
CA GLU C 78 22.30 -32.24 1.91
C GLU C 78 21.55 -32.02 0.57
N MET C 79 20.39 -32.64 0.39
CA MET C 79 19.67 -32.52 -0.92
C MET C 79 19.01 -31.14 -1.02
N ILE C 80 18.31 -30.70 0.02
CA ILE C 80 17.60 -29.39 -0.07
C ILE C 80 18.63 -28.25 -0.19
N THR C 81 19.89 -28.41 0.26
CA THR C 81 20.90 -27.32 0.21
C THR C 81 21.63 -27.37 -1.12
N HIS C 82 22.13 -28.55 -1.46
CA HIS C 82 23.08 -28.69 -2.58
C HIS C 82 22.32 -28.71 -3.88
N LEU C 83 21.06 -29.18 -3.92
CA LEU C 83 20.27 -29.07 -5.17
C LEU C 83 20.24 -27.65 -5.69
N PRO C 84 19.87 -26.64 -4.87
CA PRO C 84 19.89 -25.24 -5.31
C PRO C 84 21.27 -24.57 -5.45
N LEU C 85 22.12 -24.71 -4.44
CA LEU C 85 23.42 -24.01 -4.41
C LEU C 85 24.38 -24.56 -5.45
N CYS C 86 24.38 -25.87 -5.73
CA CYS C 86 25.27 -26.46 -6.78
C CYS C 86 24.78 -26.16 -8.19
N SER C 87 23.61 -25.56 -8.32
CA SER C 87 22.98 -25.29 -9.64
C SER C 87 23.21 -23.87 -10.15
N ILE C 88 23.80 -23.00 -9.34
CA ILE C 88 24.15 -21.61 -9.72
C ILE C 88 25.56 -21.32 -9.30
N PRO C 89 26.24 -20.44 -10.06
CA PRO C 89 27.64 -20.13 -9.80
C PRO C 89 27.74 -19.10 -8.65
N ASN C 90 28.73 -19.36 -7.80
CA ASN C 90 29.34 -18.43 -6.83
C ASN C 90 28.24 -17.90 -5.92
N PRO C 91 27.41 -18.76 -5.31
CA PRO C 91 26.40 -18.24 -4.41
C PRO C 91 27.10 -17.44 -3.30
N LYS C 92 26.59 -16.26 -2.99
CA LYS C 92 27.14 -15.46 -1.87
C LYS C 92 26.10 -15.23 -0.78
N LYS C 93 24.90 -14.76 -1.11
CA LYS C 93 23.89 -14.40 -0.07
C LYS C 93 22.65 -15.30 -0.18
N VAL C 94 22.40 -16.02 0.92
CA VAL C 94 21.36 -17.10 0.98
C VAL C 94 20.48 -16.89 2.21
N LEU C 95 19.19 -17.19 2.09
CA LEU C 95 18.17 -17.00 3.13
C LEU C 95 17.52 -18.39 3.30
N VAL C 96 17.54 -18.84 4.54
CA VAL C 96 16.90 -20.07 5.05
C VAL C 96 15.64 -19.66 5.84
N ILE C 97 14.47 -20.07 5.33
CA ILE C 97 13.20 -19.98 6.05
C ILE C 97 12.90 -21.29 6.77
N GLY C 98 12.71 -21.17 8.08
CA GLY C 98 12.69 -22.27 9.06
C GLY C 98 14.12 -22.71 9.32
N GLY C 99 14.40 -23.99 9.20
CA GLY C 99 15.73 -24.54 9.51
C GLY C 99 16.08 -24.50 10.98
N GLY C 100 15.12 -24.44 11.93
CA GLY C 100 15.45 -24.26 13.37
C GLY C 100 16.42 -25.32 13.91
N ASP C 101 16.51 -26.49 13.28
CA ASP C 101 17.31 -27.66 13.76
C ASP C 101 18.79 -27.41 13.51
N GLY C 102 19.11 -26.52 12.58
CA GLY C 102 20.48 -26.05 12.34
C GLY C 102 21.14 -26.83 11.22
N GLY C 103 20.48 -27.90 10.74
CA GLY C 103 20.97 -28.80 9.70
C GLY C 103 21.32 -28.10 8.40
N VAL C 104 20.37 -27.43 7.79
CA VAL C 104 20.62 -26.70 6.51
C VAL C 104 21.78 -25.69 6.72
N LEU C 105 21.82 -24.93 7.81
CA LEU C 105 22.94 -23.98 8.07
C LEU C 105 24.31 -24.64 7.80
N ARG C 106 24.54 -25.79 8.43
CA ARG C 106 25.80 -26.58 8.34
C ARG C 106 26.08 -26.97 6.89
N GLU C 107 25.06 -27.38 6.12
CA GLU C 107 25.27 -27.70 4.69
C GLU C 107 25.54 -26.42 3.89
N VAL C 108 24.83 -25.33 4.17
CA VAL C 108 25.06 -24.09 3.37
C VAL C 108 26.51 -23.65 3.63
N ALA C 109 26.96 -23.73 4.89
CA ALA C 109 28.35 -23.37 5.29
C ALA C 109 29.40 -24.12 4.46
N ARG C 110 29.12 -25.28 3.92
CA ARG C 110 30.21 -26.04 3.23
C ARG C 110 30.57 -25.31 1.94
N HIS C 111 29.70 -24.41 1.46
CA HIS C 111 29.96 -23.56 0.27
C HIS C 111 30.82 -22.37 0.70
N ALA C 112 32.11 -22.44 0.41
CA ALA C 112 33.12 -21.40 0.68
C ALA C 112 32.74 -20.09 -0.04
N SER C 113 32.10 -20.13 -1.20
CA SER C 113 31.72 -18.88 -1.90
C SER C 113 30.70 -18.05 -1.05
N ILE C 114 29.96 -18.69 -0.14
CA ILE C 114 28.85 -18.05 0.64
C ILE C 114 29.47 -17.04 1.61
N GLU C 115 28.90 -15.84 1.69
CA GLU C 115 29.40 -14.75 2.58
C GLU C 115 28.36 -14.38 3.67
N GLN C 116 27.07 -14.65 3.42
CA GLN C 116 25.95 -14.22 4.30
C GLN C 116 24.89 -15.34 4.32
N ILE C 117 24.61 -15.93 5.47
CA ILE C 117 23.55 -16.99 5.61
C ILE C 117 22.46 -16.42 6.51
N ASP C 118 21.52 -15.71 5.92
CA ASP C 118 20.34 -15.15 6.62
C ASP C 118 19.45 -16.34 6.97
N MET C 119 18.93 -16.36 8.19
CA MET C 119 17.97 -17.42 8.56
C MET C 119 16.78 -16.82 9.34
N CYS C 120 15.57 -17.16 8.93
CA CYS C 120 14.32 -16.71 9.57
C CYS C 120 13.51 -17.93 10.02
N GLU C 121 13.54 -18.15 11.35
CA GLU C 121 12.88 -19.31 12.02
C GLU C 121 11.88 -18.75 13.03
N ILE C 122 10.62 -19.16 12.94
CA ILE C 122 9.52 -18.55 13.72
C ILE C 122 9.56 -19.02 15.17
N ASP C 123 10.11 -20.19 15.48
CA ASP C 123 9.90 -20.82 16.82
C ASP C 123 11.23 -20.89 17.56
N LYS C 124 11.44 -20.02 18.55
CA LYS C 124 12.76 -19.96 19.25
C LYS C 124 12.93 -21.25 20.06
N MET C 125 11.83 -21.89 20.45
CA MET C 125 11.91 -23.17 21.20
C MET C 125 12.61 -24.23 20.32
N VAL C 126 12.29 -24.32 19.04
CA VAL C 126 12.94 -25.29 18.11
C VAL C 126 14.47 -25.09 18.07
N VAL C 127 14.93 -23.86 17.92
CA VAL C 127 16.37 -23.49 17.97
C VAL C 127 16.98 -23.93 19.29
N ASP C 128 16.32 -23.57 20.40
CA ASP C 128 16.87 -23.79 21.76
C ASP C 128 17.01 -25.30 21.99
N VAL C 129 15.99 -26.10 21.69
CA VAL C 129 16.05 -27.58 21.94
C VAL C 129 17.04 -28.19 20.95
N SER C 130 17.11 -27.70 19.71
CA SER C 130 18.11 -28.24 18.73
C SER C 130 19.50 -27.94 19.29
N LYS C 131 19.73 -26.70 19.77
CA LYS C 131 21.05 -26.29 20.30
C LYS C 131 21.45 -27.15 21.49
N GLN C 132 20.46 -27.60 22.25
CA GLN C 132 20.65 -28.21 23.60
C GLN C 132 20.95 -29.70 23.40
N PHE C 133 20.13 -30.39 22.61
CA PHE C 133 20.07 -31.89 22.61
C PHE C 133 20.96 -32.45 21.49
N PHE C 134 20.99 -31.81 20.33
CA PHE C 134 21.59 -32.36 19.08
C PHE C 134 23.03 -31.89 18.92
N PRO C 135 24.01 -32.80 19.08
CA PRO C 135 25.41 -32.42 18.81
C PRO C 135 25.59 -31.78 17.41
N ASP C 136 26.50 -30.83 17.31
CA ASP C 136 26.86 -30.10 16.05
C ASP C 136 25.95 -28.90 15.81
N VAL C 137 24.79 -28.83 16.46
CA VAL C 137 23.83 -27.74 16.09
C VAL C 137 24.44 -26.40 16.53
N ALA C 138 24.94 -26.32 17.77
CA ALA C 138 25.49 -25.08 18.40
C ALA C 138 26.66 -24.55 17.54
N ILE C 139 27.50 -25.48 17.06
CA ILE C 139 28.68 -25.21 16.18
C ILE C 139 28.22 -24.62 14.82
N GLY C 140 27.24 -25.23 14.14
CA GLY C 140 26.72 -24.78 12.83
C GLY C 140 26.09 -23.40 12.91
N TYR C 141 25.43 -23.06 14.00
CA TYR C 141 24.89 -21.70 14.24
C TYR C 141 26.01 -20.68 14.49
N GLU C 142 27.17 -21.13 14.99
CA GLU C 142 28.27 -20.20 15.33
C GLU C 142 29.05 -19.78 14.08
N ASP C 143 28.87 -20.42 12.92
CA ASP C 143 29.64 -20.01 11.69
C ASP C 143 29.47 -18.50 11.57
N PRO C 144 30.54 -17.69 11.40
CA PRO C 144 30.40 -16.25 11.53
C PRO C 144 29.49 -15.66 10.44
N ARG C 145 29.23 -16.39 9.38
CA ARG C 145 28.40 -15.84 8.29
C ARG C 145 26.92 -15.98 8.62
N VAL C 146 26.56 -16.67 9.70
CA VAL C 146 25.13 -16.93 10.03
C VAL C 146 24.50 -15.71 10.71
N ASN C 147 23.38 -15.27 10.19
CA ASN C 147 22.57 -14.17 10.77
C ASN C 147 21.22 -14.77 11.14
N LEU C 148 21.07 -15.24 12.39
CA LEU C 148 19.80 -15.86 12.85
C LEU C 148 18.78 -14.78 13.11
N VAL C 149 17.60 -14.91 12.53
CA VAL C 149 16.46 -14.05 12.95
C VAL C 149 15.35 -14.98 13.42
N ILE C 150 14.67 -14.61 14.48
CA ILE C 150 13.45 -15.30 14.96
C ILE C 150 12.29 -14.47 14.46
N GLY C 151 11.47 -15.03 13.59
CA GLY C 151 10.39 -14.28 12.95
C GLY C 151 9.63 -15.15 11.98
N ASP C 152 8.53 -14.65 11.43
CA ASP C 152 7.70 -15.35 10.40
C ASP C 152 8.33 -15.05 9.06
N GLY C 153 8.74 -16.10 8.35
CA GLY C 153 9.37 -15.92 7.03
C GLY C 153 8.47 -15.09 6.12
N VAL C 154 7.16 -15.11 6.29
CA VAL C 154 6.25 -14.36 5.33
C VAL C 154 6.56 -12.87 5.40
N ALA C 155 6.48 -12.34 6.62
CA ALA C 155 6.73 -10.91 6.90
C ALA C 155 8.19 -10.63 6.51
N PHE C 156 9.10 -11.56 6.80
CA PHE C 156 10.55 -11.37 6.60
C PHE C 156 10.82 -11.14 5.10
N LEU C 157 10.23 -11.98 4.30
CA LEU C 157 10.39 -11.88 2.83
C LEU C 157 9.75 -10.58 2.32
N LYS C 158 8.65 -10.11 2.94
CA LYS C 158 7.92 -8.99 2.33
C LYS C 158 8.85 -7.80 2.45
N ASN C 159 9.70 -7.83 3.50
CA ASN C 159 10.59 -6.72 3.95
C ASN C 159 11.99 -6.88 3.39
N ALA C 160 12.27 -7.97 2.66
CA ALA C 160 13.54 -8.18 1.94
C ALA C 160 13.63 -7.20 0.75
N ALA C 161 14.82 -6.66 0.52
CA ALA C 161 15.11 -5.79 -0.65
C ALA C 161 15.01 -6.57 -1.96
N GLU C 162 14.40 -6.00 -2.97
CA GLU C 162 14.14 -6.71 -4.25
C GLU C 162 15.49 -7.09 -4.89
N GLY C 163 15.69 -8.33 -5.34
CA GLY C 163 16.90 -8.76 -6.07
C GLY C 163 18.10 -9.00 -5.17
N SER C 164 17.95 -9.23 -3.89
CA SER C 164 19.08 -9.18 -2.94
C SER C 164 19.65 -10.56 -2.63
N TYR C 165 18.98 -11.68 -2.97
CA TYR C 165 19.50 -13.02 -2.65
C TYR C 165 19.90 -13.81 -3.89
N ASP C 166 20.93 -14.65 -3.73
CA ASP C 166 21.30 -15.68 -4.73
C ASP C 166 20.34 -16.84 -4.65
N ALA C 167 19.88 -17.10 -3.43
CA ALA C 167 19.08 -18.32 -3.21
C ALA C 167 18.19 -18.14 -2.00
N VAL C 168 17.07 -18.85 -2.00
CA VAL C 168 16.14 -18.96 -0.84
C VAL C 168 15.83 -20.44 -0.62
N ILE C 169 16.13 -20.97 0.57
CA ILE C 169 15.78 -22.39 0.92
C ILE C 169 14.63 -22.39 1.91
N VAL C 170 13.54 -22.98 1.52
CA VAL C 170 12.38 -23.00 2.43
C VAL C 170 12.32 -24.37 3.08
N ASP C 171 12.93 -24.44 4.26
CA ASP C 171 13.01 -25.61 5.15
C ASP C 171 11.88 -25.59 6.18
N SER C 172 10.64 -25.72 5.75
CA SER C 172 9.45 -25.59 6.61
C SER C 172 8.93 -26.95 7.03
N SER C 173 8.20 -26.94 8.12
CA SER C 173 7.08 -27.83 8.49
C SER C 173 5.95 -27.82 7.46
N ASP C 174 5.04 -28.77 7.68
CA ASP C 174 3.90 -29.11 6.82
C ASP C 174 2.88 -27.99 6.87
N PRO C 175 1.94 -27.97 5.90
CA PRO C 175 0.99 -26.87 5.78
C PRO C 175 0.07 -26.75 7.00
N ILE C 176 -0.01 -27.78 7.83
CA ILE C 176 -0.83 -27.72 9.07
C ILE C 176 0.09 -27.19 10.16
N GLY C 177 -0.19 -25.96 10.59
CA GLY C 177 0.49 -25.20 11.65
C GLY C 177 1.14 -23.94 11.07
N PRO C 178 2.27 -23.45 11.64
CA PRO C 178 2.82 -22.16 11.26
C PRO C 178 3.21 -21.99 9.79
N ALA C 179 3.51 -23.08 9.07
CA ALA C 179 4.14 -23.10 7.74
C ALA C 179 3.06 -22.97 6.67
N LYS C 180 1.79 -23.01 7.10
CA LYS C 180 0.63 -22.92 6.20
C LYS C 180 0.89 -21.98 5.03
N GLU C 181 1.15 -20.70 5.28
CA GLU C 181 1.18 -19.72 4.15
CA GLU C 181 1.24 -19.64 4.22
C GLU C 181 2.51 -19.86 3.36
N LEU C 182 3.46 -20.70 3.77
CA LEU C 182 4.72 -20.84 3.00
C LEU C 182 4.47 -21.67 1.72
N PHE C 183 3.33 -22.33 1.63
CA PHE C 183 2.94 -23.18 0.50
C PHE C 183 2.08 -22.38 -0.47
N GLU C 184 1.86 -21.08 -0.21
CA GLU C 184 0.77 -20.38 -0.96
C GLU C 184 1.37 -19.35 -1.90
N LYS C 185 0.58 -18.91 -2.87
CA LYS C 185 1.06 -18.10 -4.02
C LYS C 185 1.72 -16.80 -3.55
N PRO C 186 1.10 -15.96 -2.68
CA PRO C 186 1.76 -14.74 -2.23
C PRO C 186 3.19 -14.96 -1.73
N PHE C 187 3.40 -15.90 -0.81
CA PHE C 187 4.76 -16.22 -0.29
C PHE C 187 5.72 -16.43 -1.47
N PHE C 188 5.36 -17.28 -2.43
CA PHE C 188 6.17 -17.58 -3.65
C PHE C 188 6.40 -16.32 -4.48
N GLN C 189 5.41 -15.45 -4.67
CA GLN C 189 5.64 -14.20 -5.42
C GLN C 189 6.75 -13.41 -4.72
N SER C 190 6.69 -13.33 -3.39
CA SER C 190 7.65 -12.51 -2.59
C SER C 190 9.05 -13.13 -2.65
N VAL C 191 9.16 -14.44 -2.84
CA VAL C 191 10.50 -15.10 -2.97
C VAL C 191 11.12 -14.76 -4.32
N ALA C 192 10.32 -14.82 -5.37
CA ALA C 192 10.62 -14.37 -6.74
C ALA C 192 11.17 -12.94 -6.70
N ARG C 193 10.47 -12.02 -6.03
CA ARG C 193 10.82 -10.59 -5.99
C ARG C 193 12.15 -10.41 -5.29
N ALA C 194 12.37 -11.17 -4.22
CA ALA C 194 13.56 -11.02 -3.36
C ALA C 194 14.77 -11.66 -3.99
N LEU C 195 14.58 -12.52 -5.00
CA LEU C 195 15.69 -13.16 -5.75
C LEU C 195 16.20 -12.22 -6.84
N ARG C 196 17.51 -12.23 -7.06
CA ARG C 196 18.18 -11.60 -8.23
C ARG C 196 17.65 -12.34 -9.44
N PRO C 197 17.69 -11.80 -10.66
CA PRO C 197 17.44 -12.63 -11.85
C PRO C 197 18.48 -13.75 -11.99
N GLY C 198 17.98 -14.97 -12.28
CA GLY C 198 18.76 -16.22 -12.25
C GLY C 198 18.88 -16.79 -10.83
N GLY C 199 18.45 -16.05 -9.80
CA GLY C 199 18.34 -16.58 -8.42
C GLY C 199 17.42 -17.81 -8.34
N VAL C 200 17.65 -18.66 -7.33
CA VAL C 200 16.92 -19.94 -7.19
C VAL C 200 16.21 -20.02 -5.83
N VAL C 201 15.10 -20.75 -5.81
CA VAL C 201 14.43 -21.18 -4.55
C VAL C 201 14.38 -22.69 -4.57
N CYS C 202 14.58 -23.26 -3.41
CA CYS C 202 14.35 -24.70 -3.11
C CYS C 202 13.43 -24.72 -1.90
N THR C 203 12.33 -25.48 -2.02
CA THR C 203 11.25 -25.56 -1.01
C THR C 203 10.96 -27.01 -0.72
N GLN C 204 10.67 -27.27 0.55
CA GLN C 204 10.15 -28.58 1.03
C GLN C 204 8.79 -28.74 0.35
N ALA C 205 8.59 -29.79 -0.48
CA ALA C 205 7.40 -29.92 -1.37
C ALA C 205 6.77 -31.32 -1.35
N GLU C 206 6.83 -31.96 -0.18
CA GLU C 206 5.94 -33.02 0.30
C GLU C 206 6.21 -34.30 -0.53
N SER C 207 5.30 -35.26 -0.50
CA SER C 207 5.57 -36.59 -1.07
C SER C 207 4.74 -36.80 -2.33
N LEU C 208 5.39 -37.15 -3.42
CA LEU C 208 4.67 -37.56 -4.66
C LEU C 208 3.69 -38.71 -4.42
N TRP C 209 3.82 -39.50 -3.35
CA TRP C 209 2.91 -40.64 -3.17
C TRP C 209 1.58 -40.25 -2.53
N LEU C 210 1.62 -39.20 -1.73
CA LEU C 210 0.62 -38.78 -0.72
C LEU C 210 -0.08 -37.49 -1.12
N HIS C 211 0.62 -36.55 -1.74
CA HIS C 211 0.20 -35.13 -1.82
C HIS C 211 0.20 -34.61 -3.26
N MET C 212 -0.18 -35.41 -4.25
CA MET C 212 0.04 -35.01 -5.68
C MET C 212 -0.82 -33.79 -6.02
N ASP C 213 -2.04 -33.74 -5.49
CA ASP C 213 -2.96 -32.59 -5.68
C ASP C 213 -2.28 -31.31 -5.16
N ILE C 214 -1.72 -31.35 -3.95
CA ILE C 214 -1.01 -30.16 -3.40
C ILE C 214 0.16 -29.81 -4.34
N ILE C 215 1.02 -30.78 -4.63
CA ILE C 215 2.23 -30.54 -5.46
C ILE C 215 1.81 -29.95 -6.80
N GLU C 216 0.76 -30.50 -7.43
CA GLU C 216 0.36 -29.97 -8.76
C GLU C 216 0.09 -28.46 -8.65
N ASP C 217 -0.68 -28.01 -7.65
CA ASP C 217 -1.07 -26.59 -7.46
CA ASP C 217 -1.06 -26.58 -7.53
C ASP C 217 0.19 -25.75 -7.19
N ILE C 218 1.11 -26.26 -6.35
CA ILE C 218 2.40 -25.57 -6.03
C ILE C 218 3.13 -25.35 -7.36
N VAL C 219 3.41 -26.45 -8.06
CA VAL C 219 4.10 -26.42 -9.39
C VAL C 219 3.38 -25.39 -10.29
N SER C 220 2.08 -25.50 -10.39
CA SER C 220 1.24 -24.65 -11.28
C SER C 220 1.45 -23.17 -10.92
N ASN C 221 1.40 -22.85 -9.63
CA ASN C 221 1.65 -21.50 -9.08
C ASN C 221 3.08 -21.06 -9.49
N CYS C 222 4.08 -21.89 -9.17
CA CYS C 222 5.48 -21.65 -9.54
C CYS C 222 5.62 -21.39 -11.06
N ARG C 223 4.88 -22.07 -11.93
CA ARG C 223 5.09 -21.80 -13.38
C ARG C 223 4.57 -20.38 -13.70
N GLU C 224 3.48 -19.96 -13.05
CA GLU C 224 2.93 -18.58 -13.15
C GLU C 224 3.99 -17.56 -12.67
N ILE C 225 4.75 -17.86 -11.61
CA ILE C 225 5.59 -16.83 -10.90
C ILE C 225 7.03 -16.80 -11.44
N PHE C 226 7.68 -17.93 -11.53
CA PHE C 226 9.10 -18.00 -11.90
C PHE C 226 9.14 -18.28 -13.39
N LYS C 227 9.70 -17.35 -14.18
CA LYS C 227 9.68 -17.44 -15.65
C LYS C 227 10.98 -18.08 -16.14
N GLY C 228 11.92 -18.38 -15.23
CA GLY C 228 13.15 -19.09 -15.58
C GLY C 228 12.82 -20.55 -15.54
N SER C 229 13.47 -21.31 -14.68
CA SER C 229 13.32 -22.77 -14.66
C SER C 229 12.34 -23.17 -13.58
N VAL C 230 11.52 -24.23 -13.80
CA VAL C 230 10.67 -24.83 -12.73
C VAL C 230 10.83 -26.33 -12.79
N ASN C 231 11.28 -26.93 -11.68
CA ASN C 231 11.54 -28.39 -11.69
C ASN C 231 11.20 -29.00 -10.34
N TYR C 232 10.87 -30.28 -10.30
CA TYR C 232 10.64 -30.95 -9.02
C TYR C 232 11.66 -32.07 -8.86
N ALA C 233 12.28 -32.12 -7.70
CA ALA C 233 13.23 -33.22 -7.36
C ALA C 233 12.67 -34.00 -6.14
N TRP C 234 13.08 -35.26 -6.00
CA TRP C 234 12.73 -36.09 -4.80
C TRP C 234 13.92 -36.84 -4.23
N THR C 235 13.74 -37.37 -3.03
CA THR C 235 14.80 -38.16 -2.41
C THR C 235 14.15 -39.00 -1.30
N SER C 236 15.02 -39.86 -0.79
CA SER C 236 14.80 -40.86 0.25
C SER C 236 14.96 -40.16 1.58
N VAL C 237 13.92 -40.19 2.39
CA VAL C 237 14.07 -39.95 3.86
C VAL C 237 13.19 -40.99 4.56
N PRO C 238 13.77 -42.09 5.10
CA PRO C 238 13.03 -43.16 5.78
C PRO C 238 12.07 -42.72 6.88
N THR C 239 12.38 -41.62 7.59
CA THR C 239 11.55 -41.14 8.72
C THR C 239 10.62 -40.00 8.31
N TYR C 240 10.44 -39.72 7.02
CA TYR C 240 9.32 -38.89 6.48
C TYR C 240 8.26 -39.79 5.87
N PRO C 241 6.94 -39.44 5.98
CA PRO C 241 5.91 -40.37 5.59
C PRO C 241 5.95 -40.70 4.09
N SER C 242 5.77 -41.98 3.76
CA SER C 242 5.89 -42.58 2.40
C SER C 242 7.36 -42.85 2.06
N GLY C 243 8.29 -42.40 2.90
CA GLY C 243 9.74 -42.65 2.77
C GLY C 243 10.39 -41.74 1.77
N VAL C 244 9.68 -40.74 1.28
CA VAL C 244 10.24 -39.81 0.27
C VAL C 244 9.81 -38.41 0.60
N ILE C 245 10.66 -37.46 0.19
CA ILE C 245 10.36 -36.02 0.24
C ILE C 245 10.83 -35.38 -1.07
N GLY C 246 10.06 -34.40 -1.54
CA GLY C 246 10.31 -33.69 -2.78
C GLY C 246 10.67 -32.23 -2.55
N PHE C 247 11.30 -31.63 -3.53
CA PHE C 247 11.66 -30.18 -3.53
C PHE C 247 11.18 -29.45 -4.79
N MET C 248 10.62 -28.24 -4.70
CA MET C 248 10.49 -27.34 -5.87
C MET C 248 11.87 -26.71 -6.00
N LEU C 249 12.41 -26.72 -7.20
CA LEU C 249 13.55 -25.86 -7.60
C LEU C 249 12.94 -24.89 -8.60
N CYS C 250 13.05 -23.58 -8.39
CA CYS C 250 12.63 -22.55 -9.38
C CYS C 250 13.70 -21.49 -9.55
N SER C 251 13.85 -20.95 -10.75
CA SER C 251 14.70 -19.74 -10.95
C SER C 251 13.84 -18.59 -11.50
N THR C 252 14.18 -17.38 -11.08
CA THR C 252 13.74 -16.17 -11.82
C THR C 252 14.42 -16.18 -13.21
N GLU C 253 13.70 -15.62 -14.16
CA GLU C 253 14.15 -15.43 -15.55
C GLU C 253 15.37 -14.51 -15.58
N GLY C 254 16.27 -14.74 -16.52
CA GLY C 254 17.54 -14.01 -16.60
C GLY C 254 18.64 -14.97 -17.01
N PRO C 255 19.80 -15.01 -16.30
CA PRO C 255 20.78 -16.06 -16.55
C PRO C 255 20.12 -17.45 -16.55
N ASP C 256 20.44 -18.32 -17.53
CA ASP C 256 19.90 -19.70 -17.64
C ASP C 256 20.34 -20.54 -16.43
N VAL C 257 19.40 -21.33 -15.91
CA VAL C 257 19.69 -22.28 -14.79
C VAL C 257 19.21 -23.66 -15.21
N ASP C 258 20.15 -24.62 -15.19
CA ASP C 258 19.91 -26.04 -15.52
C ASP C 258 20.09 -26.84 -14.22
N PHE C 259 18.99 -26.96 -13.51
CA PHE C 259 18.91 -27.68 -12.22
C PHE C 259 19.39 -29.10 -12.36
N LYS C 260 19.14 -29.71 -13.51
CA LYS C 260 19.34 -31.17 -13.74
C LYS C 260 20.81 -31.47 -13.96
N HIS C 261 21.60 -30.46 -14.34
CA HIS C 261 23.05 -30.61 -14.60
C HIS C 261 23.84 -29.58 -13.81
N PRO C 262 24.09 -29.79 -12.49
CA PRO C 262 24.71 -28.78 -11.61
C PRO C 262 26.07 -28.28 -12.11
N LEU C 263 26.24 -26.98 -12.41
CA LEU C 263 27.52 -26.43 -12.92
C LEU C 263 28.43 -25.95 -11.78
N ASN C 264 27.96 -25.98 -10.52
CA ASN C 264 28.70 -25.49 -9.32
C ASN C 264 28.91 -26.62 -8.31
N PRO C 265 29.59 -27.70 -8.71
CA PRO C 265 29.77 -28.84 -7.81
C PRO C 265 30.47 -28.52 -6.51
N ILE C 266 29.98 -29.13 -5.44
CA ILE C 266 30.55 -28.92 -4.09
C ILE C 266 31.59 -30.01 -3.89
N ASP C 267 32.78 -29.59 -3.48
CA ASP C 267 33.86 -30.53 -3.12
C ASP C 267 33.22 -31.73 -2.40
N GLY C 275 32.75 -32.98 8.05
CA GLY C 275 33.06 -34.32 7.48
C GLY C 275 32.65 -34.45 6.01
N PRO C 276 32.91 -35.60 5.34
CA PRO C 276 32.45 -35.81 3.97
C PRO C 276 30.92 -35.71 3.87
N LEU C 277 30.42 -35.46 2.65
CA LEU C 277 28.98 -35.62 2.38
C LEU C 277 28.59 -37.09 2.54
N LYS C 278 27.53 -37.40 3.28
CA LYS C 278 27.05 -38.78 3.48
C LYS C 278 26.09 -39.20 2.38
N PHE C 279 25.45 -38.26 1.71
CA PHE C 279 24.28 -38.58 0.87
C PHE C 279 24.49 -38.00 -0.53
N TYR C 280 24.40 -36.68 -0.63
CA TYR C 280 24.50 -35.89 -1.89
C TYR C 280 25.78 -36.23 -2.66
N ASN C 281 25.63 -36.17 -3.98
CA ASN C 281 26.71 -36.30 -4.98
C ASN C 281 26.11 -35.87 -6.30
N ALA C 282 26.96 -35.53 -7.27
CA ALA C 282 26.62 -34.87 -8.53
C ALA C 282 25.69 -35.80 -9.30
N GLU C 283 25.97 -37.10 -9.32
CA GLU C 283 25.12 -38.06 -10.08
C GLU C 283 23.72 -38.10 -9.47
N ILE C 284 23.61 -38.02 -8.14
CA ILE C 284 22.31 -38.26 -7.45
C ILE C 284 21.49 -36.97 -7.56
N HIS C 285 22.17 -35.84 -7.70
CA HIS C 285 21.57 -34.52 -8.00
C HIS C 285 20.70 -34.63 -9.26
N SER C 286 21.25 -35.13 -10.35
CA SER C 286 20.51 -35.28 -11.63
C SER C 286 19.43 -36.37 -11.51
N ALA C 287 19.73 -37.45 -10.81
CA ALA C 287 18.80 -38.60 -10.64
C ALA C 287 17.54 -38.15 -9.90
N ALA C 288 17.66 -37.14 -9.05
CA ALA C 288 16.52 -36.74 -8.19
C ALA C 288 15.40 -36.06 -9.04
N PHE C 289 15.68 -35.69 -10.29
CA PHE C 289 14.67 -35.05 -11.18
C PHE C 289 14.06 -36.10 -12.09
N CYS C 290 14.50 -37.36 -12.00
CA CYS C 290 13.94 -38.51 -12.78
C CYS C 290 12.88 -39.15 -11.89
N LEU C 291 11.63 -38.69 -12.06
CA LEU C 291 10.42 -39.18 -11.35
C LEU C 291 9.78 -40.42 -11.98
N PRO C 292 8.93 -41.10 -11.18
CA PRO C 292 8.12 -42.21 -11.67
C PRO C 292 7.02 -41.67 -12.57
N SER C 293 6.63 -42.49 -13.55
CA SER C 293 5.73 -42.09 -14.64
C SER C 293 4.46 -41.45 -14.07
N PHE C 294 3.82 -41.92 -13.00
CA PHE C 294 2.54 -41.31 -12.54
C PHE C 294 2.79 -39.86 -12.09
N ALA C 295 3.97 -39.56 -11.54
CA ALA C 295 4.29 -38.20 -11.05
C ALA C 295 4.77 -37.28 -12.19
N LYS C 296 5.70 -37.76 -13.01
CA LYS C 296 6.26 -36.99 -14.15
C LYS C 296 5.10 -36.46 -15.03
N LYS C 297 4.08 -37.28 -15.28
CA LYS C 297 2.91 -36.89 -16.12
C LYS C 297 2.28 -35.61 -15.54
N VAL C 298 2.06 -35.58 -14.22
CA VAL C 298 1.46 -34.40 -13.55
C VAL C 298 2.47 -33.27 -13.57
N ILE C 299 3.68 -33.47 -13.06
CA ILE C 299 4.61 -32.33 -12.83
C ILE C 299 4.95 -31.62 -14.14
N GLU C 300 5.05 -32.35 -15.26
CA GLU C 300 5.47 -31.79 -16.57
C GLU C 300 4.23 -31.46 -17.41
N SER C 301 3.01 -31.58 -16.86
CA SER C 301 1.75 -31.40 -17.63
C SER C 301 1.71 -29.99 -18.26
N LYS C 302 2.24 -28.98 -17.56
CA LYS C 302 2.16 -27.56 -18.01
C LYS C 302 3.57 -27.02 -18.23
N ALA C 303 4.52 -27.90 -18.58
CA ALA C 303 5.92 -27.52 -18.88
C ALA C 303 5.92 -26.92 -20.29
N SER D 1 -11.09 -78.80 17.60
CA SER D 1 -9.61 -78.88 17.47
C SER D 1 -8.99 -77.59 18.01
N ASN D 2 -7.67 -77.58 18.14
CA ASN D 2 -6.92 -76.47 18.79
C ASN D 2 -5.45 -76.64 18.39
N ALA D 3 -4.64 -75.68 18.78
CA ALA D 3 -3.20 -75.66 18.47
C ALA D 3 -2.56 -74.77 19.54
N LYS D 4 -1.24 -74.72 19.58
CA LYS D 4 -0.53 -73.66 20.34
C LYS D 4 -1.25 -72.31 20.11
N LYS D 5 -1.45 -71.58 21.21
CA LYS D 5 -1.87 -70.17 21.24
C LYS D 5 -1.02 -69.36 20.23
N GLU D 6 -1.65 -68.58 19.38
CA GLU D 6 -0.88 -67.68 18.51
C GLU D 6 -1.07 -66.28 19.06
N PRO D 7 -0.01 -65.46 19.10
CA PRO D 7 -0.14 -64.09 19.60
C PRO D 7 -1.02 -63.23 18.66
N ALA D 8 -1.69 -62.23 19.22
CA ALA D 8 -2.52 -61.29 18.44
C ALA D 8 -1.59 -60.64 17.41
N CYS D 9 -2.05 -60.50 16.16
CA CYS D 9 -1.28 -59.96 15.00
C CYS D 9 -1.64 -58.49 14.71
N PHE D 10 -2.81 -58.01 15.17
CA PHE D 10 -3.41 -56.67 14.91
C PHE D 10 -3.55 -55.91 16.23
N SER D 11 -3.49 -54.57 16.18
CA SER D 11 -3.64 -53.64 17.32
C SER D 11 -2.48 -53.78 18.32
N THR D 12 -1.30 -54.17 17.86
CA THR D 12 -0.09 -54.39 18.72
C THR D 12 0.51 -53.05 19.21
N VAL D 13 0.17 -51.97 18.51
CA VAL D 13 0.76 -50.63 18.77
C VAL D 13 -0.35 -49.59 18.86
N ILE D 14 -1.24 -49.59 17.87
CA ILE D 14 -2.37 -48.64 17.71
C ILE D 14 -3.61 -49.49 17.50
N PRO D 15 -4.65 -49.40 18.36
CA PRO D 15 -5.84 -50.22 18.15
C PRO D 15 -6.42 -50.05 16.74
N GLY D 16 -6.71 -51.15 16.04
CA GLY D 16 -7.41 -51.06 14.75
C GLY D 16 -6.44 -50.93 13.58
N TRP D 17 -5.13 -51.03 13.87
CA TRP D 17 -4.00 -50.87 12.90
C TRP D 17 -3.07 -52.09 12.94
N PHE D 18 -2.37 -52.31 11.84
CA PHE D 18 -1.39 -53.42 11.69
C PHE D 18 0.02 -52.82 11.72
N SER D 19 0.84 -53.30 12.63
CA SER D 19 2.23 -52.84 12.82
C SER D 19 3.19 -53.93 12.40
N GLU D 20 4.02 -53.59 11.42
CA GLU D 20 5.09 -54.46 10.86
C GLU D 20 6.32 -54.44 11.76
N MET D 21 6.42 -55.44 12.65
CA MET D 21 7.63 -55.77 13.44
C MET D 21 8.50 -56.78 12.69
N SER D 22 9.82 -56.67 12.83
CA SER D 22 10.78 -57.74 12.52
C SER D 22 12.07 -57.46 13.29
N PRO D 23 12.91 -58.47 13.57
CA PRO D 23 14.28 -58.18 13.96
C PRO D 23 15.09 -57.61 12.79
N MET D 24 14.58 -57.66 11.55
CA MET D 24 15.29 -57.08 10.35
C MET D 24 15.20 -55.53 10.30
N TRP D 25 14.28 -54.90 11.03
CA TRP D 25 14.29 -53.41 11.17
C TRP D 25 13.93 -53.06 12.62
N PRO D 26 14.87 -53.30 13.58
CA PRO D 26 14.55 -53.17 15.00
C PRO D 26 14.25 -51.70 15.38
N GLY D 27 13.50 -51.54 16.46
CA GLY D 27 13.16 -50.24 17.03
C GLY D 27 12.26 -49.43 16.11
N GLU D 28 11.59 -50.05 15.13
CA GLU D 28 10.66 -49.27 14.27
C GLU D 28 9.60 -50.17 13.64
N ALA D 29 8.53 -49.56 13.12
CA ALA D 29 7.41 -50.30 12.48
C ALA D 29 6.60 -49.36 11.62
N HIS D 30 6.32 -49.76 10.39
CA HIS D 30 5.30 -49.10 9.53
C HIS D 30 3.94 -49.63 9.99
N SER D 31 2.96 -48.75 10.27
CA SER D 31 1.59 -49.11 10.65
C SER D 31 0.60 -48.69 9.53
N LEU D 32 -0.41 -49.52 9.30
CA LEU D 32 -1.46 -49.23 8.31
C LEU D 32 -2.81 -49.53 8.94
N LYS D 33 -3.73 -48.57 8.81
CA LYS D 33 -5.09 -48.69 9.37
C LYS D 33 -5.75 -49.83 8.61
N VAL D 34 -6.39 -50.72 9.36
CA VAL D 34 -6.95 -51.98 8.82
C VAL D 34 -8.47 -51.82 8.82
N GLU D 35 -9.05 -51.98 7.62
CA GLU D 35 -10.52 -51.86 7.42
C GLU D 35 -11.14 -53.24 7.63
N LYS D 36 -10.47 -54.30 7.18
CA LYS D 36 -11.00 -55.66 7.39
C LYS D 36 -9.92 -56.70 7.08
N VAL D 37 -9.84 -57.76 7.89
CA VAL D 37 -8.92 -58.90 7.62
C VAL D 37 -9.62 -59.87 6.66
N LEU D 38 -9.07 -60.11 5.48
CA LEU D 38 -9.80 -60.85 4.41
C LEU D 38 -9.39 -62.31 4.46
N PHE D 39 -8.20 -62.58 5.01
CA PHE D 39 -7.68 -63.95 5.05
C PHE D 39 -6.62 -64.09 6.13
N GLN D 40 -6.68 -65.22 6.80
CA GLN D 40 -5.60 -65.59 7.75
C GLN D 40 -5.39 -67.10 7.65
N GLY D 41 -4.17 -67.55 7.36
CA GLY D 41 -3.95 -69.00 7.26
C GLY D 41 -2.50 -69.36 7.52
N LYS D 42 -2.23 -70.63 7.74
CA LYS D 42 -0.84 -71.14 7.93
C LYS D 42 -0.59 -72.13 6.80
N SER D 43 0.41 -71.88 5.97
CA SER D 43 0.80 -72.88 4.96
C SER D 43 1.74 -73.91 5.61
N ASP D 44 2.27 -74.80 4.77
CA ASP D 44 3.42 -75.67 5.10
C ASP D 44 4.68 -74.84 5.39
N TYR D 45 4.72 -73.57 4.96
CA TYR D 45 5.96 -72.78 5.16
C TYR D 45 5.79 -71.39 5.80
N GLN D 46 4.57 -70.84 5.92
CA GLN D 46 4.45 -69.40 6.30
C GLN D 46 3.10 -69.09 6.95
N ASP D 47 3.04 -68.05 7.77
CA ASP D 47 1.73 -67.48 8.17
C ASP D 47 1.35 -66.51 7.06
N VAL D 48 0.14 -66.65 6.54
CA VAL D 48 -0.41 -65.80 5.46
C VAL D 48 -1.58 -64.94 5.98
N ILE D 49 -1.49 -63.63 5.76
CA ILE D 49 -2.59 -62.70 6.08
C ILE D 49 -2.88 -61.89 4.82
N VAL D 50 -4.16 -61.71 4.54
CA VAL D 50 -4.60 -60.64 3.61
C VAL D 50 -5.54 -59.67 4.35
N PHE D 51 -5.33 -58.35 4.24
CA PHE D 51 -6.23 -57.36 4.87
C PHE D 51 -6.46 -56.22 3.88
N GLN D 52 -7.72 -55.76 3.79
CA GLN D 52 -8.08 -54.41 3.27
C GLN D 52 -7.57 -53.38 4.27
N SER D 53 -6.60 -52.56 3.85
CA SER D 53 -6.08 -51.37 4.58
C SER D 53 -7.04 -50.18 4.32
N ALA D 54 -7.02 -49.11 5.14
CA ALA D 54 -7.87 -47.92 4.91
C ALA D 54 -7.42 -47.18 3.65
N THR D 55 -6.11 -46.98 3.42
CA THR D 55 -5.67 -46.05 2.34
C THR D 55 -4.66 -46.65 1.35
N TYR D 56 -4.27 -47.92 1.54
CA TYR D 56 -3.29 -48.56 0.62
C TYR D 56 -3.93 -49.71 -0.15
N GLY D 57 -5.26 -49.85 -0.12
CA GLY D 57 -5.98 -50.96 -0.75
C GLY D 57 -5.70 -52.25 0.01
N LYS D 58 -5.71 -53.38 -0.73
CA LYS D 58 -5.42 -54.72 -0.15
C LYS D 58 -3.92 -54.90 0.10
N VAL D 59 -3.60 -55.65 1.15
CA VAL D 59 -2.25 -55.90 1.71
C VAL D 59 -2.04 -57.40 1.89
N LEU D 60 -0.89 -57.88 1.37
CA LEU D 60 -0.43 -59.25 1.62
C LEU D 60 0.70 -59.23 2.65
N VAL D 61 0.54 -60.09 3.64
CA VAL D 61 1.51 -60.20 4.73
C VAL D 61 1.99 -61.64 4.86
N LEU D 62 3.30 -61.80 4.96
CA LEU D 62 3.90 -63.13 5.19
C LEU D 62 4.80 -63.09 6.42
N ASP D 63 4.56 -64.01 7.37
CA ASP D 63 5.36 -64.13 8.61
C ASP D 63 5.45 -62.75 9.27
N GLY D 64 4.38 -61.95 9.14
CA GLY D 64 4.25 -60.63 9.77
C GLY D 64 4.87 -59.53 8.92
N VAL D 65 5.33 -59.82 7.73
CA VAL D 65 6.03 -58.77 6.94
C VAL D 65 5.19 -58.42 5.71
N ILE D 66 5.10 -57.12 5.41
CA ILE D 66 4.31 -56.67 4.22
C ILE D 66 5.08 -57.10 2.96
N GLN D 67 4.38 -57.81 2.08
CA GLN D 67 4.89 -58.29 0.79
C GLN D 67 4.43 -57.30 -0.28
N LEU D 68 3.19 -56.80 -0.19
CA LEU D 68 2.61 -55.92 -1.23
CA LEU D 68 2.58 -55.96 -1.26
C LEU D 68 1.29 -55.23 -0.82
N THR D 69 1.09 -54.05 -1.41
CA THR D 69 -0.18 -53.30 -1.24
C THR D 69 -0.61 -52.87 -2.64
N GLU D 70 -1.90 -52.76 -2.89
CA GLU D 70 -2.33 -52.35 -4.24
C GLU D 70 -1.72 -51.01 -4.58
N ARG D 71 -1.64 -50.07 -3.63
CA ARG D 71 -1.34 -48.64 -3.93
C ARG D 71 0.07 -48.46 -4.51
N ASP D 72 1.07 -49.14 -3.97
CA ASP D 72 2.47 -48.85 -4.38
C ASP D 72 3.12 -50.06 -5.06
N GLU D 73 2.41 -51.15 -5.36
CA GLU D 73 3.07 -52.38 -5.90
CA GLU D 73 3.07 -52.38 -5.90
C GLU D 73 3.74 -52.17 -7.28
N CYS D 74 3.28 -51.15 -7.98
CA CYS D 74 3.75 -50.81 -9.33
C CYS D 74 5.24 -50.53 -9.28
N ALA D 75 5.76 -49.93 -8.21
CA ALA D 75 7.20 -49.59 -8.23
C ALA D 75 8.04 -50.87 -8.16
N TYR D 76 7.87 -51.70 -7.15
CA TYR D 76 8.71 -52.92 -7.01
C TYR D 76 8.57 -53.81 -8.24
N GLN D 77 7.34 -54.07 -8.69
CA GLN D 77 7.07 -55.03 -9.82
CA GLN D 77 7.05 -55.01 -9.82
C GLN D 77 7.59 -54.53 -11.16
N GLU D 78 7.45 -53.23 -11.45
CA GLU D 78 7.95 -52.66 -12.72
C GLU D 78 9.49 -52.58 -12.69
N MET D 79 10.07 -52.11 -11.60
CA MET D 79 11.55 -51.88 -11.51
C MET D 79 12.23 -53.24 -11.50
N ILE D 80 11.77 -54.18 -10.65
CA ILE D 80 12.46 -55.51 -10.59
C ILE D 80 12.41 -56.24 -11.94
N THR D 81 11.43 -55.97 -12.79
CA THR D 81 11.22 -56.67 -14.09
C THR D 81 11.96 -55.89 -15.21
N HIS D 82 11.76 -54.59 -15.35
CA HIS D 82 12.23 -53.90 -16.57
C HIS D 82 13.70 -53.45 -16.42
N LEU D 83 14.26 -53.43 -15.22
CA LEU D 83 15.72 -53.16 -15.09
C LEU D 83 16.53 -54.28 -15.78
N PRO D 84 16.30 -55.57 -15.47
CA PRO D 84 16.93 -56.66 -16.23
C PRO D 84 16.45 -56.77 -17.69
N LEU D 85 15.13 -56.79 -17.89
CA LEU D 85 14.60 -57.31 -19.18
C LEU D 85 14.75 -56.24 -20.24
N CYS D 86 14.91 -54.99 -19.85
CA CYS D 86 15.20 -53.87 -20.81
C CYS D 86 16.70 -53.69 -21.02
N SER D 87 17.56 -54.47 -20.35
CA SER D 87 19.04 -54.41 -20.45
C SER D 87 19.59 -55.47 -21.43
N ILE D 88 18.73 -56.30 -21.99
CA ILE D 88 19.22 -57.41 -22.85
C ILE D 88 18.33 -57.44 -24.07
N PRO D 89 18.88 -57.80 -25.25
CA PRO D 89 18.08 -57.83 -26.47
C PRO D 89 17.09 -59.02 -26.46
N ASN D 90 15.87 -58.84 -26.99
CA ASN D 90 14.96 -59.98 -27.33
C ASN D 90 14.94 -61.06 -26.26
N PRO D 91 14.68 -60.73 -24.99
CA PRO D 91 14.45 -61.74 -23.96
C PRO D 91 13.31 -62.65 -24.43
N LYS D 92 13.56 -63.95 -24.32
CA LYS D 92 12.62 -65.02 -24.71
C LYS D 92 12.22 -65.87 -23.51
N LYS D 93 13.22 -66.37 -22.77
CA LYS D 93 13.07 -67.40 -21.69
C LYS D 93 13.35 -66.75 -20.33
N VAL D 94 12.35 -66.57 -19.46
CA VAL D 94 12.62 -65.90 -18.15
C VAL D 94 12.27 -66.86 -17.01
N LEU D 95 13.05 -66.84 -15.94
CA LEU D 95 12.74 -67.63 -14.70
C LEU D 95 12.43 -66.68 -13.55
N VAL D 96 11.28 -66.86 -12.93
CA VAL D 96 10.91 -66.08 -11.73
C VAL D 96 10.89 -67.02 -10.52
N ILE D 97 11.65 -66.68 -9.52
CA ILE D 97 11.71 -67.38 -8.21
C ILE D 97 10.93 -66.53 -7.20
N GLY D 98 10.04 -67.17 -6.45
CA GLY D 98 9.09 -66.48 -5.56
C GLY D 98 7.96 -65.92 -6.41
N GLY D 99 7.58 -64.67 -6.20
CA GLY D 99 6.65 -63.98 -7.11
C GLY D 99 5.21 -64.42 -6.96
N GLY D 100 4.82 -65.03 -5.83
CA GLY D 100 3.56 -65.77 -5.70
C GLY D 100 2.37 -64.88 -5.99
N ASP D 101 2.49 -63.59 -5.72
CA ASP D 101 1.38 -62.65 -5.99
C ASP D 101 1.11 -62.53 -7.48
N GLY D 102 2.06 -62.88 -8.37
CA GLY D 102 1.86 -62.77 -9.82
C GLY D 102 2.11 -61.38 -10.42
N GLY D 103 2.48 -60.36 -9.61
CA GLY D 103 2.82 -59.02 -10.12
C GLY D 103 3.94 -59.06 -11.14
N VAL D 104 5.02 -59.74 -10.81
CA VAL D 104 6.20 -59.80 -11.72
C VAL D 104 5.89 -60.61 -12.99
N LEU D 105 5.11 -61.69 -12.88
CA LEU D 105 4.58 -62.40 -14.07
C LEU D 105 4.01 -61.38 -15.01
N ARG D 106 3.12 -60.56 -14.49
CA ARG D 106 2.31 -59.62 -15.28
C ARG D 106 3.21 -58.60 -15.99
N GLU D 107 4.28 -58.15 -15.31
CA GLU D 107 5.31 -57.25 -15.88
C GLU D 107 6.21 -58.02 -16.86
N VAL D 108 6.59 -59.28 -16.60
CA VAL D 108 7.37 -60.09 -17.60
C VAL D 108 6.53 -60.16 -18.88
N ALA D 109 5.21 -60.40 -18.76
CA ALA D 109 4.29 -60.60 -19.92
C ALA D 109 4.20 -59.37 -20.81
N ARG D 110 4.53 -58.16 -20.35
CA ARG D 110 4.56 -56.93 -21.20
C ARG D 110 5.52 -57.07 -22.38
N HIS D 111 6.65 -57.74 -22.18
CA HIS D 111 7.69 -57.94 -23.23
C HIS D 111 7.19 -58.90 -24.31
N ALA D 112 7.09 -58.40 -25.54
CA ALA D 112 6.42 -59.08 -26.66
C ALA D 112 7.28 -60.30 -27.05
N SER D 113 8.61 -60.21 -26.94
CA SER D 113 9.65 -61.22 -27.30
C SER D 113 9.59 -62.49 -26.42
N ILE D 114 9.00 -62.41 -25.22
CA ILE D 114 8.96 -63.51 -24.23
C ILE D 114 8.13 -64.68 -24.78
N GLU D 115 8.68 -65.87 -24.69
CA GLU D 115 8.08 -67.12 -25.24
C GLU D 115 7.76 -68.09 -24.12
N GLN D 116 8.57 -68.08 -23.04
CA GLN D 116 8.31 -68.91 -21.85
C GLN D 116 8.70 -68.10 -20.60
N ILE D 117 7.77 -68.02 -19.68
CA ILE D 117 8.01 -67.57 -18.28
C ILE D 117 7.84 -68.81 -17.37
N ASP D 118 8.93 -69.30 -16.81
CA ASP D 118 8.86 -70.33 -15.76
C ASP D 118 8.87 -69.64 -14.42
N MET D 119 8.13 -70.20 -13.45
CA MET D 119 8.11 -69.67 -12.06
C MET D 119 8.18 -70.84 -11.10
N CYS D 120 8.99 -70.64 -10.07
CA CYS D 120 9.08 -71.52 -8.91
C CYS D 120 8.78 -70.72 -7.62
N GLU D 121 7.55 -70.88 -7.10
CA GLU D 121 7.07 -70.32 -5.82
C GLU D 121 6.98 -71.44 -4.79
N ILE D 122 7.45 -71.25 -3.55
CA ILE D 122 7.50 -72.39 -2.61
C ILE D 122 6.11 -72.66 -2.02
N ASP D 123 5.23 -71.63 -2.02
CA ASP D 123 3.99 -71.61 -1.20
C ASP D 123 2.71 -71.46 -2.03
N LYS D 124 2.02 -72.59 -2.21
CA LYS D 124 0.73 -72.70 -2.95
C LYS D 124 -0.24 -71.72 -2.34
N MET D 125 -0.22 -71.63 -1.01
CA MET D 125 -1.15 -70.72 -0.30
C MET D 125 -0.96 -69.27 -0.77
N VAL D 126 0.28 -68.82 -0.95
CA VAL D 126 0.51 -67.44 -1.49
C VAL D 126 -0.19 -67.29 -2.86
N VAL D 127 0.07 -68.25 -3.76
CA VAL D 127 -0.64 -68.30 -5.08
C VAL D 127 -2.16 -68.28 -4.92
N ASP D 128 -2.75 -69.15 -4.10
CA ASP D 128 -4.24 -69.25 -4.10
C ASP D 128 -4.85 -67.93 -3.58
N VAL D 129 -4.31 -67.38 -2.49
CA VAL D 129 -4.89 -66.14 -1.89
C VAL D 129 -4.59 -64.96 -2.81
N SER D 130 -3.50 -64.99 -3.55
CA SER D 130 -3.25 -63.88 -4.49
C SER D 130 -4.30 -63.89 -5.63
N LYS D 131 -4.54 -65.05 -6.21
CA LYS D 131 -5.57 -65.26 -7.25
C LYS D 131 -6.93 -64.85 -6.70
N GLN D 132 -7.18 -65.08 -5.42
CA GLN D 132 -8.52 -64.78 -4.87
C GLN D 132 -8.63 -63.28 -4.65
N PHE D 133 -7.82 -62.68 -3.79
CA PHE D 133 -8.12 -61.33 -3.24
C PHE D 133 -7.56 -60.21 -4.13
N PHE D 134 -6.64 -60.52 -5.03
CA PHE D 134 -5.87 -59.52 -5.79
C PHE D 134 -5.96 -59.76 -7.28
N PRO D 135 -7.10 -59.44 -7.88
CA PRO D 135 -7.40 -59.79 -9.28
C PRO D 135 -6.56 -59.05 -10.35
N ASP D 136 -5.98 -57.91 -10.01
CA ASP D 136 -5.19 -57.10 -10.97
C ASP D 136 -3.71 -57.42 -10.85
N VAL D 137 -3.31 -58.13 -9.79
CA VAL D 137 -1.91 -58.59 -9.55
C VAL D 137 -1.74 -60.00 -10.17
N ALA D 138 -2.64 -60.92 -9.76
CA ALA D 138 -2.69 -62.37 -10.11
C ALA D 138 -3.22 -62.64 -11.55
N ILE D 139 -3.87 -61.69 -12.23
CA ILE D 139 -4.44 -61.89 -13.61
C ILE D 139 -3.49 -62.71 -14.54
N GLY D 140 -2.21 -62.34 -14.59
CA GLY D 140 -1.17 -62.95 -15.43
C GLY D 140 -1.19 -64.47 -15.42
N TYR D 141 -1.43 -65.13 -14.27
CA TYR D 141 -1.20 -66.57 -14.02
C TYR D 141 -1.77 -67.46 -15.13
N GLU D 142 -2.77 -66.98 -15.84
CA GLU D 142 -3.41 -67.81 -16.90
C GLU D 142 -2.81 -67.46 -18.28
N ASP D 143 -2.02 -66.39 -18.43
CA ASP D 143 -1.19 -66.15 -19.65
C ASP D 143 -0.54 -67.45 -20.10
N PRO D 144 -0.66 -67.78 -21.41
CA PRO D 144 -0.28 -69.12 -21.89
C PRO D 144 1.23 -69.39 -21.74
N ARG D 145 2.05 -68.37 -21.66
CA ARG D 145 3.51 -68.48 -21.48
C ARG D 145 3.91 -68.80 -20.04
N VAL D 146 3.00 -68.84 -19.07
CA VAL D 146 3.40 -68.98 -17.65
C VAL D 146 3.42 -70.48 -17.31
N ASN D 147 4.55 -70.98 -16.82
CA ASN D 147 4.72 -72.38 -16.36
C ASN D 147 5.07 -72.36 -14.87
N LEU D 148 4.06 -72.59 -14.03
CA LEU D 148 4.17 -72.44 -12.56
C LEU D 148 4.58 -73.77 -11.94
N VAL D 149 5.70 -73.78 -11.21
CA VAL D 149 6.07 -74.95 -10.35
C VAL D 149 5.94 -74.49 -8.90
N ILE D 150 5.36 -75.29 -8.04
CA ILE D 150 5.44 -75.08 -6.56
C ILE D 150 6.66 -75.85 -6.06
N GLY D 151 7.59 -75.16 -5.43
CA GLY D 151 8.85 -75.79 -5.03
C GLY D 151 9.80 -74.78 -4.47
N ASP D 152 10.91 -75.26 -3.92
CA ASP D 152 11.95 -74.37 -3.38
C ASP D 152 12.78 -73.98 -4.61
N GLY D 153 13.00 -72.70 -4.81
CA GLY D 153 13.77 -72.24 -5.96
C GLY D 153 15.21 -72.69 -5.89
N VAL D 154 15.73 -73.06 -4.74
CA VAL D 154 17.13 -73.59 -4.66
C VAL D 154 17.16 -74.95 -5.36
N ALA D 155 16.15 -75.80 -5.09
CA ALA D 155 16.03 -77.13 -5.74
C ALA D 155 15.76 -76.90 -7.24
N PHE D 156 15.00 -75.89 -7.62
CA PHE D 156 14.61 -75.68 -9.05
C PHE D 156 15.82 -75.28 -9.86
N LEU D 157 16.60 -74.31 -9.39
CA LEU D 157 17.85 -73.87 -10.07
C LEU D 157 18.85 -75.05 -10.25
N LYS D 158 18.94 -75.98 -9.31
CA LYS D 158 19.88 -77.11 -9.48
C LYS D 158 19.41 -78.01 -10.65
N ASN D 159 18.12 -78.00 -10.94
CA ASN D 159 17.52 -78.86 -11.99
C ASN D 159 17.70 -78.21 -13.38
N ALA D 160 17.99 -76.94 -13.44
CA ALA D 160 17.92 -76.14 -14.69
C ALA D 160 18.92 -76.66 -15.74
N ALA D 161 18.51 -76.78 -17.00
CA ALA D 161 19.47 -77.00 -18.12
C ALA D 161 20.46 -75.80 -18.20
N GLU D 162 21.77 -76.08 -18.23
CA GLU D 162 22.90 -75.10 -18.29
C GLU D 162 22.61 -74.10 -19.42
N GLY D 163 22.66 -72.78 -19.16
CA GLY D 163 22.50 -71.75 -20.19
C GLY D 163 21.09 -71.67 -20.76
N SER D 164 20.09 -72.18 -20.05
CA SER D 164 18.70 -72.26 -20.55
C SER D 164 18.01 -70.91 -20.47
N TYR D 165 18.55 -69.98 -19.66
CA TYR D 165 17.80 -68.77 -19.28
C TYR D 165 18.50 -67.51 -19.81
N ASP D 166 17.72 -66.58 -20.39
CA ASP D 166 18.09 -65.15 -20.63
C ASP D 166 18.11 -64.34 -19.33
N ALA D 167 17.12 -64.53 -18.43
CA ALA D 167 16.91 -63.70 -17.21
C ALA D 167 16.36 -64.56 -16.07
N VAL D 168 16.84 -64.31 -14.87
CA VAL D 168 16.25 -64.92 -13.67
C VAL D 168 15.88 -63.74 -12.80
N ILE D 169 14.65 -63.69 -12.27
CA ILE D 169 14.25 -62.58 -11.36
C ILE D 169 13.93 -63.28 -10.08
N VAL D 170 14.61 -62.90 -9.01
CA VAL D 170 14.41 -63.52 -7.67
C VAL D 170 13.56 -62.54 -6.86
N ASP D 171 12.25 -62.74 -6.97
CA ASP D 171 11.25 -61.94 -6.25
C ASP D 171 10.94 -62.64 -4.94
N SER D 172 11.84 -62.58 -3.96
CA SER D 172 11.68 -63.35 -2.71
C SER D 172 11.33 -62.44 -1.54
N SER D 173 10.90 -63.10 -0.48
CA SER D 173 10.61 -62.54 0.86
C SER D 173 11.98 -62.42 1.55
N ASP D 174 12.03 -62.08 2.82
CA ASP D 174 13.27 -61.64 3.48
C ASP D 174 14.08 -62.89 3.80
N PRO D 175 15.39 -62.76 4.15
CA PRO D 175 16.21 -63.90 4.59
C PRO D 175 15.75 -64.65 5.85
N ILE D 176 14.82 -64.09 6.62
CA ILE D 176 14.21 -64.85 7.73
C ILE D 176 13.02 -65.58 7.17
N GLY D 177 13.07 -66.91 7.20
CA GLY D 177 12.03 -67.75 6.60
C GLY D 177 12.55 -68.54 5.41
N PRO D 178 11.64 -69.03 4.54
CA PRO D 178 12.04 -69.95 3.50
C PRO D 178 12.93 -69.30 2.45
N ALA D 179 13.05 -67.96 2.43
CA ALA D 179 13.85 -67.29 1.40
C ALA D 179 15.33 -67.35 1.82
N LYS D 180 15.61 -67.84 3.03
CA LYS D 180 16.99 -67.78 3.61
C LYS D 180 18.07 -68.07 2.55
N GLU D 181 18.07 -69.26 1.94
CA GLU D 181 19.23 -69.76 1.17
C GLU D 181 19.29 -69.04 -0.19
N LEU D 182 18.29 -68.22 -0.53
CA LEU D 182 18.22 -67.47 -1.82
C LEU D 182 19.11 -66.22 -1.77
N PHE D 183 19.70 -65.90 -0.63
CA PHE D 183 20.61 -64.72 -0.51
C PHE D 183 22.05 -65.21 -0.36
N GLU D 184 22.28 -66.55 -0.38
CA GLU D 184 23.62 -67.14 -0.11
C GLU D 184 24.32 -67.52 -1.42
N LYS D 185 25.64 -67.65 -1.38
CA LYS D 185 26.45 -67.78 -2.61
C LYS D 185 26.11 -69.07 -3.37
N PRO D 186 25.88 -70.27 -2.77
CA PRO D 186 25.59 -71.46 -3.59
C PRO D 186 24.45 -71.17 -4.57
N PHE D 187 23.44 -70.44 -4.10
CA PHE D 187 22.24 -70.14 -4.90
C PHE D 187 22.65 -69.26 -6.08
N PHE D 188 23.31 -68.14 -5.81
CA PHE D 188 23.87 -67.28 -6.88
C PHE D 188 24.76 -68.06 -7.88
N GLN D 189 25.61 -69.00 -7.42
CA GLN D 189 26.40 -69.90 -8.31
C GLN D 189 25.45 -70.66 -9.24
N SER D 190 24.42 -71.32 -8.69
CA SER D 190 23.39 -72.10 -9.45
C SER D 190 22.73 -71.22 -10.50
N VAL D 191 22.40 -69.98 -10.14
CA VAL D 191 21.79 -68.98 -11.08
C VAL D 191 22.78 -68.71 -12.24
N ALA D 192 24.09 -68.52 -12.00
CA ALA D 192 25.03 -68.20 -13.09
C ALA D 192 25.09 -69.41 -14.06
N ARG D 193 25.08 -70.62 -13.54
CA ARG D 193 25.13 -71.83 -14.39
C ARG D 193 23.89 -71.85 -15.29
N ALA D 194 22.73 -71.52 -14.74
CA ALA D 194 21.40 -71.55 -15.42
C ALA D 194 21.29 -70.51 -16.55
N LEU D 195 21.99 -69.38 -16.42
CA LEU D 195 21.93 -68.24 -17.38
C LEU D 195 22.74 -68.54 -18.63
N ARG D 196 22.27 -68.12 -19.79
CA ARG D 196 23.11 -68.13 -21.02
C ARG D 196 24.26 -67.17 -20.84
N PRO D 197 25.34 -67.27 -21.65
CA PRO D 197 26.42 -66.29 -21.59
C PRO D 197 25.87 -64.90 -21.85
N GLY D 198 26.05 -63.99 -20.90
CA GLY D 198 25.48 -62.63 -20.99
C GLY D 198 24.06 -62.54 -20.49
N GLY D 199 23.53 -63.62 -19.89
CA GLY D 199 22.25 -63.60 -19.19
C GLY D 199 22.32 -62.78 -17.92
N VAL D 200 21.16 -62.38 -17.42
CA VAL D 200 21.10 -61.43 -16.29
C VAL D 200 20.28 -62.03 -15.14
N VAL D 201 20.70 -61.68 -13.92
CA VAL D 201 19.93 -61.97 -12.68
C VAL D 201 19.54 -60.59 -12.08
N CYS D 202 18.31 -60.50 -11.52
CA CYS D 202 17.82 -59.32 -10.77
C CYS D 202 17.18 -59.83 -9.49
N THR D 203 17.77 -59.50 -8.34
CA THR D 203 17.30 -60.05 -7.05
C THR D 203 16.78 -58.93 -6.15
N GLN D 204 15.86 -59.31 -5.27
CA GLN D 204 15.35 -58.46 -4.15
C GLN D 204 16.53 -58.42 -3.21
N ALA D 205 17.14 -57.26 -3.09
CA ALA D 205 18.38 -57.02 -2.33
C ALA D 205 18.22 -55.92 -1.24
N GLU D 206 17.06 -55.84 -0.58
CA GLU D 206 16.80 -55.16 0.73
C GLU D 206 17.16 -53.67 0.72
N SER D 207 17.34 -53.11 1.92
CA SER D 207 17.48 -51.65 2.09
C SER D 207 18.93 -51.21 2.40
N LEU D 208 19.37 -50.25 1.62
CA LEU D 208 20.68 -49.63 1.84
C LEU D 208 20.67 -48.84 3.15
N TRP D 209 19.52 -48.38 3.66
CA TRP D 209 19.46 -47.71 4.97
C TRP D 209 19.58 -48.73 6.11
N LEU D 210 19.05 -49.96 5.96
CA LEU D 210 18.88 -50.89 7.12
C LEU D 210 19.90 -52.04 7.12
N HIS D 211 20.41 -52.44 5.94
CA HIS D 211 20.91 -53.79 5.69
C HIS D 211 22.23 -53.74 4.96
N MET D 212 22.98 -52.67 5.16
CA MET D 212 24.28 -52.45 4.49
C MET D 212 25.21 -53.63 4.76
N ASP D 213 25.15 -54.29 5.91
CA ASP D 213 26.05 -55.43 6.19
C ASP D 213 25.70 -56.58 5.25
N ILE D 214 24.41 -56.90 5.17
CA ILE D 214 23.84 -57.96 4.30
C ILE D 214 24.22 -57.67 2.83
N ILE D 215 23.92 -56.45 2.38
CA ILE D 215 24.08 -56.02 0.96
C ILE D 215 25.55 -56.22 0.57
N GLU D 216 26.49 -55.64 1.35
CA GLU D 216 27.95 -55.72 1.09
C GLU D 216 28.34 -57.18 0.78
N ASP D 217 27.83 -58.13 1.56
CA ASP D 217 28.09 -59.59 1.40
C ASP D 217 27.51 -60.09 0.05
N ILE D 218 26.30 -59.68 -0.26
CA ILE D 218 25.61 -60.14 -1.50
C ILE D 218 26.45 -59.66 -2.67
N VAL D 219 26.81 -58.37 -2.65
CA VAL D 219 27.62 -57.74 -3.73
C VAL D 219 28.96 -58.48 -3.88
N SER D 220 29.72 -58.60 -2.80
CA SER D 220 31.02 -59.34 -2.79
C SER D 220 30.80 -60.71 -3.43
N ASN D 221 29.81 -61.42 -2.95
CA ASN D 221 29.53 -62.76 -3.55
C ASN D 221 29.40 -62.61 -5.06
N CYS D 222 28.59 -61.62 -5.49
CA CYS D 222 28.17 -61.51 -6.90
C CYS D 222 29.37 -61.23 -7.78
N ARG D 223 30.30 -60.40 -7.29
CA ARG D 223 31.52 -60.03 -8.03
C ARG D 223 32.39 -61.26 -8.27
N GLU D 224 32.62 -62.09 -7.26
CA GLU D 224 33.39 -63.36 -7.41
C GLU D 224 32.75 -64.23 -8.50
N ILE D 225 31.42 -64.36 -8.48
CA ILE D 225 30.65 -65.30 -9.34
C ILE D 225 30.49 -64.71 -10.76
N PHE D 226 29.90 -63.54 -10.89
CA PHE D 226 29.50 -63.01 -12.22
C PHE D 226 30.63 -62.15 -12.75
N LYS D 227 31.20 -62.53 -13.89
CA LYS D 227 32.37 -61.80 -14.47
C LYS D 227 31.86 -60.82 -15.53
N GLY D 228 30.56 -60.80 -15.81
CA GLY D 228 29.98 -59.65 -16.53
C GLY D 228 29.84 -58.40 -15.65
N SER D 229 28.68 -57.77 -15.68
CA SER D 229 28.43 -56.50 -14.94
C SER D 229 27.87 -56.87 -13.56
N VAL D 230 28.20 -56.10 -12.54
CA VAL D 230 27.63 -56.28 -11.18
C VAL D 230 27.20 -54.89 -10.72
N ASN D 231 25.90 -54.65 -10.61
CA ASN D 231 25.32 -53.30 -10.32
C ASN D 231 24.26 -53.42 -9.23
N TYR D 232 24.09 -52.37 -8.44
CA TYR D 232 23.05 -52.28 -7.40
C TYR D 232 22.19 -51.09 -7.76
N ALA D 233 20.88 -51.30 -7.84
CA ALA D 233 19.82 -50.28 -8.00
C ALA D 233 18.89 -50.21 -6.76
N TRP D 234 18.21 -49.08 -6.60
CA TRP D 234 17.18 -48.85 -5.56
C TRP D 234 15.96 -48.06 -6.09
N THR D 235 14.82 -48.26 -5.40
CA THR D 235 13.59 -47.54 -5.78
C THR D 235 12.84 -47.27 -4.50
N SER D 236 11.89 -46.36 -4.61
CA SER D 236 10.89 -46.03 -3.56
C SER D 236 9.76 -47.07 -3.54
N VAL D 237 9.50 -47.68 -2.37
CA VAL D 237 8.26 -48.45 -2.01
C VAL D 237 7.83 -47.98 -0.61
N PRO D 238 6.89 -47.03 -0.52
CA PRO D 238 6.46 -46.52 0.78
C PRO D 238 6.30 -47.66 1.78
N THR D 239 5.64 -48.77 1.43
CA THR D 239 5.23 -49.78 2.45
C THR D 239 6.24 -50.89 2.57
N TYR D 240 7.50 -50.64 2.20
CA TYR D 240 8.62 -51.54 2.55
C TYR D 240 9.51 -50.83 3.54
N PRO D 241 10.20 -51.58 4.40
CA PRO D 241 10.85 -50.99 5.55
C PRO D 241 11.90 -49.96 5.09
N SER D 242 11.94 -48.81 5.76
CA SER D 242 12.74 -47.63 5.32
C SER D 242 12.19 -46.98 4.04
N GLY D 243 11.27 -47.59 3.32
CA GLY D 243 10.59 -46.91 2.17
C GLY D 243 11.38 -47.06 0.89
N VAL D 244 12.49 -47.80 0.97
CA VAL D 244 13.23 -48.16 -0.25
C VAL D 244 13.56 -49.65 -0.26
N ILE D 245 13.88 -50.08 -1.48
CA ILE D 245 14.24 -51.46 -1.83
C ILE D 245 15.18 -51.39 -3.03
N GLY D 246 16.16 -52.26 -2.96
CA GLY D 246 17.23 -52.31 -3.95
C GLY D 246 17.27 -53.64 -4.60
N PHE D 247 18.00 -53.69 -5.69
CA PHE D 247 18.10 -54.84 -6.60
C PHE D 247 19.55 -55.10 -6.93
N MET D 248 19.97 -56.37 -6.85
CA MET D 248 21.26 -56.82 -7.47
C MET D 248 20.98 -57.07 -8.94
N LEU D 249 21.73 -56.46 -9.84
CA LEU D 249 21.75 -56.76 -11.29
C LEU D 249 23.14 -57.30 -11.62
N CYS D 250 23.24 -58.52 -12.13
CA CYS D 250 24.52 -59.06 -12.64
C CYS D 250 24.27 -59.71 -14.00
N SER D 251 25.29 -59.72 -14.82
CA SER D 251 25.41 -60.51 -16.08
C SER D 251 26.60 -61.49 -15.98
N THR D 252 26.46 -62.67 -16.60
CA THR D 252 27.50 -63.73 -16.62
C THR D 252 28.48 -63.40 -17.77
N GLU D 253 29.69 -63.95 -17.71
CA GLU D 253 30.74 -63.77 -18.76
C GLU D 253 30.11 -64.00 -20.13
N GLY D 254 30.46 -63.14 -21.08
CA GLY D 254 29.86 -63.17 -22.41
C GLY D 254 29.60 -61.77 -22.88
N PRO D 255 28.61 -61.56 -23.76
CA PRO D 255 28.31 -60.25 -24.31
C PRO D 255 27.97 -59.21 -23.23
N ASP D 256 28.47 -57.99 -23.42
CA ASP D 256 28.41 -56.89 -22.41
C ASP D 256 26.95 -56.50 -22.13
N VAL D 257 26.68 -56.20 -20.87
CA VAL D 257 25.36 -55.70 -20.44
C VAL D 257 25.67 -54.40 -19.70
N ASP D 258 25.18 -53.29 -20.21
CA ASP D 258 25.17 -51.98 -19.51
C ASP D 258 23.80 -51.84 -18.87
N PHE D 259 23.67 -52.20 -17.62
CA PHE D 259 22.38 -52.14 -16.87
C PHE D 259 21.93 -50.68 -16.70
N LYS D 260 22.86 -49.71 -16.69
CA LYS D 260 22.57 -48.29 -16.31
C LYS D 260 21.93 -47.55 -17.48
N HIS D 261 22.28 -47.88 -18.73
CA HIS D 261 21.66 -47.26 -19.94
C HIS D 261 20.77 -48.27 -20.65
N PRO D 262 19.42 -48.19 -20.48
CA PRO D 262 18.48 -49.10 -21.11
C PRO D 262 18.80 -49.23 -22.61
N LEU D 263 19.12 -50.44 -23.05
CA LEU D 263 19.35 -50.80 -24.46
C LEU D 263 18.00 -50.87 -25.19
N ASN D 264 17.05 -51.54 -24.54
CA ASN D 264 15.87 -52.26 -25.07
C ASN D 264 14.62 -51.71 -24.38
N PRO D 265 14.22 -50.44 -24.72
CA PRO D 265 12.97 -49.83 -24.21
C PRO D 265 11.72 -50.72 -24.29
N ILE D 266 10.67 -50.44 -23.51
CA ILE D 266 9.42 -51.26 -23.52
C ILE D 266 8.41 -50.61 -24.47
N GLY D 275 -2.90 -52.51 -17.87
CA GLY D 275 -2.83 -51.05 -18.13
C GLY D 275 -1.41 -50.57 -18.44
N PRO D 276 -1.18 -49.26 -18.75
CA PRO D 276 0.18 -48.74 -18.93
C PRO D 276 1.00 -48.71 -17.63
N LEU D 277 2.32 -48.70 -17.79
CA LEU D 277 3.33 -48.55 -16.70
C LEU D 277 2.96 -47.32 -15.87
N LYS D 278 2.82 -47.49 -14.57
CA LYS D 278 2.60 -46.40 -13.62
C LYS D 278 3.91 -45.72 -13.18
N PHE D 279 5.05 -46.39 -13.23
CA PHE D 279 6.27 -46.01 -12.47
C PHE D 279 7.49 -46.00 -13.38
N TYR D 280 7.83 -47.13 -14.01
CA TYR D 280 9.13 -47.32 -14.70
C TYR D 280 9.11 -46.46 -15.97
N ASN D 281 10.24 -45.86 -16.31
CA ASN D 281 10.48 -45.15 -17.60
C ASN D 281 11.99 -45.23 -17.84
N ALA D 282 12.44 -44.85 -19.02
CA ALA D 282 13.88 -44.92 -19.38
C ALA D 282 14.70 -44.03 -18.45
N GLU D 283 14.25 -42.83 -18.13
CA GLU D 283 15.07 -41.93 -17.26
C GLU D 283 15.22 -42.51 -15.84
N ILE D 284 14.18 -43.11 -15.31
CA ILE D 284 14.29 -43.57 -13.91
C ILE D 284 15.12 -44.84 -13.88
N HIS D 285 15.17 -45.59 -15.00
CA HIS D 285 16.09 -46.75 -15.13
C HIS D 285 17.50 -46.38 -14.70
N SER D 286 18.08 -45.42 -15.40
CA SER D 286 19.47 -44.98 -15.15
C SER D 286 19.54 -44.39 -13.76
N ALA D 287 18.49 -43.64 -13.38
CA ALA D 287 18.48 -42.84 -12.16
C ALA D 287 18.58 -43.81 -10.98
N ALA D 288 18.07 -45.04 -11.12
CA ALA D 288 17.97 -46.04 -10.04
C ALA D 288 19.36 -46.52 -9.58
N PHE D 289 20.40 -46.25 -10.36
CA PHE D 289 21.76 -46.77 -10.07
C PHE D 289 22.60 -45.65 -9.48
N CYS D 290 22.00 -44.49 -9.21
CA CYS D 290 22.73 -43.31 -8.69
C CYS D 290 22.51 -43.27 -7.18
N LEU D 291 23.40 -43.95 -6.45
CA LEU D 291 23.31 -44.23 -5.00
C LEU D 291 23.81 -43.04 -4.18
N PRO D 292 23.23 -42.84 -2.98
CA PRO D 292 23.74 -41.86 -2.07
C PRO D 292 25.19 -42.23 -1.76
N SER D 293 26.01 -41.19 -1.51
CA SER D 293 27.48 -41.30 -1.32
C SER D 293 27.85 -42.36 -0.27
N PHE D 294 27.11 -42.52 0.84
CA PHE D 294 27.49 -43.47 1.93
C PHE D 294 27.43 -44.89 1.42
N ALA D 295 26.65 -45.14 0.36
CA ALA D 295 26.35 -46.49 -0.13
C ALA D 295 27.12 -46.77 -1.43
N LYS D 296 27.12 -45.81 -2.36
CA LYS D 296 28.11 -45.71 -3.49
C LYS D 296 29.44 -46.32 -3.00
N LYS D 297 30.04 -45.71 -1.98
CA LYS D 297 31.36 -46.09 -1.39
C LYS D 297 31.37 -47.60 -1.11
N VAL D 298 30.34 -48.11 -0.47
CA VAL D 298 30.38 -49.55 -0.12
C VAL D 298 30.34 -50.33 -1.44
N ILE D 299 29.33 -50.07 -2.25
CA ILE D 299 28.91 -50.92 -3.40
C ILE D 299 29.95 -50.95 -4.53
N GLU D 300 30.97 -50.07 -4.54
CA GLU D 300 31.75 -49.91 -5.80
C GLU D 300 33.22 -50.37 -5.74
N SER D 301 33.75 -50.60 -6.95
CA SER D 301 35.08 -51.20 -7.24
C SER D 301 36.23 -50.29 -6.73
N LYS E 5 -1.66 65.94 -12.41
CA LYS E 5 -2.04 67.32 -12.74
C LYS E 5 -1.34 68.29 -11.78
N GLU E 6 -2.07 69.13 -11.02
CA GLU E 6 -1.44 70.34 -10.38
C GLU E 6 -0.83 69.98 -9.01
N PRO E 7 -1.58 69.46 -8.01
CA PRO E 7 -0.94 68.97 -6.76
C PRO E 7 0.21 67.97 -6.95
N ALA E 8 1.25 68.01 -6.11
CA ALA E 8 2.45 67.14 -6.19
C ALA E 8 2.13 65.62 -6.30
N CYS E 9 1.03 65.11 -5.72
CA CYS E 9 0.65 63.65 -5.73
C CYS E 9 -0.09 63.20 -7.01
N PHE E 10 -0.34 64.13 -7.95
CA PHE E 10 -0.97 63.85 -9.28
C PHE E 10 0.07 63.46 -10.32
N SER E 11 -0.38 62.81 -11.41
CA SER E 11 0.46 62.12 -12.41
C SER E 11 1.24 63.12 -13.28
N THR E 12 2.50 62.82 -13.51
CA THR E 12 3.37 63.57 -14.44
C THR E 12 3.22 63.01 -15.86
N VAL E 13 2.62 61.82 -15.99
CA VAL E 13 2.47 61.12 -17.31
C VAL E 13 1.21 61.65 -18.00
N ILE E 14 0.06 61.56 -17.34
CA ILE E 14 -1.24 61.90 -17.97
C ILE E 14 -1.89 62.88 -17.02
N PRO E 15 -2.63 63.87 -17.53
CA PRO E 15 -3.30 64.82 -16.65
C PRO E 15 -4.53 64.18 -15.98
N GLY E 16 -4.93 64.70 -14.83
CA GLY E 16 -6.24 64.42 -14.24
C GLY E 16 -6.28 63.10 -13.47
N TRP E 17 -5.13 62.60 -12.95
CA TRP E 17 -4.95 61.29 -12.22
C TRP E 17 -4.26 61.51 -10.86
N PHE E 18 -4.97 61.21 -9.76
CA PHE E 18 -4.43 61.11 -8.40
C PHE E 18 -3.99 59.69 -8.07
N SER E 19 -2.77 59.47 -7.56
CA SER E 19 -2.31 58.14 -7.04
C SER E 19 -1.91 58.17 -5.57
N GLU E 20 -2.46 57.23 -4.81
CA GLU E 20 -2.20 57.25 -3.34
C GLU E 20 -0.92 56.48 -3.05
N MET E 21 0.15 57.21 -2.88
CA MET E 21 1.49 56.61 -2.64
C MET E 21 1.94 56.84 -1.20
N SER E 22 2.52 55.81 -0.58
CA SER E 22 3.06 56.04 0.80
C SER E 22 4.01 54.93 1.14
N PRO E 23 5.13 55.17 1.90
CA PRO E 23 5.92 54.06 2.46
C PRO E 23 5.17 53.15 3.48
N MET E 24 3.98 53.52 3.95
CA MET E 24 3.09 52.64 4.76
C MET E 24 2.49 51.52 3.91
N TRP E 25 2.46 51.68 2.57
CA TRP E 25 2.01 50.58 1.64
C TRP E 25 2.92 50.63 0.41
N PRO E 26 4.20 50.28 0.59
CA PRO E 26 5.21 50.36 -0.48
C PRO E 26 4.78 49.56 -1.73
N GLY E 27 5.07 50.10 -2.90
CA GLY E 27 4.95 49.33 -4.16
C GLY E 27 3.50 49.16 -4.60
N GLU E 28 2.54 49.82 -3.93
CA GLU E 28 1.13 49.85 -4.40
C GLU E 28 0.52 51.26 -4.37
N ALA E 29 -0.49 51.57 -5.21
CA ALA E 29 -1.19 52.87 -5.16
C ALA E 29 -2.48 52.79 -5.92
N HIS E 30 -3.57 53.10 -5.24
CA HIS E 30 -4.89 53.24 -5.86
C HIS E 30 -4.88 54.58 -6.60
N SER E 31 -5.08 54.54 -7.89
CA SER E 31 -5.19 55.73 -8.76
C SER E 31 -6.68 56.08 -8.99
N LEU E 32 -7.04 57.35 -8.91
CA LEU E 32 -8.40 57.84 -9.25
C LEU E 32 -8.32 58.91 -10.33
N LYS E 33 -9.25 58.85 -11.27
CA LYS E 33 -9.50 59.97 -12.20
C LYS E 33 -10.08 61.18 -11.47
N VAL E 34 -9.46 62.34 -11.67
CA VAL E 34 -9.83 63.64 -11.04
C VAL E 34 -10.54 64.51 -12.08
N GLU E 35 -11.79 64.86 -11.85
CA GLU E 35 -12.56 65.79 -12.70
C GLU E 35 -12.10 67.24 -12.45
N LYS E 36 -11.89 67.61 -11.18
CA LYS E 36 -11.53 69.00 -10.79
C LYS E 36 -10.89 69.01 -9.40
N VAL E 37 -9.83 69.78 -9.19
CA VAL E 37 -9.31 70.01 -7.81
C VAL E 37 -10.13 71.15 -7.20
N LEU E 38 -10.83 70.91 -6.08
CA LEU E 38 -11.77 71.87 -5.42
C LEU E 38 -11.07 72.65 -4.30
N PHE E 39 -10.04 72.09 -3.67
CA PHE E 39 -9.34 72.78 -2.57
C PHE E 39 -7.93 72.25 -2.45
N GLN E 40 -6.98 73.17 -2.25
CA GLN E 40 -5.60 72.86 -1.84
C GLN E 40 -5.27 73.80 -0.70
N GLY E 41 -4.64 73.28 0.38
CA GLY E 41 -4.18 74.11 1.49
C GLY E 41 -3.11 73.42 2.30
N LYS E 42 -2.28 74.19 2.99
CA LYS E 42 -1.48 73.62 4.09
C LYS E 42 -2.05 74.18 5.40
N SER E 43 -2.46 73.29 6.30
CA SER E 43 -2.94 73.69 7.65
C SER E 43 -1.74 73.81 8.57
N ASP E 44 -2.06 74.07 9.83
CA ASP E 44 -1.14 74.00 10.98
C ASP E 44 -0.55 72.60 11.09
N TYR E 45 -1.19 71.57 10.48
CA TYR E 45 -0.84 70.15 10.76
C TYR E 45 -0.62 69.31 9.50
N GLN E 46 -1.43 69.50 8.46
CA GLN E 46 -1.32 68.59 7.29
C GLN E 46 -1.60 69.30 5.98
N ASP E 47 -1.13 68.70 4.90
CA ASP E 47 -1.51 69.15 3.55
C ASP E 47 -2.92 68.67 3.29
N VAL E 48 -3.76 69.53 2.77
CA VAL E 48 -5.20 69.27 2.67
C VAL E 48 -5.63 69.44 1.24
N ILE E 49 -6.14 68.35 0.63
CA ILE E 49 -6.74 68.37 -0.73
C ILE E 49 -8.20 67.88 -0.71
N VAL E 50 -9.05 68.55 -1.47
CA VAL E 50 -10.41 68.08 -1.81
C VAL E 50 -10.42 68.08 -3.33
N PHE E 51 -10.81 66.96 -3.93
CA PHE E 51 -10.98 66.88 -5.41
C PHE E 51 -12.30 66.19 -5.76
N GLN E 52 -12.93 66.67 -6.82
CA GLN E 52 -14.11 66.00 -7.43
C GLN E 52 -13.52 64.88 -8.30
N SER E 53 -13.75 63.63 -7.92
CA SER E 53 -13.29 62.47 -8.72
C SER E 53 -14.29 62.23 -9.83
N ALA E 54 -13.91 61.48 -10.84
CA ALA E 54 -14.83 61.09 -11.94
C ALA E 54 -15.91 60.12 -11.43
N THR E 55 -15.55 59.10 -10.64
CA THR E 55 -16.48 57.97 -10.36
C THR E 55 -16.61 57.64 -8.87
N TYR E 56 -15.98 58.40 -7.94
CA TYR E 56 -16.06 58.13 -6.47
C TYR E 56 -16.64 59.35 -5.78
N GLY E 57 -17.19 60.34 -6.54
CA GLY E 57 -17.68 61.63 -5.98
C GLY E 57 -16.53 62.48 -5.41
N LYS E 58 -16.76 63.24 -4.34
CA LYS E 58 -15.66 64.07 -3.83
C LYS E 58 -14.79 63.25 -2.88
N VAL E 59 -13.53 63.64 -2.83
CA VAL E 59 -12.44 62.92 -2.12
C VAL E 59 -11.71 63.94 -1.25
N LEU E 60 -11.44 63.56 0.01
CA LEU E 60 -10.65 64.35 0.97
C LEU E 60 -9.31 63.67 1.13
N VAL E 61 -8.24 64.36 0.83
CA VAL E 61 -6.86 63.85 1.03
C VAL E 61 -6.10 64.58 2.13
N LEU E 62 -5.37 63.89 2.98
CA LEU E 62 -4.48 64.46 4.04
C LEU E 62 -3.11 63.84 3.98
N ASP E 63 -2.10 64.68 3.70
CA ASP E 63 -0.70 64.24 3.50
C ASP E 63 -0.64 63.13 2.40
N GLY E 64 -1.30 63.31 1.26
CA GLY E 64 -1.31 62.37 0.12
C GLY E 64 -2.15 61.10 0.34
N VAL E 65 -2.81 60.93 1.48
CA VAL E 65 -3.60 59.72 1.87
C VAL E 65 -5.10 60.00 1.78
N ILE E 66 -5.83 59.15 1.09
CA ILE E 66 -7.32 59.25 0.98
C ILE E 66 -7.95 59.04 2.37
N GLN E 67 -8.78 60.00 2.81
CA GLN E 67 -9.53 59.91 4.07
C GLN E 67 -10.92 59.42 3.78
N LEU E 68 -11.52 59.86 2.68
CA LEU E 68 -12.94 59.63 2.45
C LEU E 68 -13.23 59.85 0.97
N THR E 69 -14.10 59.01 0.41
CA THR E 69 -14.84 59.32 -0.84
C THR E 69 -16.32 59.20 -0.60
N GLU E 70 -17.11 59.98 -1.30
CA GLU E 70 -18.58 59.97 -1.10
C GLU E 70 -19.13 58.57 -1.42
N ARG E 71 -18.50 57.85 -2.35
CA ARG E 71 -19.07 56.60 -2.89
C ARG E 71 -19.09 55.50 -1.83
N ASP E 72 -18.01 55.33 -1.10
CA ASP E 72 -17.85 54.23 -0.15
C ASP E 72 -17.69 54.67 1.29
N GLU E 73 -17.84 55.96 1.62
CA GLU E 73 -17.68 56.40 3.04
C GLU E 73 -18.63 55.67 3.98
N CYS E 74 -19.80 55.21 3.49
CA CYS E 74 -20.81 54.46 4.33
C CYS E 74 -20.14 53.30 5.07
N ALA E 75 -19.33 52.46 4.40
CA ALA E 75 -18.71 51.24 5.01
C ALA E 75 -17.94 51.65 6.26
N TYR E 76 -17.00 52.57 6.19
CA TYR E 76 -16.12 52.85 7.33
C TYR E 76 -16.91 53.61 8.42
N GLN E 77 -17.68 54.61 8.05
CA GLN E 77 -18.41 55.41 9.07
C GLN E 77 -19.38 54.50 9.84
N GLU E 78 -20.14 53.67 9.14
CA GLU E 78 -21.16 52.79 9.80
C GLU E 78 -20.44 51.75 10.69
N MET E 79 -19.42 51.04 10.19
CA MET E 79 -18.77 49.96 10.97
C MET E 79 -18.02 50.54 12.16
N ILE E 80 -17.31 51.64 12.00
CA ILE E 80 -16.51 52.16 13.14
C ILE E 80 -17.44 52.70 14.23
N THR E 81 -18.66 53.07 13.87
CA THR E 81 -19.61 53.67 14.87
C THR E 81 -20.43 52.55 15.51
N HIS E 82 -21.02 51.68 14.70
CA HIS E 82 -22.06 50.73 15.18
C HIS E 82 -21.43 49.51 15.80
N LEU E 83 -20.24 49.08 15.34
CA LEU E 83 -19.50 48.06 16.07
C LEU E 83 -19.48 48.35 17.55
N PRO E 84 -18.97 49.53 18.02
CA PRO E 84 -18.88 49.71 19.46
C PRO E 84 -20.26 49.96 20.06
N LEU E 85 -21.06 50.76 19.39
CA LEU E 85 -22.22 51.38 20.09
C LEU E 85 -23.30 50.30 20.14
N CYS E 86 -23.39 49.42 19.14
CA CYS E 86 -24.38 48.31 19.17
C CYS E 86 -23.97 47.19 20.12
N SER E 87 -22.79 47.24 20.72
CA SER E 87 -22.22 46.17 21.58
C SER E 87 -22.47 46.44 23.06
N ILE E 88 -22.99 47.63 23.38
CA ILE E 88 -23.25 48.07 24.78
C ILE E 88 -24.67 48.55 24.88
N PRO E 89 -25.35 48.29 26.05
CA PRO E 89 -26.68 48.87 26.28
C PRO E 89 -26.61 50.40 26.53
N ASN E 90 -27.57 51.13 25.94
CA ASN E 90 -28.04 52.47 26.35
C ASN E 90 -26.85 53.44 26.37
N PRO E 91 -26.04 53.51 25.31
CA PRO E 91 -24.89 54.43 25.35
C PRO E 91 -25.39 55.87 25.46
N LYS E 92 -24.76 56.70 26.28
CA LYS E 92 -25.28 58.06 26.51
CA LYS E 92 -25.28 58.06 26.53
C LYS E 92 -24.18 59.09 26.23
N LYS E 93 -22.96 58.84 26.71
CA LYS E 93 -21.80 59.76 26.55
C LYS E 93 -20.74 59.09 25.66
N VAL E 94 -20.47 59.70 24.51
CA VAL E 94 -19.50 59.24 23.50
C VAL E 94 -18.50 60.33 23.19
N LEU E 95 -17.24 59.91 23.04
CA LEU E 95 -16.15 60.79 22.53
C LEU E 95 -15.64 60.23 21.21
N VAL E 96 -15.57 61.12 20.22
CA VAL E 96 -14.91 60.96 18.89
C VAL E 96 -13.58 61.70 18.94
N ILE E 97 -12.50 61.00 18.60
CA ILE E 97 -11.17 61.59 18.43
C ILE E 97 -10.87 61.62 16.94
N GLY E 98 -10.43 62.76 16.43
CA GLY E 98 -10.36 62.94 14.96
C GLY E 98 -11.71 63.24 14.37
N GLY E 99 -12.08 62.67 13.22
CA GLY E 99 -13.50 62.64 12.80
C GLY E 99 -13.89 63.86 12.05
N GLY E 100 -12.93 64.65 11.59
CA GLY E 100 -13.13 66.01 11.10
C GLY E 100 -14.10 66.08 9.89
N ASP E 101 -14.29 64.99 9.12
CA ASP E 101 -15.31 64.96 7.98
C ASP E 101 -16.74 64.97 8.53
N GLY E 102 -16.95 64.60 9.81
CA GLY E 102 -18.26 64.67 10.47
C GLY E 102 -19.07 63.37 10.31
N GLY E 103 -18.55 62.40 9.58
CA GLY E 103 -19.33 61.19 9.20
C GLY E 103 -19.71 60.31 10.38
N VAL E 104 -18.76 60.11 11.28
CA VAL E 104 -18.95 59.33 12.53
C VAL E 104 -19.99 60.06 13.39
N LEU E 105 -19.91 61.37 13.52
CA LEU E 105 -20.99 62.15 14.22
C LEU E 105 -22.38 61.76 13.67
N ARG E 106 -22.49 61.73 12.34
CA ARG E 106 -23.79 61.44 11.67
C ARG E 106 -24.26 60.07 12.14
N GLU E 107 -23.37 59.07 12.17
CA GLU E 107 -23.72 57.68 12.63
C GLU E 107 -24.01 57.66 14.14
N VAL E 108 -23.19 58.32 14.96
CA VAL E 108 -23.43 58.36 16.42
C VAL E 108 -24.86 58.84 16.64
N ALA E 109 -25.28 59.84 15.88
CA ALA E 109 -26.51 60.58 16.16
C ALA E 109 -27.72 59.68 15.85
N ARG E 110 -27.57 58.63 15.05
CA ARG E 110 -28.66 57.65 14.83
C ARG E 110 -29.08 56.92 16.11
N HIS E 111 -28.22 56.95 17.12
CA HIS E 111 -28.50 56.28 18.42
C HIS E 111 -29.26 57.21 19.37
N ALA E 112 -30.55 56.94 19.56
CA ALA E 112 -31.47 57.78 20.37
C ALA E 112 -31.04 57.76 21.84
N SER E 113 -30.28 56.78 22.28
CA SER E 113 -29.89 56.74 23.71
C SER E 113 -28.84 57.84 23.94
N ILE E 114 -28.06 58.15 22.92
CA ILE E 114 -26.99 59.19 23.02
C ILE E 114 -27.53 60.55 23.48
N GLU E 115 -26.84 61.12 24.45
CA GLU E 115 -27.14 62.45 25.10
C GLU E 115 -26.02 63.43 24.84
N GLN E 116 -24.76 62.96 24.75
CA GLN E 116 -23.59 63.83 24.55
C GLN E 116 -22.68 63.20 23.50
N ILE E 117 -22.28 63.97 22.49
CA ILE E 117 -21.25 63.53 21.51
C ILE E 117 -20.12 64.54 21.55
N ASP E 118 -19.08 64.25 22.31
CA ASP E 118 -17.88 65.08 22.33
C ASP E 118 -17.07 64.75 21.10
N MET E 119 -16.46 65.75 20.50
CA MET E 119 -15.53 65.40 19.40
C MET E 119 -14.30 66.25 19.59
N CYS E 120 -13.12 65.66 19.42
CA CYS E 120 -11.86 66.42 19.49
C CYS E 120 -11.08 66.17 18.20
N GLU E 121 -11.07 67.14 17.27
CA GLU E 121 -10.31 67.08 15.99
C GLU E 121 -9.15 68.10 16.09
N ILE E 122 -7.90 67.70 15.76
CA ILE E 122 -6.72 68.59 15.82
C ILE E 122 -6.77 69.65 14.74
N ASP E 123 -7.35 69.37 13.56
CA ASP E 123 -7.12 70.23 12.38
C ASP E 123 -8.42 70.93 12.01
N LYS E 124 -8.55 72.20 12.36
CA LYS E 124 -9.75 72.97 11.96
C LYS E 124 -9.92 73.07 10.44
N MET E 125 -8.88 73.00 9.64
CA MET E 125 -9.02 73.12 8.17
C MET E 125 -9.79 71.89 7.63
N VAL E 126 -9.58 70.77 8.26
CA VAL E 126 -10.36 69.54 7.92
C VAL E 126 -11.84 69.84 8.18
N VAL E 127 -12.17 70.49 9.30
CA VAL E 127 -13.59 70.74 9.66
C VAL E 127 -14.16 71.68 8.60
N ASP E 128 -13.45 72.80 8.36
CA ASP E 128 -13.91 73.83 7.40
C ASP E 128 -14.15 73.17 6.03
N VAL E 129 -13.15 72.53 5.41
CA VAL E 129 -13.32 71.92 4.04
C VAL E 129 -14.40 70.81 4.05
N SER E 130 -14.52 70.02 5.11
CA SER E 130 -15.63 69.02 5.19
C SER E 130 -16.99 69.73 5.14
N LYS E 131 -17.18 70.77 5.97
CA LYS E 131 -18.48 71.44 6.06
C LYS E 131 -18.74 72.11 4.72
N GLN E 132 -17.67 72.57 4.08
CA GLN E 132 -17.76 73.39 2.86
C GLN E 132 -18.07 72.49 1.65
N PHE E 133 -17.42 71.35 1.52
CA PHE E 133 -17.50 70.55 0.26
C PHE E 133 -18.32 69.25 0.43
N PHE E 134 -18.54 68.75 1.62
CA PHE E 134 -19.13 67.39 1.80
C PHE E 134 -20.39 67.47 2.63
N PRO E 135 -21.48 67.99 2.06
CA PRO E 135 -22.66 68.30 2.86
C PRO E 135 -23.21 67.08 3.61
N ASP E 136 -23.23 65.91 2.98
CA ASP E 136 -23.98 64.75 3.50
C ASP E 136 -23.17 63.97 4.54
N VAL E 137 -21.92 64.38 4.80
CA VAL E 137 -21.01 63.78 5.83
C VAL E 137 -20.98 64.78 7.02
N ALA E 138 -20.83 66.06 6.71
CA ALA E 138 -20.65 67.15 7.68
C ALA E 138 -22.04 67.57 8.18
N ILE E 139 -23.13 66.92 7.71
CA ILE E 139 -24.42 66.97 8.46
C ILE E 139 -24.23 66.49 9.91
N GLY E 140 -23.25 65.63 10.19
CA GLY E 140 -22.90 65.26 11.59
C GLY E 140 -22.99 66.44 12.58
N TYR E 141 -22.47 67.61 12.20
CA TYR E 141 -22.12 68.73 13.09
C TYR E 141 -23.36 69.46 13.57
N GLU E 142 -24.42 69.34 12.83
CA GLU E 142 -25.69 70.01 13.12
C GLU E 142 -26.31 69.50 14.44
N ASP E 143 -26.09 68.25 14.80
CA ASP E 143 -26.87 67.66 15.91
C ASP E 143 -26.62 68.48 17.20
N PRO E 144 -27.66 68.87 17.94
CA PRO E 144 -27.49 69.65 19.18
C PRO E 144 -26.79 68.90 20.34
N ARG E 145 -26.58 67.58 20.23
CA ARG E 145 -25.84 66.86 21.30
C ARG E 145 -24.34 66.91 21.04
N VAL E 146 -23.92 67.41 19.87
CA VAL E 146 -22.48 67.55 19.50
C VAL E 146 -21.79 68.70 20.23
N ASN E 147 -20.69 68.39 20.87
CA ASN E 147 -19.76 69.36 21.43
C ASN E 147 -18.45 69.25 20.67
N LEU E 148 -18.22 70.09 19.69
CA LEU E 148 -16.96 70.03 18.89
C LEU E 148 -15.84 70.75 19.63
N VAL E 149 -14.73 70.07 19.81
CA VAL E 149 -13.48 70.73 20.26
C VAL E 149 -12.41 70.68 19.15
N ILE E 150 -11.64 71.73 18.95
CA ILE E 150 -10.40 71.70 18.12
C ILE E 150 -9.28 71.49 19.09
N GLY E 151 -8.50 70.45 18.89
CA GLY E 151 -7.43 70.05 19.83
C GLY E 151 -6.82 68.69 19.54
N ASP E 152 -5.67 68.46 20.16
CA ASP E 152 -5.00 67.12 20.08
C ASP E 152 -5.74 66.17 21.02
N GLY E 153 -6.24 65.01 20.50
CA GLY E 153 -6.90 64.03 21.32
C GLY E 153 -6.03 63.50 22.42
N VAL E 154 -4.71 63.53 22.28
CA VAL E 154 -3.79 63.03 23.36
C VAL E 154 -4.04 63.87 24.62
N ALA E 155 -3.92 65.18 24.47
CA ALA E 155 -4.11 66.12 25.61
C ALA E 155 -5.52 65.93 26.13
N PHE E 156 -6.47 65.92 25.20
CA PHE E 156 -7.90 65.92 25.52
C PHE E 156 -8.23 64.73 26.43
N LEU E 157 -7.83 63.52 26.08
CA LEU E 157 -8.07 62.31 26.89
C LEU E 157 -7.39 62.43 28.24
N LYS E 158 -6.24 63.09 28.32
CA LYS E 158 -5.54 63.09 29.63
C LYS E 158 -6.38 63.87 30.68
N ASN E 159 -7.15 64.85 30.21
CA ASN E 159 -7.93 65.85 31.01
C ASN E 159 -9.40 65.42 31.12
N ALA E 160 -9.77 64.31 30.44
CA ALA E 160 -11.08 63.65 30.71
C ALA E 160 -11.16 63.08 32.11
N ALA E 161 -12.32 63.25 32.73
CA ALA E 161 -12.63 62.64 34.03
C ALA E 161 -12.58 61.14 33.93
N GLU E 162 -12.01 60.51 34.95
CA GLU E 162 -11.90 59.04 34.95
C GLU E 162 -13.31 58.43 34.92
N GLY E 163 -13.54 57.46 34.04
CA GLY E 163 -14.79 56.75 34.17
C GLY E 163 -15.98 57.49 33.58
N SER E 164 -15.79 58.44 32.71
CA SER E 164 -16.83 59.42 32.30
C SER E 164 -17.47 59.09 30.97
N TYR E 165 -16.88 58.20 30.14
CA TYR E 165 -17.50 57.88 28.85
C TYR E 165 -18.02 56.44 28.78
N ASP E 166 -19.06 56.27 28.00
CA ASP E 166 -19.59 54.93 27.62
C ASP E 166 -18.68 54.39 26.49
N ALA E 167 -18.18 55.25 25.63
CA ALA E 167 -17.47 54.76 24.42
C ALA E 167 -16.50 55.83 23.97
N VAL E 168 -15.41 55.40 23.37
CA VAL E 168 -14.49 56.28 22.65
C VAL E 168 -14.32 55.71 21.26
N ILE E 169 -14.46 56.55 20.23
CA ILE E 169 -14.20 56.16 18.83
C ILE E 169 -13.02 56.99 18.33
N VAL E 170 -11.98 56.30 17.87
CA VAL E 170 -10.74 57.00 17.48
C VAL E 170 -10.76 56.89 15.95
N ASP E 171 -11.35 57.85 15.30
CA ASP E 171 -11.38 57.98 13.83
C ASP E 171 -10.17 58.81 13.37
N SER E 172 -8.99 58.28 13.50
CA SER E 172 -7.74 59.01 13.18
C SER E 172 -7.22 58.69 11.80
N SER E 173 -6.34 59.54 11.33
CA SER E 173 -5.45 59.26 10.20
C SER E 173 -4.38 58.23 10.61
N ASP E 174 -3.48 57.96 9.64
CA ASP E 174 -2.37 57.02 9.79
C ASP E 174 -1.34 57.47 10.79
N PRO E 175 -0.45 56.54 11.26
CA PRO E 175 0.61 56.86 12.21
C PRO E 175 1.61 57.90 11.73
N ILE E 176 1.71 58.17 10.40
CA ILE E 176 2.59 59.25 9.86
C ILE E 176 1.77 60.55 9.83
N GLY E 177 2.19 61.47 10.70
CA GLY E 177 1.52 62.75 10.92
C GLY E 177 0.92 62.87 12.32
N PRO E 178 -0.08 63.76 12.45
CA PRO E 178 -0.52 64.19 13.76
C PRO E 178 -1.12 63.07 14.61
N ALA E 179 -1.50 61.95 13.96
CA ALA E 179 -2.14 60.80 14.63
C ALA E 179 -1.11 59.90 15.30
N LYS E 180 0.17 60.21 15.15
CA LYS E 180 1.24 59.28 15.54
C LYS E 180 1.00 58.70 16.94
N GLU E 181 0.78 59.56 17.94
CA GLU E 181 0.71 59.11 19.37
CA GLU E 181 0.70 59.10 19.36
C GLU E 181 -0.62 58.36 19.65
N LEU E 182 -1.63 58.47 18.80
CA LEU E 182 -2.91 57.80 19.03
C LEU E 182 -2.75 56.28 18.83
N PHE E 183 -1.61 55.75 18.32
CA PHE E 183 -1.43 54.30 18.09
C PHE E 183 -0.56 53.73 19.20
N GLU E 184 -0.24 54.54 20.19
CA GLU E 184 0.78 54.15 21.18
C GLU E 184 0.14 53.87 22.53
N LYS E 185 0.91 53.16 23.35
CA LYS E 185 0.36 52.62 24.60
C LYS E 185 -0.15 53.73 25.54
N PRO E 186 0.59 54.85 25.82
CA PRO E 186 0.07 55.86 26.73
C PRO E 186 -1.36 56.27 26.36
N PHE E 187 -1.61 56.54 25.10
CA PHE E 187 -2.91 57.02 24.66
C PHE E 187 -3.92 55.92 24.99
N PHE E 188 -3.58 54.66 24.64
CA PHE E 188 -4.47 53.53 24.98
C PHE E 188 -4.75 53.52 26.50
N GLN E 189 -3.71 53.76 27.32
CA GLN E 189 -3.92 53.73 28.79
C GLN E 189 -4.93 54.84 29.13
N SER E 190 -4.79 56.01 28.51
CA SER E 190 -5.60 57.21 28.80
C SER E 190 -7.07 56.94 28.40
N VAL E 191 -7.27 56.13 27.39
CA VAL E 191 -8.65 55.83 26.92
C VAL E 191 -9.31 54.92 27.95
N ALA E 192 -8.58 53.91 28.45
CA ALA E 192 -9.05 52.98 29.47
C ALA E 192 -9.46 53.78 30.72
N ARG E 193 -8.64 54.74 31.11
CA ARG E 193 -8.92 55.50 32.36
C ARG E 193 -10.25 56.26 32.19
N ALA E 194 -10.47 56.88 31.03
CA ALA E 194 -11.64 57.70 30.65
C ALA E 194 -12.91 56.86 30.52
N LEU E 195 -12.79 55.57 30.22
CA LEU E 195 -14.05 54.75 30.13
C LEU E 195 -14.55 54.32 31.48
N ARG E 196 -15.88 54.31 31.61
CA ARG E 196 -16.56 53.58 32.71
C ARG E 196 -16.13 52.12 32.64
N PRO E 197 -16.25 51.36 33.76
CA PRO E 197 -16.17 49.92 33.70
C PRO E 197 -17.19 49.39 32.69
N GLY E 198 -16.67 48.62 31.71
CA GLY E 198 -17.45 47.93 30.65
C GLY E 198 -17.67 48.89 29.51
N GLY E 199 -17.06 50.08 29.57
CA GLY E 199 -17.10 51.04 28.47
C GLY E 199 -16.26 50.50 27.30
N VAL E 200 -16.50 51.00 26.08
CA VAL E 200 -15.81 50.46 24.90
C VAL E 200 -14.98 51.52 24.17
N VAL E 201 -13.88 51.07 23.49
CA VAL E 201 -13.15 51.89 22.51
C VAL E 201 -13.17 51.16 21.18
N CYS E 202 -13.41 51.92 20.12
CA CYS E 202 -13.22 51.40 18.76
C CYS E 202 -12.17 52.25 18.08
N THR E 203 -11.11 51.67 17.47
CA THR E 203 -9.98 52.50 16.96
C THR E 203 -9.70 52.10 15.52
N GLN E 204 -9.36 53.09 14.68
CA GLN E 204 -8.92 52.81 13.30
C GLN E 204 -7.62 52.01 13.41
N ALA E 205 -7.58 50.75 12.91
CA ALA E 205 -6.48 49.83 13.26
C ALA E 205 -5.92 49.14 11.98
N GLU E 206 -5.98 49.87 10.87
CA GLU E 206 -5.13 49.70 9.64
C GLU E 206 -5.53 48.40 8.90
N SER E 207 -4.62 47.84 8.09
CA SER E 207 -4.95 46.65 7.23
C SER E 207 -4.16 45.42 7.64
N LEU E 208 -4.90 44.29 7.83
CA LEU E 208 -4.34 42.97 8.08
C LEU E 208 -3.47 42.50 6.90
N TRP E 209 -3.69 43.00 5.70
CA TRP E 209 -2.83 42.66 4.55
C TRP E 209 -1.48 43.39 4.58
N LEU E 210 -1.45 44.56 5.15
CA LEU E 210 -0.29 45.47 5.00
C LEU E 210 0.46 45.65 6.31
N HIS E 211 -0.24 45.69 7.45
CA HIS E 211 0.31 46.20 8.72
C HIS E 211 0.28 45.17 9.82
N MET E 212 0.57 43.90 9.56
CA MET E 212 0.38 42.87 10.60
C MET E 212 1.27 43.07 11.83
N ASP E 213 2.49 43.51 11.63
CA ASP E 213 3.40 43.71 12.79
C ASP E 213 2.95 44.90 13.64
N ILE E 214 2.46 46.00 13.04
CA ILE E 214 1.87 47.17 13.75
C ILE E 214 0.64 46.69 14.51
N ILE E 215 -0.20 45.93 13.84
CA ILE E 215 -1.48 45.47 14.41
C ILE E 215 -1.20 44.54 15.57
N GLU E 216 -0.27 43.60 15.37
CA GLU E 216 0.13 42.68 16.49
C GLU E 216 0.48 43.47 17.76
N ASP E 217 1.36 44.47 17.67
CA ASP E 217 1.87 45.19 18.87
CA ASP E 217 1.86 45.20 18.87
C ASP E 217 0.71 46.02 19.48
N ILE E 218 -0.18 46.57 18.64
CA ILE E 218 -1.39 47.29 19.12
C ILE E 218 -2.24 46.29 19.90
N VAL E 219 -2.58 45.18 19.28
CA VAL E 219 -3.36 44.17 20.02
C VAL E 219 -2.68 43.78 21.35
N SER E 220 -1.38 43.55 21.30
CA SER E 220 -0.59 43.12 22.52
C SER E 220 -0.76 44.16 23.64
N ASN E 221 -0.53 45.41 23.31
CA ASN E 221 -0.67 46.50 24.30
C ASN E 221 -2.12 46.61 24.78
N CYS E 222 -3.13 46.51 23.90
CA CYS E 222 -4.55 46.57 24.32
C CYS E 222 -4.90 45.39 25.26
N ARG E 223 -4.39 44.16 25.03
CA ARG E 223 -4.60 43.00 25.95
C ARG E 223 -4.02 43.35 27.35
N GLU E 224 -2.93 44.10 27.41
CA GLU E 224 -2.32 44.48 28.72
C GLU E 224 -3.22 45.55 29.43
N ILE E 225 -3.87 46.46 28.68
CA ILE E 225 -4.62 47.64 29.22
CA ILE E 225 -4.60 47.63 29.25
C ILE E 225 -6.06 47.27 29.57
N PHE E 226 -6.75 46.71 28.60
CA PHE E 226 -8.19 46.40 28.68
C PHE E 226 -8.36 44.95 29.13
N LYS E 227 -8.90 44.77 30.34
CA LYS E 227 -9.08 43.42 30.91
C LYS E 227 -10.56 43.01 30.76
N GLY E 228 -11.35 43.71 29.95
CA GLY E 228 -12.64 43.25 29.44
C GLY E 228 -12.40 42.47 28.17
N SER E 229 -13.03 42.83 27.06
CA SER E 229 -12.89 42.13 25.78
C SER E 229 -11.81 42.82 24.96
N VAL E 230 -11.07 42.05 24.17
CA VAL E 230 -10.16 42.64 23.17
C VAL E 230 -10.35 41.86 21.88
N ASN E 231 -10.85 42.51 20.84
CA ASN E 231 -11.19 41.88 19.56
C ASN E 231 -10.83 42.79 18.41
N TYR E 232 -10.57 42.21 17.23
CA TYR E 232 -10.20 42.91 15.98
C TYR E 232 -11.24 42.55 14.93
N ALA E 233 -11.82 43.56 14.31
CA ALA E 233 -12.82 43.42 13.24
C ALA E 233 -12.28 43.99 11.95
N TRP E 234 -12.74 43.51 10.80
CA TRP E 234 -12.27 44.15 9.56
C TRP E 234 -13.46 44.37 8.62
N THR E 235 -13.30 45.22 7.63
CA THR E 235 -14.42 45.52 6.71
C THR E 235 -13.84 45.94 5.37
N SER E 236 -14.73 46.10 4.42
CA SER E 236 -14.43 46.52 3.04
C SER E 236 -14.54 48.01 2.90
N VAL E 237 -13.45 48.63 2.43
CA VAL E 237 -13.47 50.02 1.95
C VAL E 237 -12.57 50.13 0.71
N PRO E 238 -13.15 50.24 -0.50
CA PRO E 238 -12.34 50.10 -1.73
C PRO E 238 -11.23 51.14 -1.91
N THR E 239 -11.44 52.33 -1.38
CA THR E 239 -10.50 53.46 -1.46
C THR E 239 -9.52 53.59 -0.28
N TYR E 240 -9.42 52.53 0.52
CA TYR E 240 -8.37 52.40 1.56
C TYR E 240 -7.37 51.36 1.03
N PRO E 241 -6.06 51.55 1.26
CA PRO E 241 -5.00 50.70 0.70
C PRO E 241 -5.22 49.24 1.17
N SER E 242 -5.12 48.31 0.22
CA SER E 242 -5.47 46.85 0.32
C SER E 242 -6.97 46.62 0.22
N GLY E 243 -7.77 47.67 0.29
CA GLY E 243 -9.24 47.60 0.21
C GLY E 243 -9.94 47.03 1.44
N VAL E 244 -9.19 46.83 2.51
CA VAL E 244 -9.76 46.55 3.85
C VAL E 244 -9.25 47.58 4.86
N ILE E 245 -10.04 47.71 5.94
CA ILE E 245 -9.66 48.48 7.14
C ILE E 245 -10.20 47.71 8.35
N GLY E 246 -9.39 47.67 9.42
CA GLY E 246 -9.79 47.05 10.68
C GLY E 246 -9.89 48.00 11.85
N PHE E 247 -10.46 47.44 12.89
CA PHE E 247 -10.88 48.16 14.10
C PHE E 247 -10.35 47.36 15.28
N MET E 248 -9.86 48.09 16.28
CA MET E 248 -9.59 47.46 17.59
C MET E 248 -10.86 47.73 18.40
N LEU E 249 -11.54 46.69 18.90
CA LEU E 249 -12.64 46.88 19.86
C LEU E 249 -12.14 46.39 21.22
N CYS E 250 -12.27 47.18 22.26
CA CYS E 250 -11.74 46.80 23.58
C CYS E 250 -12.76 47.27 24.63
N SER E 251 -12.93 46.52 25.72
CA SER E 251 -13.78 47.00 26.85
C SER E 251 -12.94 46.95 28.11
N THR E 252 -13.15 47.92 29.02
CA THR E 252 -12.56 47.79 30.37
C THR E 252 -13.31 46.63 31.06
N GLU E 253 -12.63 46.10 32.07
CA GLU E 253 -13.07 45.01 32.97
C GLU E 253 -14.28 45.53 33.77
N GLY E 254 -15.28 44.67 33.96
CA GLY E 254 -16.53 44.98 34.66
C GLY E 254 -17.69 44.22 34.04
N PRO E 255 -18.79 44.91 33.68
CA PRO E 255 -19.84 44.28 32.91
C PRO E 255 -19.26 43.57 31.67
N ASP E 256 -19.69 42.33 31.46
CA ASP E 256 -19.23 41.58 30.26
C ASP E 256 -19.68 42.29 28.98
N VAL E 257 -18.79 42.30 27.99
CA VAL E 257 -19.13 42.85 26.66
C VAL E 257 -18.80 41.76 25.65
N ASP E 258 -19.75 41.38 24.80
CA ASP E 258 -19.47 40.45 23.67
C ASP E 258 -19.64 41.26 22.39
N PHE E 259 -18.49 41.70 21.85
CA PHE E 259 -18.44 42.45 20.58
C PHE E 259 -19.05 41.66 19.43
N LYS E 260 -19.01 40.35 19.50
CA LYS E 260 -19.31 39.48 18.31
C LYS E 260 -20.81 39.21 18.25
N HIS E 261 -21.59 39.58 19.30
CA HIS E 261 -23.06 39.28 19.37
C HIS E 261 -23.74 40.51 19.88
N PRO E 262 -23.92 41.56 19.02
CA PRO E 262 -24.33 42.90 19.49
C PRO E 262 -25.71 42.81 20.18
N LEU E 263 -25.75 43.22 21.44
CA LEU E 263 -27.04 43.19 22.22
C LEU E 263 -27.81 44.49 22.11
N ASN E 264 -27.28 45.53 21.41
CA ASN E 264 -27.96 46.84 21.27
C ASN E 264 -28.19 47.19 19.82
N PRO E 265 -28.97 46.43 19.07
CA PRO E 265 -29.18 46.70 17.61
C PRO E 265 -29.92 48.02 17.35
N ILE E 266 -29.69 48.65 16.20
CA ILE E 266 -30.24 49.98 15.80
C ILE E 266 -31.77 49.99 15.76
N ASP E 267 -32.32 51.18 16.04
CA ASP E 267 -33.75 51.62 15.93
C ASP E 267 -34.40 51.44 17.31
N GLY E 275 -32.33 58.00 7.24
CA GLY E 275 -32.21 57.15 6.04
C GLY E 275 -31.83 55.73 6.42
N PRO E 276 -31.92 54.74 5.50
CA PRO E 276 -31.50 53.38 5.82
C PRO E 276 -29.98 53.36 5.98
N LEU E 277 -29.45 52.50 6.86
CA LEU E 277 -28.01 52.24 6.81
C LEU E 277 -27.72 51.59 5.45
N LYS E 278 -26.66 52.02 4.82
CA LYS E 278 -26.30 51.47 3.49
C LYS E 278 -25.38 50.25 3.61
N PHE E 279 -24.79 50.00 4.78
CA PHE E 279 -23.69 49.00 4.86
C PHE E 279 -23.86 48.10 6.08
N TYR E 280 -23.74 48.64 7.28
CA TYR E 280 -23.95 47.91 8.58
C TYR E 280 -25.32 47.21 8.65
N ASN E 281 -25.32 46.02 9.23
CA ASN E 281 -26.47 45.26 9.70
C ASN E 281 -25.93 44.33 10.77
N ALA E 282 -26.81 43.73 11.61
CA ALA E 282 -26.45 42.82 12.72
C ALA E 282 -25.59 41.64 12.25
N GLU E 283 -25.93 41.06 11.10
CA GLU E 283 -25.15 39.92 10.58
C GLU E 283 -23.73 40.31 10.13
N ILE E 284 -23.50 41.53 9.58
CA ILE E 284 -22.14 41.90 9.07
C ILE E 284 -21.31 42.26 10.29
N HIS E 285 -21.95 42.76 11.34
CA HIS E 285 -21.26 42.98 12.62
C HIS E 285 -20.53 41.72 13.09
N SER E 286 -21.23 40.61 13.31
CA SER E 286 -20.63 39.35 13.78
C SER E 286 -19.58 38.87 12.75
N ALA E 287 -19.90 39.01 11.47
CA ALA E 287 -19.02 38.51 10.39
C ALA E 287 -17.68 39.24 10.35
N ALA E 288 -17.68 40.50 10.83
CA ALA E 288 -16.50 41.38 10.68
C ALA E 288 -15.39 40.88 11.63
N PHE E 289 -15.71 40.01 12.56
CA PHE E 289 -14.72 39.44 13.53
C PHE E 289 -14.24 38.09 13.03
N CYS E 290 -14.69 37.62 11.84
CA CYS E 290 -14.22 36.31 11.37
C CYS E 290 -13.07 36.60 10.43
N LEU E 291 -11.83 36.44 10.92
CA LEU E 291 -10.66 36.89 10.13
C LEU E 291 -10.06 35.74 9.35
N PRO E 292 -9.27 36.03 8.31
CA PRO E 292 -8.54 35.00 7.59
C PRO E 292 -7.57 34.30 8.54
N SER E 293 -7.29 33.04 8.26
CA SER E 293 -6.41 32.17 9.10
C SER E 293 -5.05 32.86 9.35
N PHE E 294 -4.37 33.47 8.39
CA PHE E 294 -3.03 34.09 8.57
C PHE E 294 -3.13 35.16 9.71
N ALA E 295 -4.23 35.88 9.71
CA ALA E 295 -4.46 36.97 10.67
C ALA E 295 -4.94 36.44 12.02
N LYS E 296 -5.89 35.47 12.02
CA LYS E 296 -6.45 34.98 13.27
C LYS E 296 -5.30 34.45 14.14
N LYS E 297 -4.39 33.71 13.52
CA LYS E 297 -3.26 33.09 14.25
C LYS E 297 -2.53 34.19 15.04
N VAL E 298 -2.28 35.33 14.41
CA VAL E 298 -1.47 36.44 15.00
C VAL E 298 -2.32 37.13 16.08
N ILE E 299 -3.55 37.57 15.77
CA ILE E 299 -4.35 38.40 16.71
C ILE E 299 -4.76 37.61 17.94
N GLU E 300 -5.08 36.32 17.87
CA GLU E 300 -5.56 35.60 19.08
C GLU E 300 -4.39 34.92 19.81
N SER E 301 -3.16 35.15 19.35
CA SER E 301 -1.91 34.87 20.09
C SER E 301 -1.81 35.85 21.27
N SER F 1 8.32 40.58 -39.17
CA SER F 1 8.58 42.03 -39.26
C SER F 1 7.63 42.82 -38.35
N ASN F 2 6.35 42.95 -38.70
CA ASN F 2 5.52 43.92 -37.93
C ASN F 2 4.05 43.54 -37.83
N ALA F 3 3.39 44.23 -36.91
CA ALA F 3 1.94 44.11 -36.66
C ALA F 3 1.37 45.47 -36.27
N LYS F 4 0.07 45.54 -36.12
CA LYS F 4 -0.62 46.75 -35.65
C LYS F 4 0.08 47.26 -34.38
N LYS F 5 0.41 48.54 -34.37
CA LYS F 5 0.93 49.21 -33.15
C LYS F 5 0.07 48.86 -31.92
N GLU F 6 0.68 48.40 -30.83
CA GLU F 6 0.00 48.20 -29.53
C GLU F 6 0.41 49.28 -28.54
N PRO F 7 -0.52 49.88 -27.75
CA PRO F 7 -0.13 50.98 -26.87
C PRO F 7 0.71 50.46 -25.68
N ALA F 8 1.52 51.32 -25.13
CA ALA F 8 2.33 51.02 -23.94
C ALA F 8 1.39 50.43 -22.89
N CYS F 9 1.83 49.39 -22.17
CA CYS F 9 1.07 48.76 -21.07
C CYS F 9 1.56 49.18 -19.70
N PHE F 10 2.88 49.45 -19.62
CA PHE F 10 3.62 49.95 -18.44
C PHE F 10 3.79 51.47 -18.44
N SER F 11 3.79 51.99 -17.20
CA SER F 11 4.07 53.41 -16.80
C SER F 11 3.08 54.39 -17.42
N THR F 12 1.82 54.04 -17.50
CA THR F 12 0.80 54.87 -18.17
C THR F 12 0.36 55.96 -17.16
N VAL F 13 0.57 55.73 -15.84
CA VAL F 13 0.12 56.63 -14.75
C VAL F 13 1.31 57.04 -13.90
N ILE F 14 2.16 56.08 -13.49
CA ILE F 14 3.36 56.32 -12.65
C ILE F 14 4.51 55.63 -13.36
N PRO F 15 5.63 56.34 -13.67
CA PRO F 15 6.81 55.72 -14.30
C PRO F 15 7.40 54.58 -13.45
N GLY F 16 7.40 53.37 -13.96
CA GLY F 16 7.98 52.21 -13.23
C GLY F 16 6.89 51.35 -12.67
N TRP F 17 5.66 51.64 -13.06
CA TRP F 17 4.47 51.06 -12.38
C TRP F 17 3.48 50.56 -13.41
N PHE F 18 2.77 49.48 -13.06
CA PHE F 18 1.66 48.96 -13.89
C PHE F 18 0.33 49.48 -13.35
N SER F 19 -0.53 50.07 -14.18
CA SER F 19 -1.86 50.61 -13.80
C SER F 19 -2.93 49.84 -14.54
N GLU F 20 -3.78 49.15 -13.79
CA GLU F 20 -4.85 48.30 -14.37
C GLU F 20 -6.10 49.11 -14.76
N MET F 21 -6.27 49.39 -16.05
CA MET F 21 -7.43 50.13 -16.62
C MET F 21 -8.42 49.13 -17.23
N SER F 22 -9.70 49.35 -17.02
CA SER F 22 -10.80 48.62 -17.70
C SER F 22 -12.02 49.54 -17.74
N PRO F 23 -12.84 49.50 -18.81
CA PRO F 23 -14.16 50.10 -18.73
C PRO F 23 -15.05 49.37 -17.68
N MET F 24 -14.62 48.23 -17.18
CA MET F 24 -15.37 47.54 -16.08
CA MET F 24 -15.31 47.52 -16.07
C MET F 24 -15.10 48.23 -14.73
N TRP F 25 -14.14 49.17 -14.64
CA TRP F 25 -13.95 49.94 -13.37
C TRP F 25 -13.50 51.36 -13.73
N PRO F 26 -14.41 52.12 -14.35
CA PRO F 26 -14.07 53.35 -15.01
C PRO F 26 -13.58 54.37 -13.98
N GLY F 27 -12.63 55.21 -14.36
CA GLY F 27 -12.17 56.33 -13.52
C GLY F 27 -11.29 55.90 -12.35
N GLU F 28 -10.71 54.69 -12.39
CA GLU F 28 -9.79 54.17 -11.37
C GLU F 28 -8.82 53.14 -11.93
N ALA F 29 -7.68 52.95 -11.25
CA ALA F 29 -6.75 51.84 -11.56
C ALA F 29 -5.93 51.47 -10.32
N HIS F 30 -5.90 50.20 -10.00
CA HIS F 30 -4.91 49.68 -9.02
C HIS F 30 -3.55 49.78 -9.71
N SER F 31 -2.56 50.42 -9.08
CA SER F 31 -1.19 50.49 -9.60
C SER F 31 -0.23 49.67 -8.72
N LEU F 32 0.64 48.89 -9.36
CA LEU F 32 1.68 48.08 -8.70
C LEU F 32 3.07 48.44 -9.24
N LYS F 33 4.03 48.63 -8.35
CA LYS F 33 5.37 48.95 -8.84
C LYS F 33 5.92 47.68 -9.52
N VAL F 34 6.59 47.88 -10.64
CA VAL F 34 7.17 46.81 -11.49
C VAL F 34 8.69 46.70 -11.33
N GLU F 35 9.17 45.50 -11.03
CA GLU F 35 10.61 45.26 -10.88
C GLU F 35 11.21 44.77 -12.20
N LYS F 36 10.43 43.97 -12.94
CA LYS F 36 10.91 43.28 -14.17
C LYS F 36 9.71 42.66 -14.89
N VAL F 37 9.57 42.90 -16.19
CA VAL F 37 8.51 42.24 -16.99
C VAL F 37 9.06 40.90 -17.43
N LEU F 38 8.50 39.77 -16.95
CA LEU F 38 9.07 38.42 -17.16
C LEU F 38 8.54 37.78 -18.45
N PHE F 39 7.40 38.22 -18.97
CA PHE F 39 6.76 37.60 -20.14
C PHE F 39 5.74 38.55 -20.73
N GLN F 40 5.62 38.53 -22.05
CA GLN F 40 4.62 39.32 -22.82
C GLN F 40 4.37 38.56 -24.11
N GLY F 41 3.12 38.19 -24.39
CA GLY F 41 2.83 37.51 -25.66
C GLY F 41 1.37 37.64 -25.96
N LYS F 42 1.01 37.13 -27.12
CA LYS F 42 -0.36 37.18 -27.65
C LYS F 42 -0.73 35.75 -28.04
N SER F 43 -1.72 35.19 -27.36
CA SER F 43 -2.14 33.78 -27.58
C SER F 43 -3.17 33.80 -28.71
N ASP F 44 -3.87 32.70 -29.01
CA ASP F 44 -5.01 32.78 -29.95
C ASP F 44 -6.18 33.56 -29.34
N TYR F 45 -6.13 33.96 -28.07
CA TYR F 45 -7.32 34.53 -27.41
C TYR F 45 -7.05 35.82 -26.66
N GLN F 46 -5.89 35.98 -26.03
CA GLN F 46 -5.63 37.09 -25.07
C GLN F 46 -4.23 37.62 -25.17
N ASP F 47 -4.05 38.85 -24.69
CA ASP F 47 -2.69 39.37 -24.44
C ASP F 47 -2.27 38.91 -23.05
N VAL F 48 -1.10 38.35 -22.92
CA VAL F 48 -0.62 37.69 -21.68
C VAL F 48 0.66 38.38 -21.21
N ILE F 49 0.64 38.84 -19.95
CA ILE F 49 1.85 39.48 -19.30
C ILE F 49 2.11 38.78 -17.97
N VAL F 50 3.34 38.45 -17.68
CA VAL F 50 3.82 38.13 -16.32
C VAL F 50 4.81 39.25 -15.93
N PHE F 51 4.70 39.81 -14.73
CA PHE F 51 5.74 40.74 -14.19
C PHE F 51 6.05 40.40 -12.74
N GLN F 52 7.33 40.59 -12.40
CA GLN F 52 7.79 40.63 -11.01
C GLN F 52 7.45 42.02 -10.43
N SER F 53 6.52 42.06 -9.49
CA SER F 53 6.18 43.30 -8.76
C SER F 53 7.23 43.54 -7.64
N ALA F 54 7.35 44.80 -7.15
CA ALA F 54 8.19 45.09 -5.98
C ALA F 54 7.65 44.43 -4.71
N THR F 55 6.35 44.42 -4.47
CA THR F 55 5.87 43.94 -3.16
C THR F 55 4.72 42.95 -3.16
N TYR F 56 4.27 42.46 -4.31
CA TYR F 56 3.14 41.48 -4.40
C TYR F 56 3.63 40.20 -5.06
N GLY F 57 4.96 40.05 -5.18
CA GLY F 57 5.64 38.98 -5.96
C GLY F 57 5.25 39.00 -7.43
N LYS F 58 5.26 37.82 -8.05
CA LYS F 58 4.88 37.70 -9.48
C LYS F 58 3.38 37.99 -9.68
N VAL F 59 3.08 38.60 -10.82
CA VAL F 59 1.76 39.06 -11.27
C VAL F 59 1.44 38.55 -12.70
N LEU F 60 0.30 37.85 -12.83
CA LEU F 60 -0.29 37.43 -14.12
C LEU F 60 -1.34 38.46 -14.57
N VAL F 61 -1.33 38.83 -15.84
CA VAL F 61 -2.20 39.86 -16.46
C VAL F 61 -2.79 39.35 -17.76
N LEU F 62 -4.11 39.44 -17.92
CA LEU F 62 -4.73 39.03 -19.20
C LEU F 62 -5.58 40.18 -19.70
N ASP F 63 -5.34 40.56 -20.97
CA ASP F 63 -5.94 41.74 -21.63
C ASP F 63 -5.89 42.94 -20.66
N GLY F 64 -4.76 43.14 -19.98
CA GLY F 64 -4.52 44.26 -19.06
C GLY F 64 -5.19 44.11 -17.71
N VAL F 65 -5.75 42.95 -17.40
CA VAL F 65 -6.49 42.79 -16.11
C VAL F 65 -5.71 41.83 -15.22
N ILE F 66 -5.46 42.26 -13.99
CA ILE F 66 -4.71 41.46 -12.96
C ILE F 66 -5.53 40.20 -12.65
N GLN F 67 -4.89 39.04 -12.90
CA GLN F 67 -5.59 37.72 -12.66
C GLN F 67 -5.13 37.14 -11.31
N LEU F 68 -3.89 37.39 -10.93
CA LEU F 68 -3.33 36.77 -9.71
C LEU F 68 -2.03 37.45 -9.28
N THR F 69 -1.79 37.61 -7.97
CA THR F 69 -0.44 37.91 -7.49
C THR F 69 -0.09 36.86 -6.47
N GLU F 70 1.19 36.59 -6.24
CA GLU F 70 1.59 35.57 -5.27
C GLU F 70 1.13 35.98 -3.90
N ARG F 71 1.22 37.29 -3.59
CA ARG F 71 0.98 37.74 -2.22
C ARG F 71 -0.46 37.48 -1.78
N ASP F 72 -1.49 37.74 -2.57
CA ASP F 72 -2.86 37.56 -2.07
C ASP F 72 -3.67 36.43 -2.75
N GLU F 73 -3.08 35.65 -3.64
CA GLU F 73 -3.87 34.62 -4.39
C GLU F 73 -4.57 33.65 -3.43
N CYS F 74 -3.98 33.34 -2.27
CA CYS F 74 -4.58 32.42 -1.28
C CYS F 74 -6.06 32.72 -1.08
N ALA F 75 -6.46 33.98 -1.03
CA ALA F 75 -7.85 34.40 -0.63
C ALA F 75 -8.81 33.88 -1.73
N TYR F 76 -8.58 34.25 -2.98
CA TYR F 76 -9.52 33.80 -4.05
C TYR F 76 -9.51 32.28 -4.26
N GLN F 77 -8.32 31.69 -4.37
CA GLN F 77 -8.20 30.23 -4.65
C GLN F 77 -8.82 29.41 -3.52
N GLU F 78 -8.63 29.84 -2.26
CA GLU F 78 -9.14 29.06 -1.12
C GLU F 78 -10.67 29.18 -1.07
N MET F 79 -11.15 30.41 -1.24
CA MET F 79 -12.58 30.67 -0.99
C MET F 79 -13.37 30.08 -2.15
N ILE F 80 -12.88 30.26 -3.39
CA ILE F 80 -13.69 29.75 -4.56
C ILE F 80 -13.84 28.23 -4.51
N THR F 81 -12.88 27.56 -3.89
CA THR F 81 -12.77 26.09 -3.89
C THR F 81 -13.49 25.56 -2.66
N HIS F 82 -13.18 26.09 -1.48
CA HIS F 82 -13.65 25.46 -0.22
C HIS F 82 -15.08 25.91 0.08
N LEU F 83 -15.50 27.09 -0.41
CA LEU F 83 -16.94 27.45 -0.22
C LEU F 83 -17.82 26.29 -0.79
N PRO F 84 -17.81 25.94 -2.09
CA PRO F 84 -18.62 24.82 -2.63
C PRO F 84 -18.25 23.42 -2.12
N LEU F 85 -16.96 23.12 -1.98
CA LEU F 85 -16.61 21.69 -1.77
C LEU F 85 -16.83 21.32 -0.32
N CYS F 86 -16.73 22.27 0.60
CA CYS F 86 -16.98 22.01 2.05
C CYS F 86 -18.49 22.02 2.32
N SER F 87 -19.30 22.28 1.30
CA SER F 87 -20.78 22.41 1.40
C SER F 87 -21.49 21.09 1.03
N ILE F 88 -20.74 20.13 0.46
CA ILE F 88 -21.28 18.82 -0.01
C ILE F 88 -20.44 17.68 0.54
N PRO F 89 -21.07 16.51 0.73
CA PRO F 89 -20.38 15.32 1.25
C PRO F 89 -19.51 14.60 0.20
N ASN F 90 -18.33 14.12 0.58
CA ASN F 90 -17.43 13.28 -0.25
C ASN F 90 -17.58 13.55 -1.75
N PRO F 91 -17.13 14.76 -2.18
CA PRO F 91 -17.00 15.08 -3.58
C PRO F 91 -16.00 14.16 -4.25
N LYS F 92 -16.40 13.65 -5.40
CA LYS F 92 -15.57 12.71 -6.16
C LYS F 92 -15.10 13.35 -7.46
N LYS F 93 -16.04 13.86 -8.28
CA LYS F 93 -15.81 14.44 -9.63
C LYS F 93 -16.13 15.95 -9.64
N VAL F 94 -15.14 16.72 -10.05
CA VAL F 94 -15.19 18.20 -9.99
C VAL F 94 -14.66 18.71 -11.32
N LEU F 95 -15.40 19.63 -11.94
CA LEU F 95 -15.00 20.39 -13.14
C LEU F 95 -14.54 21.80 -12.75
N VAL F 96 -13.38 22.18 -13.25
CA VAL F 96 -12.84 23.59 -13.15
C VAL F 96 -12.88 24.20 -14.54
N ILE F 97 -13.72 25.19 -14.72
CA ILE F 97 -13.76 26.01 -15.96
C ILE F 97 -12.82 27.23 -15.76
N GLY F 98 -11.89 27.38 -16.70
CA GLY F 98 -10.78 28.36 -16.70
C GLY F 98 -9.70 27.87 -15.75
N GLY F 99 -9.17 28.67 -14.82
CA GLY F 99 -8.23 28.11 -13.84
C GLY F 99 -6.84 27.86 -14.41
N GLY F 100 -6.51 28.46 -15.54
CA GLY F 100 -5.21 28.30 -16.17
C GLY F 100 -4.01 28.47 -15.26
N ASP F 101 -4.08 29.27 -14.19
CA ASP F 101 -2.88 29.47 -13.33
C ASP F 101 -2.65 28.31 -12.37
N GLY F 102 -3.65 27.45 -12.23
CA GLY F 102 -3.54 26.16 -11.52
C GLY F 102 -3.81 26.24 -10.01
N GLY F 103 -4.09 27.40 -9.43
CA GLY F 103 -4.39 27.64 -8.01
C GLY F 103 -5.56 26.81 -7.53
N VAL F 104 -6.68 26.97 -8.22
CA VAL F 104 -7.88 26.23 -7.83
C VAL F 104 -7.60 24.72 -7.87
N LEU F 105 -6.84 24.22 -8.84
CA LEU F 105 -6.56 22.76 -8.93
C LEU F 105 -5.87 22.35 -7.65
N ARG F 106 -4.93 23.19 -7.19
CA ARG F 106 -4.15 22.81 -5.99
C ARG F 106 -5.11 22.80 -4.81
N GLU F 107 -6.07 23.71 -4.77
CA GLU F 107 -7.01 23.75 -3.58
C GLU F 107 -7.98 22.57 -3.66
N VAL F 108 -8.44 22.26 -4.89
CA VAL F 108 -9.34 21.11 -5.08
C VAL F 108 -8.63 19.89 -4.57
N ALA F 109 -7.36 19.72 -4.92
CA ALA F 109 -6.60 18.50 -4.61
C ALA F 109 -6.49 18.35 -3.10
N ARG F 110 -6.76 19.40 -2.33
CA ARG F 110 -6.67 19.24 -0.86
C ARG F 110 -7.71 18.23 -0.35
N HIS F 111 -8.81 18.05 -1.10
CA HIS F 111 -9.96 17.20 -0.68
C HIS F 111 -9.73 15.72 -1.03
N ALA F 112 -9.43 14.91 -0.02
CA ALA F 112 -9.02 13.50 -0.15
C ALA F 112 -10.07 12.71 -0.93
N SER F 113 -11.37 13.02 -0.81
CA SER F 113 -12.48 12.25 -1.48
C SER F 113 -12.41 12.35 -3.02
N ILE F 114 -11.84 13.43 -3.52
CA ILE F 114 -11.74 13.66 -4.98
C ILE F 114 -11.07 12.47 -5.69
N GLU F 115 -11.61 12.10 -6.83
CA GLU F 115 -11.11 10.99 -7.69
C GLU F 115 -10.76 11.50 -9.08
N GLN F 116 -11.55 12.45 -9.60
CA GLN F 116 -11.14 13.11 -10.87
C GLN F 116 -11.42 14.62 -10.81
N ILE F 117 -10.42 15.38 -11.26
CA ILE F 117 -10.55 16.83 -11.43
C ILE F 117 -10.45 17.10 -12.92
N ASP F 118 -11.58 17.30 -13.57
CA ASP F 118 -11.54 17.78 -14.97
C ASP F 118 -11.29 19.29 -14.97
N MET F 119 -10.58 19.78 -15.95
CA MET F 119 -10.40 21.23 -16.18
C MET F 119 -10.50 21.47 -17.67
N CYS F 120 -11.13 22.59 -17.99
CA CYS F 120 -11.23 23.09 -19.38
C CYS F 120 -10.83 24.57 -19.33
N GLU F 121 -9.62 24.86 -19.81
CA GLU F 121 -9.01 26.25 -19.88
C GLU F 121 -8.89 26.63 -21.36
N ILE F 122 -9.44 27.71 -21.80
CA ILE F 122 -9.46 28.01 -23.27
C ILE F 122 -8.03 28.34 -23.76
N ASP F 123 -7.12 28.87 -22.92
CA ASP F 123 -5.88 29.52 -23.39
C ASP F 123 -4.61 28.80 -22.90
N LYS F 124 -4.07 27.95 -23.78
CA LYS F 124 -2.86 27.17 -23.43
C LYS F 124 -1.67 28.06 -23.09
N MET F 125 -1.57 29.23 -23.68
CA MET F 125 -0.49 30.21 -23.26
C MET F 125 -0.58 30.53 -21.75
N VAL F 126 -1.79 30.55 -21.19
CA VAL F 126 -1.93 30.84 -19.74
C VAL F 126 -1.39 29.66 -18.94
N VAL F 127 -1.76 28.43 -19.35
CA VAL F 127 -1.20 27.24 -18.68
C VAL F 127 0.34 27.26 -18.74
N ASP F 128 0.95 27.38 -19.94
CA ASP F 128 2.42 27.31 -20.08
C ASP F 128 3.15 28.37 -19.20
N VAL F 129 2.70 29.60 -19.24
CA VAL F 129 3.42 30.72 -18.52
C VAL F 129 3.19 30.60 -17.00
N SER F 130 2.03 30.09 -16.60
CA SER F 130 1.83 29.85 -15.17
C SER F 130 2.80 28.72 -14.75
N LYS F 131 2.94 27.65 -15.55
CA LYS F 131 3.82 26.52 -15.15
C LYS F 131 5.27 27.03 -15.08
N GLN F 132 5.61 27.92 -15.98
CA GLN F 132 7.01 28.41 -16.08
C GLN F 132 7.30 29.40 -14.96
N PHE F 133 6.40 30.33 -14.71
CA PHE F 133 6.80 31.51 -13.87
C PHE F 133 6.36 31.29 -12.45
N PHE F 134 5.24 30.62 -12.23
CA PHE F 134 4.60 30.50 -10.89
C PHE F 134 4.53 29.05 -10.44
N PRO F 135 5.60 28.57 -9.80
CA PRO F 135 5.70 27.14 -9.49
C PRO F 135 4.75 26.67 -8.37
N ASP F 136 4.35 27.58 -7.51
CA ASP F 136 3.55 27.13 -6.34
C ASP F 136 2.09 27.46 -6.54
N VAL F 137 1.74 28.01 -7.70
CA VAL F 137 0.30 28.10 -8.09
C VAL F 137 0.06 26.87 -8.97
N ALA F 138 0.78 26.77 -10.09
CA ALA F 138 0.73 25.72 -11.15
C ALA F 138 1.35 24.36 -10.72
N ILE F 139 1.87 24.25 -9.48
CA ILE F 139 1.94 22.92 -8.79
C ILE F 139 0.62 22.15 -8.96
N GLY F 140 -0.54 22.84 -9.04
CA GLY F 140 -1.85 22.17 -9.27
C GLY F 140 -1.75 21.01 -10.28
N TYR F 141 -0.97 21.21 -11.35
CA TYR F 141 -1.13 20.45 -12.60
C TYR F 141 -0.57 19.07 -12.45
N GLU F 142 0.28 18.90 -11.44
CA GLU F 142 1.05 17.65 -11.25
C GLU F 142 0.16 16.53 -10.66
N ASP F 143 -1.03 16.81 -10.13
CA ASP F 143 -1.79 15.81 -9.39
C ASP F 143 -2.30 14.74 -10.37
N PRO F 144 -2.14 13.44 -10.08
CA PRO F 144 -2.55 12.38 -11.03
C PRO F 144 -4.05 12.52 -11.41
N ARG F 145 -4.83 13.20 -10.55
CA ARG F 145 -6.30 13.26 -10.74
C ARG F 145 -6.68 14.37 -11.71
N VAL F 146 -5.72 15.17 -12.19
CA VAL F 146 -6.08 16.33 -13.04
C VAL F 146 -6.22 15.89 -14.49
N ASN F 147 -7.35 16.24 -15.12
CA ASN F 147 -7.59 15.93 -16.55
C ASN F 147 -7.80 17.22 -17.27
N LEU F 148 -6.73 17.73 -17.88
CA LEU F 148 -6.75 19.04 -18.53
C LEU F 148 -7.16 18.94 -20.00
N VAL F 149 -8.22 19.64 -20.36
CA VAL F 149 -8.64 19.90 -21.78
C VAL F 149 -8.39 21.38 -22.08
N ILE F 150 -7.86 21.69 -23.27
CA ILE F 150 -7.80 23.11 -23.73
C ILE F 150 -9.00 23.32 -24.65
N GLY F 151 -9.95 24.14 -24.24
CA GLY F 151 -11.15 24.41 -25.01
C GLY F 151 -11.95 25.50 -24.33
N ASP F 152 -13.01 25.91 -24.99
CA ASP F 152 -13.99 26.82 -24.42
C ASP F 152 -14.88 26.03 -23.48
N GLY F 153 -15.03 26.48 -22.24
CA GLY F 153 -15.86 25.80 -21.27
C GLY F 153 -17.31 25.76 -21.76
N VAL F 154 -17.75 26.66 -22.68
CA VAL F 154 -19.16 26.60 -23.16
C VAL F 154 -19.30 25.26 -23.90
N ALA F 155 -18.35 24.97 -24.78
CA ALA F 155 -18.39 23.72 -25.58
C ALA F 155 -18.23 22.52 -24.67
N PHE F 156 -17.25 22.54 -23.78
CA PHE F 156 -17.03 21.47 -22.79
C PHE F 156 -18.33 21.09 -22.05
N LEU F 157 -19.06 22.07 -21.51
CA LEU F 157 -20.26 21.73 -20.70
C LEU F 157 -21.31 21.06 -21.57
N LYS F 158 -21.44 21.50 -22.82
CA LYS F 158 -22.43 20.89 -23.75
C LYS F 158 -22.11 19.41 -23.92
N ASN F 159 -20.84 19.01 -23.81
CA ASN F 159 -20.39 17.61 -24.01
C ASN F 159 -20.63 16.74 -22.77
N ALA F 160 -20.94 17.32 -21.62
CA ALA F 160 -20.79 16.58 -20.35
C ALA F 160 -21.89 15.51 -20.27
N ALA F 161 -21.63 14.42 -19.58
CA ALA F 161 -22.71 13.42 -19.31
C ALA F 161 -23.68 14.09 -18.33
N GLU F 162 -25.01 14.02 -18.55
CA GLU F 162 -26.02 14.59 -17.63
C GLU F 162 -25.72 14.03 -16.24
N GLY F 163 -25.65 14.88 -15.19
CA GLY F 163 -25.65 14.42 -13.79
C GLY F 163 -24.33 13.86 -13.39
N SER F 164 -23.30 14.16 -14.16
CA SER F 164 -22.00 13.49 -13.99
C SER F 164 -21.19 14.18 -12.91
N TYR F 165 -21.40 15.49 -12.61
CA TYR F 165 -20.48 16.21 -11.71
C TYR F 165 -21.10 16.47 -10.33
N ASP F 166 -20.27 16.35 -9.29
CA ASP F 166 -20.59 16.77 -7.90
C ASP F 166 -20.44 18.29 -7.78
N ALA F 167 -19.44 18.88 -8.43
CA ALA F 167 -19.23 20.34 -8.32
C ALA F 167 -18.71 20.90 -9.65
N VAL F 168 -19.05 22.17 -9.92
CA VAL F 168 -18.41 22.92 -11.03
C VAL F 168 -17.94 24.25 -10.47
N ILE F 169 -16.68 24.54 -10.71
CA ILE F 169 -16.09 25.85 -10.29
C ILE F 169 -15.71 26.60 -11.56
N VAL F 170 -16.29 27.78 -11.75
CA VAL F 170 -16.02 28.64 -12.92
C VAL F 170 -15.01 29.72 -12.45
N ASP F 171 -13.74 29.44 -12.63
CA ASP F 171 -12.69 30.44 -12.30
C ASP F 171 -12.32 31.20 -13.54
N SER F 172 -13.21 32.04 -13.99
CA SER F 172 -13.03 32.77 -15.24
C SER F 172 -12.44 34.14 -15.04
N SER F 173 -11.99 34.69 -16.16
CA SER F 173 -11.73 36.14 -16.30
C SER F 173 -13.06 36.85 -16.39
N ASP F 174 -12.97 38.14 -16.63
CA ASP F 174 -14.07 39.12 -16.70
C ASP F 174 -14.87 38.86 -17.97
N PRO F 175 -16.09 39.37 -18.05
CA PRO F 175 -16.94 39.23 -19.22
C PRO F 175 -16.48 39.98 -20.46
N ILE F 176 -15.45 40.80 -20.33
CA ILE F 176 -14.79 41.38 -21.51
C ILE F 176 -13.68 40.43 -21.91
N GLY F 177 -13.89 39.67 -22.96
CA GLY F 177 -12.94 38.66 -23.47
C GLY F 177 -13.60 37.31 -23.66
N PRO F 178 -12.80 36.26 -23.65
CA PRO F 178 -13.25 34.93 -24.00
C PRO F 178 -14.26 34.40 -22.98
N ALA F 179 -14.32 35.05 -21.84
CA ALA F 179 -15.23 34.59 -20.76
C ALA F 179 -16.65 35.08 -20.96
N LYS F 180 -16.92 36.01 -21.90
CA LYS F 180 -18.27 36.67 -22.02
C LYS F 180 -19.38 35.67 -21.75
N GLU F 181 -19.44 34.55 -22.50
CA GLU F 181 -20.64 33.67 -22.40
C GLU F 181 -20.76 32.93 -21.07
N LEU F 182 -19.69 32.82 -20.27
CA LEU F 182 -19.72 32.06 -19.01
C LEU F 182 -20.59 32.79 -17.95
N PHE F 183 -20.95 34.05 -18.22
CA PHE F 183 -21.82 34.86 -17.35
C PHE F 183 -23.27 34.83 -17.82
N GLU F 184 -23.60 34.01 -18.82
CA GLU F 184 -24.94 34.12 -19.46
C GLU F 184 -25.77 32.86 -19.19
N LYS F 185 -27.06 33.00 -19.45
CA LYS F 185 -28.08 32.02 -19.05
C LYS F 185 -27.84 30.63 -19.66
N PRO F 186 -27.61 30.49 -20.99
CA PRO F 186 -27.35 29.17 -21.56
C PRO F 186 -26.23 28.41 -20.84
N PHE F 187 -25.12 29.09 -20.59
CA PHE F 187 -23.99 28.48 -19.89
C PHE F 187 -24.47 27.88 -18.56
N PHE F 188 -25.16 28.71 -17.76
CA PHE F 188 -25.67 28.34 -16.43
C PHE F 188 -26.61 27.16 -16.58
N GLN F 189 -27.46 27.17 -17.59
CA GLN F 189 -28.38 26.02 -17.79
C GLN F 189 -27.57 24.73 -18.05
N SER F 190 -26.52 24.78 -18.89
CA SER F 190 -25.71 23.56 -19.19
C SER F 190 -24.99 23.08 -17.91
N VAL F 191 -24.57 24.00 -17.00
CA VAL F 191 -23.97 23.59 -15.69
C VAL F 191 -25.02 22.78 -14.91
N ALA F 192 -26.23 23.31 -14.85
CA ALA F 192 -27.35 22.70 -14.12
C ALA F 192 -27.52 21.28 -14.66
N ARG F 193 -27.51 21.10 -15.98
CA ARG F 193 -27.66 19.76 -16.63
C ARG F 193 -26.48 18.83 -16.27
N ALA F 194 -25.23 19.29 -16.30
CA ALA F 194 -23.99 18.53 -15.93
C ALA F 194 -23.93 18.07 -14.47
N LEU F 195 -24.56 18.79 -13.52
CA LEU F 195 -24.52 18.46 -12.07
C LEU F 195 -25.53 17.33 -11.74
N ARG F 196 -25.09 16.38 -10.92
CA ARG F 196 -25.98 15.47 -10.19
C ARG F 196 -27.04 16.30 -9.48
N PRO F 197 -28.15 15.67 -9.06
CA PRO F 197 -29.09 16.30 -8.15
C PRO F 197 -28.40 16.58 -6.82
N GLY F 198 -28.44 17.83 -6.43
CA GLY F 198 -27.76 18.31 -5.20
C GLY F 198 -26.36 18.80 -5.53
N GLY F 199 -25.97 18.72 -6.80
CA GLY F 199 -24.66 19.22 -7.27
C GLY F 199 -24.56 20.72 -7.04
N VAL F 200 -23.34 21.26 -6.89
CA VAL F 200 -23.15 22.70 -6.61
C VAL F 200 -22.29 23.38 -7.69
N VAL F 201 -22.54 24.66 -7.99
CA VAL F 201 -21.68 25.47 -8.88
C VAL F 201 -21.23 26.72 -8.08
N CYS F 202 -19.94 27.00 -8.15
CA CYS F 202 -19.34 28.23 -7.61
C CYS F 202 -18.75 29.02 -8.74
N THR F 203 -19.09 30.30 -8.90
CA THR F 203 -18.56 31.04 -10.07
C THR F 203 -17.96 32.34 -9.58
N GLN F 204 -16.94 32.80 -10.30
CA GLN F 204 -16.38 34.19 -10.16
C GLN F 204 -17.50 35.14 -10.52
N ALA F 205 -17.99 35.90 -9.53
CA ALA F 205 -19.15 36.76 -9.76
C ALA F 205 -18.90 38.24 -9.33
N GLU F 206 -17.73 38.74 -9.65
CA GLU F 206 -17.38 40.18 -9.70
C GLU F 206 -17.63 40.92 -8.36
N SER F 207 -17.62 42.24 -8.44
CA SER F 207 -17.61 43.13 -7.23
C SER F 207 -18.98 43.76 -6.98
N LEU F 208 -19.48 43.53 -5.77
CA LEU F 208 -20.70 44.18 -5.29
C LEU F 208 -20.52 45.68 -5.30
N TRP F 209 -19.30 46.20 -5.17
CA TRP F 209 -19.09 47.67 -5.27
C TRP F 209 -19.25 48.25 -6.69
N LEU F 210 -18.84 47.49 -7.73
CA LEU F 210 -18.63 48.04 -9.11
C LEU F 210 -19.67 47.53 -10.10
N HIS F 211 -20.24 46.35 -9.84
CA HIS F 211 -20.93 45.56 -10.86
C HIS F 211 -22.27 45.04 -10.36
N MET F 212 -23.02 45.84 -9.58
CA MET F 212 -24.31 45.36 -9.05
C MET F 212 -25.32 45.07 -10.16
N ASP F 213 -25.31 45.80 -11.27
CA ASP F 213 -26.31 45.53 -12.35
C ASP F 213 -25.96 44.17 -13.00
N ILE F 214 -24.68 43.88 -13.21
CA ILE F 214 -24.24 42.56 -13.71
C ILE F 214 -24.59 41.49 -12.67
N ILE F 215 -24.31 41.74 -11.40
CA ILE F 215 -24.55 40.67 -10.39
C ILE F 215 -26.06 40.38 -10.28
N GLU F 216 -26.89 41.41 -10.25
CA GLU F 216 -28.37 41.27 -10.18
C GLU F 216 -28.90 40.30 -11.25
N ASP F 217 -28.45 40.46 -12.49
CA ASP F 217 -28.90 39.61 -13.64
C ASP F 217 -28.43 38.19 -13.45
N ILE F 218 -27.14 38.02 -13.07
CA ILE F 218 -26.54 36.70 -12.75
C ILE F 218 -27.43 36.01 -11.72
N VAL F 219 -27.74 36.69 -10.63
CA VAL F 219 -28.53 36.07 -9.53
C VAL F 219 -29.93 35.68 -10.01
N SER F 220 -30.58 36.55 -10.77
CA SER F 220 -31.98 36.36 -11.26
C SER F 220 -32.01 35.08 -12.08
N ASN F 221 -31.14 35.06 -13.07
CA ASN F 221 -30.88 33.87 -13.92
C ASN F 221 -30.71 32.63 -13.04
N CYS F 222 -29.71 32.59 -12.16
CA CYS F 222 -29.48 31.39 -11.32
C CYS F 222 -30.75 31.03 -10.53
N ARG F 223 -31.57 32.02 -10.11
CA ARG F 223 -32.77 31.77 -9.29
C ARG F 223 -33.81 31.06 -10.18
N GLU F 224 -33.76 31.34 -11.46
CA GLU F 224 -34.67 30.68 -12.45
C GLU F 224 -34.22 29.23 -12.66
N ILE F 225 -32.92 29.01 -12.75
CA ILE F 225 -32.26 27.76 -13.25
C ILE F 225 -32.09 26.75 -12.11
N PHE F 226 -31.61 27.22 -10.95
CA PHE F 226 -31.21 26.36 -9.81
C PHE F 226 -32.32 26.37 -8.78
N LYS F 227 -33.04 25.26 -8.66
CA LYS F 227 -34.17 25.15 -7.71
C LYS F 227 -33.67 24.67 -6.36
N GLY F 228 -32.38 24.43 -6.21
CA GLY F 228 -31.81 24.25 -4.87
C GLY F 228 -31.50 25.62 -4.26
N SER F 229 -30.37 25.74 -3.58
CA SER F 229 -29.96 27.00 -2.88
C SER F 229 -29.34 27.93 -3.92
N VAL F 230 -29.58 29.23 -3.84
CA VAL F 230 -28.87 30.26 -4.68
C VAL F 230 -28.35 31.31 -3.66
N ASN F 231 -27.02 31.49 -3.54
CA ASN F 231 -26.41 32.36 -2.52
C ASN F 231 -25.21 33.10 -3.12
N TYR F 232 -24.86 34.21 -2.53
CA TYR F 232 -23.77 35.05 -3.04
C TYR F 232 -22.83 35.32 -1.87
N ALA F 233 -21.52 35.13 -2.08
CA ALA F 233 -20.50 35.20 -1.02
C ALA F 233 -19.49 36.23 -1.51
N TRP F 234 -18.77 36.83 -0.59
CA TRP F 234 -17.68 37.73 -1.03
C TRP F 234 -16.47 37.57 -0.11
N THR F 235 -15.30 38.01 -0.58
CA THR F 235 -14.07 37.93 0.21
C THR F 235 -13.19 39.08 -0.24
N SER F 236 -12.13 39.24 0.50
CA SER F 236 -11.12 40.32 0.25
C SER F 236 -10.06 39.85 -0.75
N VAL F 237 -9.83 40.57 -1.84
CA VAL F 237 -8.61 40.36 -2.64
C VAL F 237 -8.07 41.73 -2.98
N PRO F 238 -6.99 42.09 -2.32
CA PRO F 238 -6.52 43.48 -2.46
C PRO F 238 -6.28 43.86 -3.93
N THR F 239 -5.79 42.87 -4.74
CA THR F 239 -5.34 43.16 -6.12
C THR F 239 -6.42 42.78 -7.15
N TYR F 240 -7.70 42.64 -6.71
CA TYR F 240 -8.88 42.72 -7.61
C TYR F 240 -9.55 44.08 -7.45
N PRO F 241 -10.23 44.56 -8.50
CA PRO F 241 -10.84 45.89 -8.54
C PRO F 241 -11.82 46.05 -7.38
N SER F 242 -11.72 47.16 -6.66
CA SER F 242 -12.50 47.46 -5.40
C SER F 242 -12.03 46.65 -4.18
N GLY F 243 -11.08 45.74 -4.32
CA GLY F 243 -10.49 45.00 -3.19
C GLY F 243 -11.37 43.82 -2.76
N VAL F 244 -12.50 43.65 -3.41
CA VAL F 244 -13.30 42.41 -3.15
C VAL F 244 -13.62 41.66 -4.43
N ILE F 245 -14.05 40.44 -4.21
CA ILE F 245 -14.52 39.52 -5.28
C ILE F 245 -15.61 38.67 -4.69
N GLY F 246 -16.66 38.48 -5.48
CA GLY F 246 -17.81 37.64 -5.05
C GLY F 246 -17.99 36.37 -5.87
N PHE F 247 -18.77 35.45 -5.26
CA PHE F 247 -19.04 34.09 -5.77
C PHE F 247 -20.52 33.87 -5.85
N MET F 248 -20.97 33.25 -6.94
CA MET F 248 -22.33 32.65 -6.92
C MET F 248 -22.17 31.23 -6.45
N LEU F 249 -23.06 30.79 -5.55
CA LEU F 249 -23.10 29.42 -5.07
C LEU F 249 -24.52 28.96 -5.36
N CYS F 250 -24.68 27.92 -6.17
CA CYS F 250 -26.04 27.35 -6.40
C CYS F 250 -25.98 25.80 -6.33
N SER F 251 -27.09 25.18 -5.88
CA SER F 251 -27.35 23.71 -5.85
C SER F 251 -28.57 23.41 -6.72
N THR F 252 -28.49 22.32 -7.44
CA THR F 252 -29.66 21.82 -8.24
C THR F 252 -30.65 21.15 -7.28
N GLU F 253 -31.91 21.12 -7.69
CA GLU F 253 -32.93 20.33 -6.94
C GLU F 253 -32.38 18.96 -6.56
N GLY F 254 -32.63 18.48 -5.36
CA GLY F 254 -32.00 17.23 -4.87
C GLY F 254 -31.74 17.38 -3.40
N PRO F 255 -30.85 16.57 -2.81
CA PRO F 255 -30.50 16.74 -1.40
C PRO F 255 -30.15 18.21 -1.14
N ASP F 256 -30.69 18.74 -0.05
CA ASP F 256 -30.54 20.16 0.30
C ASP F 256 -29.05 20.50 0.49
N VAL F 257 -28.71 21.74 0.22
CA VAL F 257 -27.33 22.21 0.46
C VAL F 257 -27.46 23.54 1.21
N ASP F 258 -26.86 23.60 2.37
CA ASP F 258 -26.83 24.84 3.18
C ASP F 258 -25.44 25.45 2.99
N PHE F 259 -25.29 26.35 2.03
CA PHE F 259 -23.94 26.95 1.75
C PHE F 259 -23.36 27.72 2.96
N LYS F 260 -24.21 28.29 3.79
CA LYS F 260 -23.78 29.21 4.89
C LYS F 260 -23.17 28.43 6.06
N HIS F 261 -23.55 27.19 6.27
CA HIS F 261 -22.99 26.45 7.43
C HIS F 261 -22.29 25.21 6.88
N PRO F 262 -20.96 25.26 6.70
CA PRO F 262 -20.32 24.18 5.95
C PRO F 262 -20.54 22.86 6.68
N LEU F 263 -20.85 21.87 5.87
CA LEU F 263 -21.21 20.49 6.22
C LEU F 263 -20.04 19.74 6.85
N ASN F 264 -18.81 20.26 6.77
CA ASN F 264 -17.64 19.65 7.45
C ASN F 264 -16.36 20.37 7.05
N PRO F 265 -15.28 20.09 7.78
CA PRO F 265 -13.98 20.66 7.47
C PRO F 265 -13.23 19.91 6.34
N ILE F 266 -12.24 20.58 5.75
CA ILE F 266 -11.23 19.96 4.84
C ILE F 266 -10.45 18.82 5.53
N GLY F 275 1.62 22.67 2.69
CA GLY F 275 1.44 23.67 3.78
C GLY F 275 -0.03 24.06 3.96
N PRO F 276 -0.42 24.58 5.14
CA PRO F 276 -1.83 24.71 5.46
C PRO F 276 -2.49 25.89 4.74
N LEU F 277 -3.79 26.00 5.00
CA LEU F 277 -4.64 27.08 4.46
C LEU F 277 -4.12 28.36 5.06
N LYS F 278 -4.06 29.40 4.26
CA LYS F 278 -3.57 30.71 4.67
C LYS F 278 -4.78 31.59 5.00
N PHE F 279 -5.98 31.27 4.51
CA PHE F 279 -7.13 32.20 4.49
C PHE F 279 -8.44 31.57 4.98
N TYR F 280 -8.92 30.58 4.22
CA TYR F 280 -10.17 29.87 4.52
C TYR F 280 -10.15 29.30 5.96
N ASN F 281 -11.27 29.36 6.65
CA ASN F 281 -11.57 28.56 7.88
C ASN F 281 -13.08 28.50 7.98
N ALA F 282 -13.61 27.64 8.83
CA ALA F 282 -15.06 27.40 9.02
C ALA F 282 -15.85 28.69 9.38
N GLU F 283 -15.25 29.56 10.21
CA GLU F 283 -15.90 30.85 10.58
C GLU F 283 -16.00 31.82 9.40
N ILE F 284 -14.92 31.96 8.62
CA ILE F 284 -14.95 32.92 7.49
C ILE F 284 -15.88 32.39 6.41
N HIS F 285 -16.07 31.07 6.35
CA HIS F 285 -17.00 30.45 5.39
C HIS F 285 -18.37 31.08 5.57
N SER F 286 -18.88 31.01 6.79
CA SER F 286 -20.20 31.57 7.13
C SER F 286 -20.25 33.10 6.96
N ALA F 287 -19.16 33.75 7.36
CA ALA F 287 -19.04 35.23 7.32
C ALA F 287 -19.15 35.70 5.89
N ALA F 288 -18.69 34.88 4.89
CA ALA F 288 -18.59 35.39 3.54
C ALA F 288 -19.96 35.60 2.91
N PHE F 289 -21.00 35.05 3.53
CA PHE F 289 -22.41 35.18 3.09
C PHE F 289 -23.14 36.35 3.79
N CYS F 290 -22.41 37.09 4.63
CA CYS F 290 -23.02 38.26 5.32
C CYS F 290 -22.73 39.51 4.51
N LEU F 291 -23.62 39.93 3.64
CA LEU F 291 -23.30 41.11 2.78
C LEU F 291 -23.68 42.45 3.41
N PRO F 292 -23.14 43.54 2.85
CA PRO F 292 -23.51 44.88 3.26
C PRO F 292 -24.96 45.07 2.81
N SER F 293 -25.69 45.87 3.59
CA SER F 293 -27.14 46.11 3.45
C SER F 293 -27.53 46.46 2.02
N PHE F 294 -26.79 47.34 1.34
CA PHE F 294 -27.06 47.81 -0.03
C PHE F 294 -27.05 46.59 -0.95
N ALA F 295 -26.23 45.60 -0.66
CA ALA F 295 -26.13 44.42 -1.56
C ALA F 295 -27.16 43.37 -1.16
N LYS F 296 -27.24 43.05 0.13
CA LYS F 296 -28.27 42.20 0.79
C LYS F 296 -29.62 42.44 0.10
N LYS F 297 -30.09 43.68 0.14
CA LYS F 297 -31.39 44.12 -0.43
C LYS F 297 -31.52 43.68 -1.91
N VAL F 298 -30.53 43.98 -2.75
CA VAL F 298 -30.64 43.61 -4.20
C VAL F 298 -30.57 42.08 -4.35
N ILE F 299 -29.60 41.42 -3.73
CA ILE F 299 -29.29 39.97 -3.95
C ILE F 299 -30.41 39.12 -3.37
N GLU F 300 -31.12 39.63 -2.36
CA GLU F 300 -32.31 38.96 -1.81
C GLU F 300 -33.52 39.87 -2.00
N SER F 301 -34.36 39.54 -2.99
CA SER F 301 -35.64 40.19 -3.39
C SER F 301 -36.23 39.52 -4.65
N LYS G 5 -23.44 -15.73 2.16
CA LYS G 5 -21.96 -15.90 2.07
C LYS G 5 -21.52 -15.83 0.60
N GLU G 6 -22.00 -16.74 -0.26
CA GLU G 6 -21.61 -16.76 -1.70
C GLU G 6 -22.42 -15.71 -2.47
N PRO G 7 -21.78 -15.04 -3.46
CA PRO G 7 -22.49 -14.16 -4.40
C PRO G 7 -23.66 -14.86 -5.13
N ALA G 8 -24.63 -14.08 -5.66
CA ALA G 8 -25.84 -14.59 -6.35
C ALA G 8 -25.52 -15.38 -7.64
N CYS G 9 -24.44 -15.09 -8.38
CA CYS G 9 -24.06 -15.81 -9.63
C CYS G 9 -23.35 -17.15 -9.36
N PHE G 10 -23.18 -17.52 -8.09
CA PHE G 10 -22.60 -18.81 -7.67
C PHE G 10 -23.70 -19.86 -7.56
N SER G 11 -23.30 -21.13 -7.57
CA SER G 11 -24.22 -22.29 -7.68
C SER G 11 -25.00 -22.47 -6.37
N THR G 12 -26.29 -22.77 -6.46
CA THR G 12 -27.17 -23.15 -5.30
C THR G 12 -27.11 -24.66 -5.04
N VAL G 13 -26.47 -25.44 -5.94
CA VAL G 13 -26.36 -26.92 -5.86
C VAL G 13 -25.02 -27.32 -5.21
N ILE G 14 -23.90 -26.90 -5.75
CA ILE G 14 -22.59 -27.33 -5.20
C ILE G 14 -21.82 -26.08 -4.80
N PRO G 15 -21.20 -26.06 -3.59
CA PRO G 15 -20.41 -24.92 -3.17
C PRO G 15 -19.24 -24.74 -4.14
N GLY G 16 -18.88 -23.49 -4.36
CA GLY G 16 -17.59 -23.11 -4.94
C GLY G 16 -17.63 -23.21 -6.46
N TRP G 17 -18.79 -22.93 -7.09
CA TRP G 17 -18.88 -22.77 -8.57
C TRP G 17 -19.49 -21.43 -9.01
N PHE G 18 -18.83 -20.79 -9.96
CA PHE G 18 -19.33 -19.55 -10.59
C PHE G 18 -19.88 -19.95 -11.94
N SER G 19 -21.07 -19.50 -12.31
CA SER G 19 -21.57 -19.65 -13.71
C SER G 19 -21.90 -18.29 -14.37
N GLU G 20 -21.39 -18.09 -15.58
CA GLU G 20 -21.50 -16.84 -16.35
C GLU G 20 -22.83 -16.80 -17.11
N MET G 21 -23.89 -16.33 -16.48
CA MET G 21 -25.24 -16.39 -17.08
C MET G 21 -25.55 -14.99 -17.53
N SER G 22 -26.12 -14.82 -18.70
CA SER G 22 -26.62 -13.51 -19.19
C SER G 22 -27.60 -13.71 -20.33
N PRO G 23 -28.66 -12.87 -20.37
CA PRO G 23 -29.51 -12.83 -21.56
C PRO G 23 -28.81 -12.45 -22.87
N MET G 24 -27.57 -11.91 -22.81
CA MET G 24 -26.71 -11.64 -24.00
C MET G 24 -26.24 -12.98 -24.61
N TRP G 25 -26.29 -14.07 -23.84
CA TRP G 25 -25.97 -15.44 -24.35
C TRP G 25 -26.93 -16.42 -23.68
N PRO G 26 -28.21 -16.45 -24.08
CA PRO G 26 -29.20 -17.27 -23.42
C PRO G 26 -28.88 -18.77 -23.55
N GLY G 27 -29.21 -19.50 -22.50
CA GLY G 27 -29.18 -20.96 -22.58
C GLY G 27 -27.77 -21.51 -22.50
N GLU G 28 -26.76 -20.68 -22.25
CA GLU G 28 -25.40 -21.17 -22.05
C GLU G 28 -24.66 -20.45 -20.94
N ALA G 29 -23.72 -21.12 -20.31
CA ALA G 29 -22.99 -20.48 -19.21
C ALA G 29 -21.69 -21.24 -19.04
N HIS G 30 -20.59 -20.53 -19.04
CA HIS G 30 -19.28 -21.09 -18.74
C HIS G 30 -19.19 -21.12 -17.21
N SER G 31 -18.91 -22.26 -16.63
CA SER G 31 -18.89 -22.46 -15.17
C SER G 31 -17.43 -22.71 -14.84
N LEU G 32 -16.95 -22.06 -13.81
CA LEU G 32 -15.59 -22.15 -13.29
C LEU G 32 -15.65 -22.54 -11.84
N LYS G 33 -14.71 -23.38 -11.40
CA LYS G 33 -14.47 -23.65 -9.96
C LYS G 33 -13.73 -22.48 -9.28
N VAL G 34 -14.31 -22.08 -8.13
CA VAL G 34 -13.90 -20.92 -7.26
C VAL G 34 -13.17 -21.47 -6.03
N GLU G 35 -11.87 -21.29 -5.91
CA GLU G 35 -11.10 -21.61 -4.68
C GLU G 35 -11.49 -20.65 -3.54
N LYS G 36 -11.67 -19.35 -3.85
CA LYS G 36 -12.08 -18.33 -2.84
C LYS G 36 -12.42 -16.97 -3.47
N VAL G 37 -13.44 -16.30 -2.93
CA VAL G 37 -13.79 -14.93 -3.40
C VAL G 37 -12.82 -13.93 -2.75
N LEU G 38 -12.14 -13.09 -3.54
CA LEU G 38 -11.18 -12.11 -2.97
C LEU G 38 -11.84 -10.74 -2.80
N PHE G 39 -12.93 -10.48 -3.50
CA PHE G 39 -13.54 -9.14 -3.43
C PHE G 39 -14.94 -9.17 -4.01
N GLN G 40 -15.82 -8.48 -3.30
CA GLN G 40 -17.20 -8.18 -3.72
C GLN G 40 -17.50 -6.73 -3.37
N GLY G 41 -17.94 -5.94 -4.32
CA GLY G 41 -18.27 -4.53 -4.11
C GLY G 41 -19.26 -4.03 -5.15
N LYS G 42 -20.04 -3.02 -4.78
CA LYS G 42 -20.89 -2.30 -5.74
C LYS G 42 -20.24 -0.94 -5.90
N SER G 43 -19.71 -0.63 -7.08
CA SER G 43 -19.15 0.70 -7.40
C SER G 43 -20.34 1.62 -7.73
N ASP G 44 -20.11 2.83 -8.18
CA ASP G 44 -21.17 3.74 -8.66
C ASP G 44 -21.76 3.21 -9.95
N TYR G 45 -21.14 2.21 -10.62
CA TYR G 45 -21.54 1.84 -12.00
C TYR G 45 -21.91 0.35 -12.16
N GLN G 46 -21.21 -0.57 -11.48
CA GLN G 46 -21.42 -2.03 -11.68
C GLN G 46 -21.10 -2.84 -10.41
N ASP G 47 -21.61 -4.08 -10.36
CA ASP G 47 -21.25 -5.08 -9.33
C ASP G 47 -19.90 -5.67 -9.69
N VAL G 48 -19.00 -5.65 -8.75
CA VAL G 48 -17.61 -6.08 -8.97
C VAL G 48 -17.31 -7.28 -8.09
N ILE G 49 -16.87 -8.37 -8.75
CA ILE G 49 -16.24 -9.55 -8.07
C ILE G 49 -14.85 -9.82 -8.62
N VAL G 50 -13.96 -10.22 -7.74
CA VAL G 50 -12.65 -10.83 -8.07
C VAL G 50 -12.65 -12.14 -7.32
N PHE G 51 -12.39 -13.26 -8.01
CA PHE G 51 -12.19 -14.55 -7.32
C PHE G 51 -10.93 -15.26 -7.81
N GLN G 52 -10.35 -16.03 -6.91
CA GLN G 52 -9.26 -16.97 -7.22
C GLN G 52 -9.89 -18.25 -7.77
N SER G 53 -9.74 -18.49 -9.07
CA SER G 53 -10.36 -19.70 -9.67
C SER G 53 -9.43 -20.88 -9.43
N ALA G 54 -9.91 -22.12 -9.51
CA ALA G 54 -9.04 -23.31 -9.33
C ALA G 54 -8.01 -23.40 -10.46
N THR G 55 -8.43 -23.17 -11.71
CA THR G 55 -7.64 -23.58 -12.91
C THR G 55 -7.45 -22.43 -13.90
N TYR G 56 -7.96 -21.19 -13.65
CA TYR G 56 -7.82 -20.06 -14.61
C TYR G 56 -7.12 -18.89 -13.93
N GLY G 57 -6.54 -19.11 -12.75
CA GLY G 57 -5.92 -18.01 -11.98
C GLY G 57 -6.98 -17.05 -11.48
N LYS G 58 -6.59 -15.78 -11.27
CA LYS G 58 -7.58 -14.81 -10.76
C LYS G 58 -8.53 -14.40 -11.87
N VAL G 59 -9.76 -14.13 -11.47
CA VAL G 59 -10.87 -13.77 -12.39
C VAL G 59 -11.56 -12.49 -11.89
N LEU G 60 -11.80 -11.57 -12.84
CA LEU G 60 -12.52 -10.31 -12.65
C LEU G 60 -13.89 -10.47 -13.29
N VAL G 61 -14.94 -10.16 -12.53
CA VAL G 61 -16.34 -10.22 -13.05
C VAL G 61 -16.96 -8.86 -12.85
N LEU G 62 -17.73 -8.36 -13.83
CA LEU G 62 -18.46 -7.07 -13.79
C LEU G 62 -19.90 -7.38 -14.19
N ASP G 63 -20.83 -7.13 -13.28
CA ASP G 63 -22.26 -7.40 -13.56
C ASP G 63 -22.45 -8.85 -14.04
N GLY G 64 -21.67 -9.78 -13.45
CA GLY G 64 -21.79 -11.25 -13.53
C GLY G 64 -21.15 -11.73 -14.83
N VAL G 65 -20.48 -10.80 -15.56
CA VAL G 65 -19.78 -11.10 -16.87
C VAL G 65 -18.27 -11.18 -16.65
N ILE G 66 -17.66 -12.27 -17.10
CA ILE G 66 -16.19 -12.48 -16.97
C ILE G 66 -15.52 -11.42 -17.87
N GLN G 67 -14.65 -10.58 -17.29
CA GLN G 67 -13.88 -9.58 -18.05
C GLN G 67 -12.50 -10.14 -18.38
N LEU G 68 -11.96 -10.97 -17.47
CA LEU G 68 -10.58 -11.48 -17.60
CA LEU G 68 -10.55 -11.40 -17.54
C LEU G 68 -10.24 -12.60 -16.58
N THR G 69 -9.45 -13.57 -17.10
CA THR G 69 -8.76 -14.55 -16.25
C THR G 69 -7.26 -14.45 -16.53
N GLU G 70 -6.42 -14.80 -15.57
CA GLU G 70 -4.95 -14.75 -15.81
C GLU G 70 -4.54 -15.75 -16.90
N ARG G 71 -5.20 -16.91 -16.97
CA ARG G 71 -4.79 -18.01 -17.84
C ARG G 71 -4.88 -17.60 -19.30
N ASP G 72 -5.94 -16.89 -19.70
CA ASP G 72 -6.15 -16.59 -21.15
C ASP G 72 -6.21 -15.11 -21.56
N GLU G 73 -5.92 -14.19 -20.64
CA GLU G 73 -5.96 -12.72 -20.91
C GLU G 73 -5.00 -12.32 -22.03
N CYS G 74 -3.89 -13.02 -22.24
CA CYS G 74 -2.94 -12.72 -23.36
C CYS G 74 -3.71 -12.54 -24.69
N ALA G 75 -4.64 -13.44 -25.02
CA ALA G 75 -5.21 -13.55 -26.36
C ALA G 75 -5.93 -12.24 -26.69
N TYR G 76 -6.80 -11.81 -25.82
CA TYR G 76 -7.55 -10.58 -26.02
C TYR G 76 -6.61 -9.35 -25.98
N GLN G 77 -5.78 -9.24 -24.95
CA GLN G 77 -5.02 -7.99 -24.78
C GLN G 77 -4.03 -7.86 -25.95
N GLU G 78 -3.40 -8.95 -26.36
CA GLU G 78 -2.41 -8.85 -27.50
C GLU G 78 -3.22 -8.48 -28.76
N MET G 79 -4.24 -9.23 -29.06
CA MET G 79 -4.94 -9.07 -30.37
C MET G 79 -5.57 -7.67 -30.45
N ILE G 80 -6.27 -7.22 -29.41
CA ILE G 80 -6.94 -5.91 -29.51
C ILE G 80 -5.89 -4.80 -29.59
N THR G 81 -4.70 -4.97 -29.03
CA THR G 81 -3.66 -3.90 -29.10
C THR G 81 -2.94 -3.95 -30.45
N HIS G 82 -2.41 -5.12 -30.79
CA HIS G 82 -1.45 -5.25 -31.93
C HIS G 82 -2.16 -5.26 -33.26
N LEU G 83 -3.38 -5.76 -33.30
CA LEU G 83 -4.16 -5.60 -34.52
C LEU G 83 -4.10 -4.17 -35.05
N PRO G 84 -4.54 -3.12 -34.29
CA PRO G 84 -4.51 -1.77 -34.84
C PRO G 84 -3.07 -1.27 -34.91
N LEU G 85 -2.23 -1.54 -33.89
CA LEU G 85 -0.98 -0.73 -33.76
C LEU G 85 0.04 -1.27 -34.74
N CYS G 86 -0.06 -2.56 -35.11
CA CYS G 86 0.87 -3.12 -36.14
C CYS G 86 0.41 -2.81 -37.57
N SER G 87 -0.71 -2.16 -37.75
CA SER G 87 -1.30 -1.88 -39.08
C SER G 87 -0.96 -0.48 -39.60
N ILE G 88 -0.38 0.39 -38.73
CA ILE G 88 -0.02 1.79 -39.05
C ILE G 88 1.47 1.97 -38.73
N PRO G 89 2.17 2.80 -39.54
CA PRO G 89 3.49 3.25 -39.17
C PRO G 89 3.54 4.18 -37.95
N ASN G 90 4.52 3.93 -37.08
CA ASN G 90 5.04 4.94 -36.17
C ASN G 90 3.92 5.52 -35.27
N PRO G 91 3.06 4.71 -34.65
CA PRO G 91 2.06 5.27 -33.73
C PRO G 91 2.70 5.95 -32.52
N LYS G 92 2.12 7.10 -32.15
CA LYS G 92 2.70 8.03 -31.19
C LYS G 92 1.71 8.29 -30.07
N LYS G 93 0.47 8.56 -30.42
CA LYS G 93 -0.59 9.02 -29.49
C LYS G 93 -1.79 8.08 -29.64
N VAL G 94 -2.02 7.32 -28.59
CA VAL G 94 -3.10 6.29 -28.51
C VAL G 94 -4.03 6.58 -27.34
N LEU G 95 -5.32 6.30 -27.51
CA LEU G 95 -6.33 6.45 -26.46
C LEU G 95 -6.98 5.06 -26.25
N VAL G 96 -7.11 4.65 -24.99
CA VAL G 96 -7.73 3.40 -24.55
C VAL G 96 -8.97 3.81 -23.81
N ILE G 97 -10.12 3.38 -24.29
CA ILE G 97 -11.39 3.61 -23.56
C ILE G 97 -11.64 2.34 -22.78
N GLY G 98 -11.96 2.47 -21.52
CA GLY G 98 -12.22 1.28 -20.65
C GLY G 98 -10.88 0.74 -20.18
N GLY G 99 -10.64 -0.54 -20.19
CA GLY G 99 -9.26 -1.06 -20.00
C GLY G 99 -8.84 -1.13 -18.55
N GLY G 100 -9.80 -0.98 -17.64
CA GLY G 100 -9.47 -0.79 -16.22
C GLY G 100 -8.56 -1.87 -15.69
N ASP G 101 -8.50 -3.02 -16.37
CA ASP G 101 -7.66 -4.11 -15.78
C ASP G 101 -6.22 -3.85 -16.12
N GLY G 102 -5.94 -2.92 -17.03
CA GLY G 102 -4.54 -2.57 -17.33
C GLY G 102 -3.81 -3.41 -18.38
N GLY G 103 -4.40 -4.51 -18.87
CA GLY G 103 -3.75 -5.42 -19.86
C GLY G 103 -3.43 -4.72 -21.13
N VAL G 104 -4.37 -3.95 -21.67
CA VAL G 104 -4.13 -3.21 -22.90
C VAL G 104 -2.99 -2.22 -22.74
N LEU G 105 -2.90 -1.49 -21.64
CA LEU G 105 -1.83 -0.49 -21.40
C LEU G 105 -0.48 -1.17 -21.56
N ARG G 106 -0.39 -2.37 -21.00
CA ARG G 106 0.85 -3.20 -20.96
C ARG G 106 1.26 -3.52 -22.42
N GLU G 107 0.28 -3.78 -23.29
CA GLU G 107 0.52 -4.21 -24.70
C GLU G 107 0.84 -2.93 -25.50
N VAL G 108 0.14 -1.80 -25.27
CA VAL G 108 0.42 -0.54 -26.00
C VAL G 108 1.89 -0.25 -25.71
N ALA G 109 2.31 -0.46 -24.46
CA ALA G 109 3.61 0.04 -23.97
C ALA G 109 4.72 -0.73 -24.64
N ARG G 110 4.43 -1.89 -25.20
CA ARG G 110 5.44 -2.67 -25.95
C ARG G 110 5.97 -1.90 -27.15
N HIS G 111 5.13 -1.06 -27.73
CA HIS G 111 5.43 -0.23 -28.91
C HIS G 111 6.38 0.91 -28.52
N ALA G 112 7.62 0.90 -29.01
CA ALA G 112 8.59 1.99 -28.65
C ALA G 112 8.21 3.31 -29.28
N SER G 113 7.53 3.32 -30.44
CA SER G 113 7.13 4.57 -31.13
C SER G 113 6.19 5.36 -30.21
N ILE G 114 5.36 4.66 -29.41
CA ILE G 114 4.30 5.33 -28.59
C ILE G 114 4.92 6.36 -27.63
N GLU G 115 4.34 7.55 -27.61
CA GLU G 115 4.82 8.65 -26.72
C GLU G 115 3.75 8.98 -25.69
N GLN G 116 2.50 8.73 -26.03
CA GLN G 116 1.40 9.16 -25.14
C GLN G 116 0.37 8.05 -25.15
N ILE G 117 0.05 7.54 -23.97
CA ILE G 117 -1.06 6.57 -23.78
C ILE G 117 -2.14 7.20 -22.86
N ASP G 118 -3.19 7.75 -23.45
CA ASP G 118 -4.37 8.23 -22.69
C ASP G 118 -5.27 7.06 -22.43
N MET G 119 -5.78 6.96 -21.21
CA MET G 119 -6.76 5.90 -20.84
C MET G 119 -7.91 6.57 -20.09
N CYS G 120 -9.12 6.35 -20.57
CA CYS G 120 -10.33 6.85 -19.92
C CYS G 120 -11.21 5.66 -19.51
N GLU G 121 -11.17 5.29 -18.21
CA GLU G 121 -11.94 4.20 -17.57
C GLU G 121 -13.03 4.85 -16.70
N ILE G 122 -14.31 4.47 -16.83
CA ILE G 122 -15.46 5.04 -16.03
C ILE G 122 -15.39 4.62 -14.57
N ASP G 123 -14.81 3.46 -14.24
CA ASP G 123 -15.05 2.81 -12.93
C ASP G 123 -13.76 2.71 -12.15
N LYS G 124 -13.52 3.63 -11.23
CA LYS G 124 -12.31 3.59 -10.41
C LYS G 124 -12.24 2.32 -9.58
N MET G 125 -13.35 1.67 -9.23
CA MET G 125 -13.33 0.39 -8.48
C MET G 125 -12.65 -0.71 -9.31
N VAL G 126 -12.88 -0.75 -10.62
CA VAL G 126 -12.09 -1.70 -11.49
C VAL G 126 -10.59 -1.39 -11.38
N VAL G 127 -10.21 -0.11 -11.52
CA VAL G 127 -8.77 0.22 -11.45
C VAL G 127 -8.24 -0.32 -10.11
N ASP G 128 -8.89 0.11 -9.02
CA ASP G 128 -8.52 -0.24 -7.61
C ASP G 128 -8.25 -1.75 -7.48
N VAL G 129 -9.24 -2.60 -7.83
CA VAL G 129 -9.14 -4.07 -7.58
C VAL G 129 -8.13 -4.70 -8.55
N SER G 130 -8.01 -4.14 -9.77
CA SER G 130 -7.06 -4.70 -10.77
C SER G 130 -5.66 -4.45 -10.23
N LYS G 131 -5.34 -3.24 -9.73
CA LYS G 131 -3.99 -2.99 -9.20
C LYS G 131 -3.72 -3.85 -7.95
N GLN G 132 -4.72 -4.07 -7.12
CA GLN G 132 -4.53 -4.73 -5.81
C GLN G 132 -4.35 -6.23 -6.05
N PHE G 133 -5.17 -6.83 -6.91
CA PHE G 133 -5.26 -8.33 -6.97
C PHE G 133 -4.47 -8.91 -8.13
N PHE G 134 -4.26 -8.20 -9.22
CA PHE G 134 -3.61 -8.82 -10.39
C PHE G 134 -2.14 -8.42 -10.46
N PRO G 135 -1.19 -9.39 -10.33
CA PRO G 135 0.22 -9.06 -10.48
C PRO G 135 0.49 -8.32 -11.82
N ASP G 136 1.43 -7.37 -11.82
CA ASP G 136 1.95 -6.69 -13.05
C ASP G 136 1.03 -5.54 -13.47
N VAL G 137 -0.20 -5.49 -12.96
CA VAL G 137 -1.16 -4.42 -13.36
C VAL G 137 -0.62 -3.05 -12.93
N ALA G 138 -0.38 -2.91 -11.61
CA ALA G 138 0.16 -1.70 -10.95
C ALA G 138 1.40 -1.24 -11.73
N ILE G 139 2.37 -2.11 -12.04
CA ILE G 139 3.60 -1.66 -12.80
C ILE G 139 3.22 -1.06 -14.17
N GLY G 140 2.37 -1.76 -14.97
CA GLY G 140 1.87 -1.33 -16.28
C GLY G 140 1.33 0.09 -16.26
N TYR G 141 0.46 0.39 -15.31
CA TYR G 141 -0.05 1.75 -15.03
C TYR G 141 1.07 2.74 -14.75
N GLU G 142 2.22 2.26 -14.30
CA GLU G 142 3.29 3.18 -13.88
C GLU G 142 4.22 3.46 -15.08
N ASP G 143 3.92 2.96 -16.27
CA ASP G 143 4.65 3.48 -17.47
C ASP G 143 4.45 4.99 -17.49
N PRO G 144 5.55 5.77 -17.63
CA PRO G 144 5.48 7.22 -17.55
C PRO G 144 4.72 7.82 -18.74
N ARG G 145 4.40 7.05 -19.81
CA ARG G 145 3.63 7.62 -20.97
C ARG G 145 2.13 7.53 -20.69
N VAL G 146 1.77 6.82 -19.63
CA VAL G 146 0.36 6.59 -19.30
C VAL G 146 -0.24 7.82 -18.64
N ASN G 147 -1.39 8.23 -19.20
CA ASN G 147 -2.26 9.30 -18.67
C ASN G 147 -3.64 8.67 -18.41
N LEU G 148 -3.96 8.39 -17.13
CA LEU G 148 -5.18 7.71 -16.62
C LEU G 148 -6.22 8.72 -16.13
N VAL G 149 -7.36 8.69 -16.80
CA VAL G 149 -8.52 9.55 -16.51
C VAL G 149 -9.65 8.64 -16.07
N ILE G 150 -10.33 8.98 -14.98
CA ILE G 150 -11.55 8.26 -14.54
C ILE G 150 -12.69 9.10 -15.09
N GLY G 151 -13.36 8.59 -16.10
CA GLY G 151 -14.50 9.25 -16.75
C GLY G 151 -15.25 8.35 -17.72
N ASP G 152 -16.39 8.81 -18.17
CA ASP G 152 -17.11 8.17 -19.29
C ASP G 152 -16.35 8.45 -20.59
N GLY G 153 -15.99 7.38 -21.36
CA GLY G 153 -15.29 7.58 -22.60
C GLY G 153 -16.13 8.33 -23.58
N VAL G 154 -17.43 8.31 -23.43
CA VAL G 154 -18.29 9.09 -24.39
C VAL G 154 -17.97 10.58 -24.28
N ALA G 155 -18.05 11.08 -23.06
CA ALA G 155 -17.75 12.51 -22.86
C ALA G 155 -16.32 12.80 -23.29
N PHE G 156 -15.37 12.02 -22.82
CA PHE G 156 -13.95 12.19 -23.12
C PHE G 156 -13.72 12.41 -24.61
N LEU G 157 -14.30 11.58 -25.46
CA LEU G 157 -14.10 11.66 -26.92
C LEU G 157 -14.71 12.91 -27.47
N LYS G 158 -15.82 13.42 -26.89
CA LYS G 158 -16.39 14.65 -27.46
C LYS G 158 -15.40 15.82 -27.26
N ASN G 159 -14.57 15.76 -26.23
CA ASN G 159 -13.67 16.86 -25.81
C ASN G 159 -12.27 16.65 -26.37
N ALA G 160 -12.02 15.55 -27.11
CA ALA G 160 -10.72 15.31 -27.76
C ALA G 160 -10.62 16.24 -28.92
N ALA G 161 -9.43 16.68 -29.20
CA ALA G 161 -9.20 17.56 -30.35
C ALA G 161 -9.39 16.79 -31.63
N GLU G 162 -9.92 17.47 -32.65
CA GLU G 162 -10.01 16.86 -33.98
C GLU G 162 -8.64 16.36 -34.44
N GLY G 163 -8.57 15.13 -34.99
CA GLY G 163 -7.39 14.70 -35.74
C GLY G 163 -6.19 14.46 -34.84
N SER G 164 -6.40 14.24 -33.54
CA SER G 164 -5.38 14.29 -32.48
C SER G 164 -4.84 12.91 -32.14
N TYR G 165 -5.48 11.80 -32.51
CA TYR G 165 -4.92 10.48 -32.16
C TYR G 165 -4.54 9.67 -33.42
N ASP G 166 -3.54 8.84 -33.22
CA ASP G 166 -3.11 7.82 -34.21
C ASP G 166 -4.12 6.66 -34.13
N ALA G 167 -4.51 6.29 -32.91
CA ALA G 167 -5.33 5.06 -32.71
C ALA G 167 -6.22 5.23 -31.48
N VAL G 168 -7.36 4.54 -31.48
CA VAL G 168 -8.27 4.45 -30.31
C VAL G 168 -8.62 2.99 -30.18
N ILE G 169 -8.42 2.45 -29.00
CA ILE G 169 -8.76 1.05 -28.69
C ILE G 169 -9.91 1.13 -27.71
N VAL G 170 -11.04 0.50 -28.03
CA VAL G 170 -12.24 0.57 -27.16
C VAL G 170 -12.27 -0.75 -26.49
N ASP G 171 -11.65 -0.84 -25.32
CA ASP G 171 -11.62 -2.08 -24.52
C ASP G 171 -12.77 -1.99 -23.48
N SER G 172 -13.99 -2.19 -23.92
CA SER G 172 -15.22 -1.99 -23.13
C SER G 172 -15.84 -3.33 -22.75
N SER G 173 -16.61 -3.28 -21.68
CA SER G 173 -17.54 -4.34 -21.24
C SER G 173 -18.67 -4.40 -22.25
N ASP G 174 -19.67 -5.26 -22.00
CA ASP G 174 -20.83 -5.54 -22.90
C ASP G 174 -21.81 -4.38 -22.96
N PRO G 175 -22.70 -4.32 -23.98
CA PRO G 175 -23.65 -3.23 -24.15
C PRO G 175 -24.66 -3.06 -23.01
N ILE G 176 -24.82 -4.07 -22.14
CA ILE G 176 -25.65 -3.98 -20.90
C ILE G 176 -24.76 -3.46 -19.79
N GLY G 177 -25.00 -2.24 -19.40
CA GLY G 177 -24.17 -1.60 -18.38
C GLY G 177 -23.62 -0.29 -18.90
N PRO G 178 -22.55 0.19 -18.27
CA PRO G 178 -22.06 1.53 -18.66
C PRO G 178 -21.43 1.65 -20.05
N ALA G 179 -21.12 0.51 -20.71
CA ALA G 179 -20.57 0.51 -22.07
C ALA G 179 -21.65 0.70 -23.16
N LYS G 180 -22.93 0.82 -22.79
CA LYS G 180 -24.05 0.87 -23.76
C LYS G 180 -23.77 1.80 -24.95
N GLU G 181 -23.47 3.08 -24.71
CA GLU G 181 -23.37 4.06 -25.82
C GLU G 181 -22.07 3.84 -26.64
N LEU G 182 -21.10 3.10 -26.11
CA LEU G 182 -19.85 2.84 -26.84
C LEU G 182 -20.15 2.03 -28.10
N PHE G 183 -21.33 1.39 -28.20
CA PHE G 183 -21.60 0.49 -29.36
C PHE G 183 -22.42 1.26 -30.40
N GLU G 184 -22.82 2.51 -30.12
CA GLU G 184 -23.83 3.29 -30.94
C GLU G 184 -23.15 4.33 -31.86
N LYS G 185 -23.85 4.77 -32.88
CA LYS G 185 -23.25 5.57 -33.98
C LYS G 185 -22.64 6.88 -33.50
N PRO G 186 -23.25 7.69 -32.58
CA PRO G 186 -22.59 8.96 -32.27
C PRO G 186 -21.19 8.72 -31.70
N PHE G 187 -20.98 7.67 -30.94
CA PHE G 187 -19.65 7.41 -30.29
C PHE G 187 -18.66 7.07 -31.40
N PHE G 188 -19.10 6.29 -32.37
CA PHE G 188 -18.21 5.88 -33.50
C PHE G 188 -17.88 7.16 -34.26
N GLN G 189 -18.91 8.04 -34.44
CA GLN G 189 -18.71 9.32 -35.15
C GLN G 189 -17.65 10.17 -34.42
N SER G 190 -17.64 10.15 -33.09
CA SER G 190 -16.77 11.02 -32.26
C SER G 190 -15.36 10.45 -32.30
N VAL G 191 -15.26 9.12 -32.45
CA VAL G 191 -13.97 8.38 -32.64
C VAL G 191 -13.33 8.82 -33.98
N ALA G 192 -14.06 8.76 -35.11
CA ALA G 192 -13.57 9.17 -36.45
C ALA G 192 -13.09 10.63 -36.39
N ARG G 193 -13.80 11.51 -35.68
CA ARG G 193 -13.41 12.94 -35.62
C ARG G 193 -12.04 13.09 -34.90
N ALA G 194 -11.83 12.39 -33.76
CA ALA G 194 -10.62 12.36 -32.89
C ALA G 194 -9.40 11.78 -33.63
N LEU G 195 -9.66 10.88 -34.57
CA LEU G 195 -8.52 10.27 -35.29
C LEU G 195 -7.95 11.17 -36.35
N ARG G 196 -6.64 11.15 -36.48
CA ARG G 196 -5.99 11.72 -37.68
C ARG G 196 -6.52 11.05 -38.95
N PRO G 197 -6.44 11.70 -40.13
CA PRO G 197 -6.61 10.97 -41.37
C PRO G 197 -5.71 9.70 -41.42
N GLY G 198 -6.34 8.51 -41.66
CA GLY G 198 -5.63 7.21 -41.73
C GLY G 198 -5.36 6.66 -40.35
N GLY G 199 -5.91 7.33 -39.35
CA GLY G 199 -5.78 6.79 -38.01
C GLY G 199 -6.75 5.61 -37.86
N VAL G 200 -6.59 4.82 -36.83
CA VAL G 200 -7.38 3.59 -36.68
C VAL G 200 -8.11 3.51 -35.32
N VAL G 201 -9.23 2.74 -35.39
CA VAL G 201 -9.96 2.32 -34.22
C VAL G 201 -10.02 0.83 -34.18
N CYS G 202 -9.87 0.27 -32.99
CA CYS G 202 -10.10 -1.19 -32.78
C CYS G 202 -11.07 -1.34 -31.65
N THR G 203 -12.20 -2.02 -31.79
CA THR G 203 -13.23 -2.05 -30.73
C THR G 203 -13.55 -3.50 -30.37
N GLN G 204 -13.93 -3.69 -29.11
CA GLN G 204 -14.49 -4.99 -28.69
C GLN G 204 -15.82 -5.10 -29.43
N ALA G 205 -15.95 -6.16 -30.27
CA ALA G 205 -17.13 -6.24 -31.11
C ALA G 205 -17.76 -7.65 -31.03
N GLU G 206 -17.72 -8.28 -29.86
CA GLU G 206 -18.65 -9.37 -29.41
C GLU G 206 -18.41 -10.66 -30.22
N SER G 207 -19.40 -11.56 -30.26
CA SER G 207 -19.19 -12.91 -30.87
C SER G 207 -20.01 -13.12 -32.17
N LEU G 208 -19.33 -13.58 -33.24
CA LEU G 208 -19.99 -13.88 -34.51
C LEU G 208 -20.92 -15.11 -34.31
N TRP G 209 -20.73 -15.94 -33.29
CA TRP G 209 -21.66 -17.06 -33.00
C TRP G 209 -22.97 -16.60 -32.36
N LEU G 210 -22.88 -15.56 -31.53
CA LEU G 210 -23.96 -15.14 -30.60
C LEU G 210 -24.61 -13.82 -31.02
N HIS G 211 -23.89 -12.90 -31.65
CA HIS G 211 -24.30 -11.49 -31.76
C HIS G 211 -24.36 -10.97 -33.20
N MET G 212 -24.68 -11.81 -34.19
CA MET G 212 -24.51 -11.39 -35.60
C MET G 212 -25.40 -10.16 -35.91
N ASP G 213 -26.58 -10.04 -35.31
CA ASP G 213 -27.46 -8.91 -35.64
C ASP G 213 -26.83 -7.61 -35.09
N ILE G 214 -26.28 -7.69 -33.88
CA ILE G 214 -25.56 -6.57 -33.25
C ILE G 214 -24.35 -6.21 -34.11
N ILE G 215 -23.54 -7.21 -34.43
CA ILE G 215 -22.31 -7.05 -35.26
C ILE G 215 -22.63 -6.42 -36.61
N GLU G 216 -23.60 -6.97 -37.31
CA GLU G 216 -24.03 -6.44 -38.63
C GLU G 216 -24.33 -4.92 -38.53
N ASP G 217 -25.07 -4.48 -37.52
CA ASP G 217 -25.44 -3.07 -37.36
C ASP G 217 -24.18 -2.24 -37.03
N ILE G 218 -23.29 -2.74 -36.18
CA ILE G 218 -22.02 -2.06 -35.87
C ILE G 218 -21.27 -1.89 -37.19
N VAL G 219 -21.13 -2.96 -37.94
CA VAL G 219 -20.41 -2.89 -39.24
C VAL G 219 -21.03 -1.85 -40.19
N SER G 220 -22.33 -1.88 -40.36
CA SER G 220 -23.06 -0.91 -41.26
C SER G 220 -22.77 0.53 -40.86
N ASN G 221 -22.87 0.81 -39.56
CA ASN G 221 -22.61 2.16 -39.01
C ASN G 221 -21.16 2.58 -39.25
N CYS G 222 -20.19 1.70 -38.98
CA CYS G 222 -18.75 1.97 -39.23
C CYS G 222 -18.51 2.19 -40.74
N ARG G 223 -19.16 1.44 -41.65
CA ARG G 223 -18.89 1.66 -43.10
C ARG G 223 -19.37 3.07 -43.49
N GLU G 224 -20.45 3.55 -42.83
CA GLU G 224 -21.03 4.90 -43.07
C GLU G 224 -20.02 6.00 -42.63
N ILE G 225 -19.31 5.78 -41.52
CA ILE G 225 -18.50 6.79 -40.79
CA ILE G 225 -18.50 6.81 -40.82
C ILE G 225 -17.04 6.76 -41.30
N PHE G 226 -16.46 5.57 -41.35
CA PHE G 226 -15.04 5.38 -41.68
C PHE G 226 -14.94 5.13 -43.18
N LYS G 227 -14.36 6.10 -43.92
CA LYS G 227 -14.28 5.98 -45.39
C LYS G 227 -12.89 5.45 -45.79
N GLY G 228 -12.08 5.02 -44.81
CA GLY G 228 -10.85 4.26 -45.05
C GLY G 228 -11.18 2.77 -45.17
N SER G 229 -10.68 1.95 -44.27
CA SER G 229 -10.85 0.49 -44.26
C SER G 229 -11.83 0.19 -43.15
N VAL G 230 -12.76 -0.74 -43.42
CA VAL G 230 -13.62 -1.32 -42.37
C VAL G 230 -13.49 -2.84 -42.48
N ASN G 231 -13.00 -3.45 -41.43
CA ASN G 231 -12.75 -4.90 -41.36
C ASN G 231 -13.14 -5.46 -40.00
N TYR G 232 -13.45 -6.72 -39.91
CA TYR G 232 -13.74 -7.47 -38.67
C TYR G 232 -12.80 -8.65 -38.51
N ALA G 233 -12.18 -8.74 -37.34
CA ALA G 233 -11.22 -9.81 -36.95
C ALA G 233 -11.79 -10.61 -35.80
N TRP G 234 -11.48 -11.91 -35.72
CA TRP G 234 -11.89 -12.64 -34.50
C TRP G 234 -10.73 -13.35 -33.90
N THR G 235 -10.86 -13.78 -32.62
CA THR G 235 -9.80 -14.55 -31.92
C THR G 235 -10.42 -15.48 -30.87
N SER G 236 -9.58 -16.34 -30.36
CA SER G 236 -9.98 -17.35 -29.37
C SER G 236 -9.76 -16.70 -28.03
N VAL G 237 -10.81 -16.74 -27.22
CA VAL G 237 -10.68 -16.51 -25.77
C VAL G 237 -11.53 -17.51 -25.00
N PRO G 238 -10.94 -18.52 -24.40
CA PRO G 238 -11.78 -19.64 -23.88
C PRO G 238 -12.83 -19.14 -22.86
N THR G 239 -12.51 -18.11 -22.06
CA THR G 239 -13.38 -17.66 -20.94
C THR G 239 -14.25 -16.48 -21.34
N TYR G 240 -14.48 -16.33 -22.64
CA TYR G 240 -15.50 -15.39 -23.16
C TYR G 240 -16.62 -16.27 -23.76
N PRO G 241 -17.91 -15.89 -23.64
CA PRO G 241 -19.03 -16.72 -24.11
C PRO G 241 -18.93 -17.07 -25.61
N SER G 242 -19.11 -18.35 -25.96
CA SER G 242 -18.91 -18.92 -27.34
C SER G 242 -17.42 -19.18 -27.61
N GLY G 243 -16.49 -18.63 -26.80
CA GLY G 243 -15.06 -18.93 -26.80
C GLY G 243 -14.29 -18.15 -27.90
N VAL G 244 -15.01 -17.28 -28.57
CA VAL G 244 -14.37 -16.30 -29.46
C VAL G 244 -14.76 -14.89 -29.03
N ILE G 245 -13.90 -13.96 -29.47
CA ILE G 245 -14.27 -12.52 -29.44
C ILE G 245 -13.83 -11.87 -30.77
N GLY G 246 -14.59 -10.87 -31.19
CA GLY G 246 -14.39 -10.10 -32.44
C GLY G 246 -14.04 -8.65 -32.23
N PHE G 247 -13.46 -8.05 -33.24
CA PHE G 247 -12.93 -6.66 -33.15
C PHE G 247 -13.28 -5.96 -34.46
N MET G 248 -13.78 -4.75 -34.33
CA MET G 248 -13.97 -3.86 -35.50
C MET G 248 -12.62 -3.15 -35.69
N LEU G 249 -12.03 -3.23 -36.89
CA LEU G 249 -10.87 -2.37 -37.25
C LEU G 249 -11.35 -1.36 -38.28
N CYS G 250 -11.13 -0.08 -38.06
CA CYS G 250 -11.58 0.91 -39.06
C CYS G 250 -10.54 2.04 -39.09
N SER G 251 -10.36 2.60 -40.25
CA SER G 251 -9.46 3.76 -40.54
C SER G 251 -10.32 4.84 -41.16
N THR G 252 -9.95 6.07 -40.80
CA THR G 252 -10.45 7.27 -41.48
C THR G 252 -9.75 7.30 -42.85
N GLU G 253 -10.47 7.85 -43.83
CA GLU G 253 -10.01 8.10 -45.19
C GLU G 253 -8.75 8.96 -45.16
N GLY G 254 -7.76 8.56 -45.95
CA GLY G 254 -6.48 9.27 -46.06
C GLY G 254 -5.42 8.32 -46.55
N PRO G 255 -4.26 8.29 -45.87
CA PRO G 255 -3.29 7.24 -46.10
C PRO G 255 -3.93 5.84 -46.03
N ASP G 256 -3.57 5.00 -47.00
CA ASP G 256 -4.14 3.66 -47.08
C ASP G 256 -3.76 2.88 -45.84
N VAL G 257 -4.67 1.99 -45.38
CA VAL G 257 -4.36 1.12 -44.26
C VAL G 257 -4.88 -0.26 -44.66
N ASP G 258 -3.98 -1.23 -44.67
CA ASP G 258 -4.36 -2.65 -44.98
C ASP G 258 -4.26 -3.41 -43.70
N PHE G 259 -5.38 -3.55 -42.97
CA PHE G 259 -5.37 -4.25 -41.66
C PHE G 259 -4.92 -5.72 -41.80
N LYS G 260 -5.04 -6.31 -42.97
CA LYS G 260 -4.88 -7.77 -43.15
C LYS G 260 -3.40 -8.09 -43.37
N HIS G 261 -2.59 -7.07 -43.67
CA HIS G 261 -1.12 -7.21 -43.96
C HIS G 261 -0.33 -6.19 -43.17
N PRO G 262 -0.02 -6.46 -41.90
CA PRO G 262 0.45 -5.41 -41.00
C PRO G 262 1.85 -4.96 -41.43
N LEU G 263 1.99 -3.69 -41.68
CA LEU G 263 3.29 -3.13 -42.12
C LEU G 263 4.14 -2.61 -40.98
N ASN G 264 3.69 -2.69 -39.73
CA ASN G 264 4.45 -2.22 -38.55
C ASN G 264 4.64 -3.37 -37.58
N PRO G 265 5.37 -4.44 -37.91
CA PRO G 265 5.49 -5.59 -36.96
C PRO G 265 6.22 -5.13 -35.68
N ILE G 266 5.84 -5.80 -34.60
CA ILE G 266 6.15 -5.50 -33.21
C ILE G 266 7.22 -6.48 -32.71
N GLY G 275 7.35 -10.19 -20.54
CA GLY G 275 8.24 -10.94 -21.45
C GLY G 275 7.61 -11.14 -22.83
N PRO G 276 8.02 -12.20 -23.60
CA PRO G 276 7.60 -12.46 -24.97
C PRO G 276 6.08 -12.42 -25.17
N LEU G 277 5.64 -12.07 -26.38
CA LEU G 277 4.21 -12.16 -26.76
C LEU G 277 3.81 -13.62 -26.65
N LYS G 278 2.68 -13.87 -26.06
CA LYS G 278 2.23 -15.25 -25.79
C LYS G 278 1.28 -15.75 -26.89
N PHE G 279 0.68 -14.86 -27.65
CA PHE G 279 -0.45 -15.22 -28.54
C PHE G 279 -0.29 -14.60 -29.91
N TYR G 280 -0.24 -13.27 -30.00
CA TYR G 280 -0.08 -12.48 -31.26
C TYR G 280 1.23 -12.88 -31.99
N ASN G 281 1.10 -12.88 -33.32
CA ASN G 281 2.22 -12.95 -34.28
C ASN G 281 1.69 -12.46 -35.61
N ALA G 282 2.58 -12.06 -36.51
CA ALA G 282 2.23 -11.48 -37.83
C ALA G 282 1.35 -12.44 -38.66
N GLU G 283 1.49 -13.72 -38.48
CA GLU G 283 0.66 -14.71 -39.24
C GLU G 283 -0.75 -14.83 -38.65
N ILE G 284 -0.89 -14.83 -37.34
CA ILE G 284 -2.25 -14.89 -36.75
C ILE G 284 -2.97 -13.55 -36.88
N HIS G 285 -2.26 -12.43 -37.02
CA HIS G 285 -2.85 -11.16 -37.41
C HIS G 285 -3.65 -11.30 -38.70
N SER G 286 -3.03 -11.77 -39.79
CA SER G 286 -3.70 -11.92 -41.11
C SER G 286 -4.83 -12.97 -40.98
N ALA G 287 -4.57 -14.03 -40.22
CA ALA G 287 -5.50 -15.18 -40.11
C ALA G 287 -6.78 -14.71 -39.41
N ALA G 288 -6.68 -13.72 -38.52
CA ALA G 288 -7.82 -13.37 -37.66
C ALA G 288 -8.86 -12.67 -38.57
N PHE G 289 -8.52 -12.32 -39.83
CA PHE G 289 -9.52 -11.68 -40.73
C PHE G 289 -10.23 -12.73 -41.60
N CYS G 290 -9.92 -14.01 -41.48
CA CYS G 290 -10.54 -15.05 -42.35
C CYS G 290 -11.67 -15.63 -41.53
N LEU G 291 -12.87 -15.19 -41.83
CA LEU G 291 -14.03 -15.55 -41.01
C LEU G 291 -14.74 -16.71 -41.66
N PRO G 292 -15.49 -17.47 -40.86
CA PRO G 292 -16.29 -18.55 -41.40
C PRO G 292 -17.38 -18.05 -42.37
N SER G 293 -17.71 -18.88 -43.33
CA SER G 293 -18.56 -18.46 -44.48
C SER G 293 -19.84 -17.77 -43.96
N PHE G 294 -20.51 -18.28 -42.94
CA PHE G 294 -21.76 -17.71 -42.39
C PHE G 294 -21.53 -16.23 -41.93
N ALA G 295 -20.40 -15.95 -41.32
CA ALA G 295 -20.02 -14.60 -40.85
C ALA G 295 -19.53 -13.76 -42.03
N LYS G 296 -18.64 -14.31 -42.86
CA LYS G 296 -18.00 -13.56 -43.96
C LYS G 296 -19.10 -12.95 -44.83
N LYS G 297 -20.16 -13.72 -45.04
CA LYS G 297 -21.32 -13.37 -45.90
C LYS G 297 -22.03 -12.13 -45.32
N VAL G 298 -22.11 -12.04 -43.99
CA VAL G 298 -22.83 -10.87 -43.41
C VAL G 298 -21.83 -9.71 -43.39
N ILE G 299 -20.62 -9.93 -42.88
CA ILE G 299 -19.65 -8.84 -42.64
C ILE G 299 -19.42 -8.10 -43.93
N GLU G 300 -19.36 -8.80 -45.06
CA GLU G 300 -18.97 -8.14 -46.33
C GLU G 300 -20.21 -7.82 -47.17
N SER G 301 -21.43 -8.12 -46.70
CA SER G 301 -22.67 -7.83 -47.48
C SER G 301 -22.63 -6.36 -47.94
N SER H 1 -35.50 -55.22 -11.98
CA SER H 1 -34.07 -55.24 -12.12
C SER H 1 -33.48 -53.94 -11.54
N ASN H 2 -32.37 -54.07 -10.86
CA ASN H 2 -31.59 -52.95 -10.31
C ASN H 2 -30.21 -53.05 -10.96
N ALA H 3 -29.35 -52.12 -10.67
CA ALA H 3 -27.93 -52.11 -11.09
C ALA H 3 -27.22 -51.16 -10.14
N LYS H 4 -25.92 -51.14 -10.24
CA LYS H 4 -25.05 -50.13 -9.59
C LYS H 4 -25.63 -48.70 -9.76
N LYS H 5 -25.79 -47.99 -8.65
CA LYS H 5 -26.23 -46.58 -8.67
C LYS H 5 -25.31 -45.72 -9.56
N GLU H 6 -25.90 -44.98 -10.48
CA GLU H 6 -25.26 -43.94 -11.32
C GLU H 6 -25.58 -42.56 -10.77
N PRO H 7 -24.56 -41.68 -10.61
CA PRO H 7 -24.82 -40.36 -10.06
C PRO H 7 -25.65 -39.54 -11.08
N ALA H 8 -26.31 -38.51 -10.62
CA ALA H 8 -27.08 -37.54 -11.46
C ALA H 8 -26.17 -36.99 -12.54
N CYS H 9 -26.65 -36.86 -13.77
CA CYS H 9 -25.87 -36.27 -14.90
C CYS H 9 -26.27 -34.83 -15.17
N PHE H 10 -27.47 -34.49 -14.67
CA PHE H 10 -28.24 -33.26 -14.95
C PHE H 10 -28.37 -32.51 -13.65
N SER H 11 -28.23 -31.19 -13.80
CA SER H 11 -28.48 -30.16 -12.81
C SER H 11 -27.46 -30.28 -11.66
N THR H 12 -26.24 -30.63 -11.98
CA THR H 12 -25.17 -30.85 -10.97
C THR H 12 -24.59 -29.48 -10.55
N VAL H 13 -24.88 -28.44 -11.33
CA VAL H 13 -24.37 -27.09 -11.04
C VAL H 13 -25.51 -26.09 -11.14
N ILE H 14 -26.28 -26.10 -12.23
CA ILE H 14 -27.42 -25.14 -12.34
C ILE H 14 -28.68 -25.98 -12.57
N PRO H 15 -29.76 -25.80 -11.74
CA PRO H 15 -31.01 -26.55 -11.91
C PRO H 15 -31.60 -26.25 -13.30
N GLY H 16 -31.77 -27.30 -14.09
CA GLY H 16 -32.30 -27.30 -15.48
C GLY H 16 -31.19 -27.27 -16.49
N TRP H 17 -29.96 -27.56 -16.05
CA TRP H 17 -28.77 -27.36 -16.92
C TRP H 17 -27.86 -28.57 -16.86
N PHE H 18 -27.27 -28.95 -18.02
CA PHE H 18 -26.22 -29.94 -18.08
C PHE H 18 -24.86 -29.23 -18.00
N SER H 19 -24.01 -29.61 -17.07
CA SER H 19 -22.63 -29.14 -16.97
C SER H 19 -21.68 -30.25 -17.37
N GLU H 20 -20.83 -29.92 -18.32
CA GLU H 20 -19.93 -30.90 -18.97
C GLU H 20 -18.64 -31.03 -18.19
N MET H 21 -18.57 -32.06 -17.34
CA MET H 21 -17.39 -32.25 -16.44
C MET H 21 -16.47 -33.35 -16.97
N SER H 22 -15.15 -33.18 -16.82
CA SER H 22 -14.11 -34.18 -17.18
C SER H 22 -12.81 -33.81 -16.47
N PRO H 23 -12.01 -34.76 -15.94
CA PRO H 23 -10.64 -34.46 -15.56
C PRO H 23 -9.76 -33.99 -16.73
N MET H 24 -10.25 -34.13 -17.97
CA MET H 24 -9.53 -33.57 -19.16
C MET H 24 -9.66 -32.04 -19.17
N TRP H 25 -10.59 -31.43 -18.41
CA TRP H 25 -10.72 -29.94 -18.29
C TRP H 25 -11.12 -29.57 -16.84
N PRO H 26 -10.19 -29.80 -15.87
CA PRO H 26 -10.48 -29.73 -14.46
C PRO H 26 -10.82 -28.29 -14.10
N GLY H 27 -11.70 -28.13 -13.09
CA GLY H 27 -12.05 -26.80 -12.58
C GLY H 27 -12.88 -25.94 -13.53
N GLU H 28 -13.51 -26.51 -14.54
CA GLU H 28 -14.44 -25.78 -15.42
C GLU H 28 -15.50 -26.70 -15.99
N ALA H 29 -16.58 -26.15 -16.47
CA ALA H 29 -17.52 -26.96 -17.24
C ALA H 29 -18.31 -26.03 -18.17
N HIS H 30 -18.49 -26.40 -19.43
CA HIS H 30 -19.50 -25.74 -20.31
C HIS H 30 -20.88 -26.22 -19.82
N SER H 31 -21.80 -25.29 -19.60
CA SER H 31 -23.18 -25.60 -19.14
C SER H 31 -24.16 -25.20 -20.25
N LEU H 32 -25.13 -26.06 -20.50
CA LEU H 32 -26.19 -25.79 -21.50
C LEU H 32 -27.54 -26.02 -20.84
N LYS H 33 -28.43 -25.08 -21.08
CA LYS H 33 -29.80 -25.17 -20.51
C LYS H 33 -30.46 -26.35 -21.24
N VAL H 34 -31.10 -27.24 -20.50
CA VAL H 34 -31.80 -28.48 -21.01
C VAL H 34 -33.31 -28.25 -21.12
N GLU H 35 -33.89 -28.45 -22.28
CA GLU H 35 -35.37 -28.40 -22.42
C GLU H 35 -35.95 -29.78 -22.14
N LYS H 36 -35.32 -30.83 -22.71
CA LYS H 36 -35.89 -32.20 -22.68
C LYS H 36 -34.79 -33.22 -22.84
N VAL H 37 -34.67 -34.22 -21.97
CA VAL H 37 -33.70 -35.30 -22.18
C VAL H 37 -34.38 -36.32 -23.11
N LEU H 38 -33.90 -36.48 -24.33
CA LEU H 38 -34.51 -37.34 -25.38
C LEU H 38 -34.05 -38.81 -25.30
N PHE H 39 -32.84 -39.09 -24.80
CA PHE H 39 -32.36 -40.49 -24.75
C PHE H 39 -31.29 -40.61 -23.67
N GLN H 40 -31.27 -41.76 -23.02
CA GLN H 40 -30.25 -42.13 -22.00
C GLN H 40 -30.14 -43.63 -22.05
N GLY H 41 -28.93 -44.11 -22.36
CA GLY H 41 -28.67 -45.56 -22.49
C GLY H 41 -27.22 -45.83 -22.17
N LYS H 42 -26.95 -47.13 -22.03
CA LYS H 42 -25.62 -47.69 -21.77
C LYS H 42 -25.43 -48.74 -22.85
N SER H 43 -24.46 -48.53 -23.72
CA SER H 43 -24.13 -49.48 -24.81
C SER H 43 -23.07 -50.45 -24.27
N ASP H 44 -22.47 -51.25 -25.15
CA ASP H 44 -21.34 -52.12 -24.71
C ASP H 44 -20.07 -51.33 -24.38
N TYR H 45 -20.06 -50.05 -24.67
CA TYR H 45 -18.85 -49.16 -24.63
C TYR H 45 -19.06 -47.90 -23.78
N GLN H 46 -20.16 -47.16 -23.97
CA GLN H 46 -20.29 -45.75 -23.52
C GLN H 46 -21.65 -45.49 -22.93
N ASP H 47 -21.73 -44.55 -22.01
CA ASP H 47 -23.04 -43.99 -21.60
C ASP H 47 -23.44 -42.97 -22.65
N VAL H 48 -24.64 -43.10 -23.17
CA VAL H 48 -25.13 -42.29 -24.31
C VAL H 48 -26.32 -41.43 -23.88
N ILE H 49 -26.26 -40.13 -24.18
CA ILE H 49 -27.33 -39.14 -23.80
C ILE H 49 -27.54 -38.26 -25.02
N VAL H 50 -28.80 -38.05 -25.33
CA VAL H 50 -29.26 -37.04 -26.29
C VAL H 50 -30.22 -36.13 -25.51
N PHE H 51 -30.08 -34.82 -25.64
CA PHE H 51 -30.99 -33.83 -24.98
C PHE H 51 -31.27 -32.64 -25.91
N GLN H 52 -32.50 -32.17 -25.83
CA GLN H 52 -32.90 -30.97 -26.58
C GLN H 52 -32.43 -29.78 -25.74
N SER H 53 -31.41 -29.06 -26.18
CA SER H 53 -30.95 -27.79 -25.53
C SER H 53 -31.94 -26.63 -25.81
N ALA H 54 -31.96 -25.63 -24.94
CA ALA H 54 -32.78 -24.41 -25.16
C ALA H 54 -32.26 -23.62 -26.37
N THR H 55 -30.94 -23.54 -26.55
CA THR H 55 -30.40 -22.60 -27.58
C THR H 55 -29.33 -23.18 -28.52
N TYR H 56 -28.98 -24.47 -28.42
CA TYR H 56 -27.95 -25.12 -29.27
C TYR H 56 -28.56 -26.30 -30.04
N GLY H 57 -29.88 -26.36 -30.19
CA GLY H 57 -30.60 -27.53 -30.77
C GLY H 57 -30.25 -28.79 -30.06
N LYS H 58 -30.34 -29.96 -30.75
CA LYS H 58 -30.07 -31.21 -30.00
C LYS H 58 -28.58 -31.44 -29.74
N VAL H 59 -28.31 -32.18 -28.69
CA VAL H 59 -26.94 -32.40 -28.17
C VAL H 59 -26.65 -33.87 -27.95
N LEU H 60 -25.54 -34.38 -28.52
CA LEU H 60 -25.14 -35.80 -28.27
C LEU H 60 -24.07 -35.78 -27.19
N VAL H 61 -24.15 -36.68 -26.25
CA VAL H 61 -23.18 -36.75 -25.13
C VAL H 61 -22.74 -38.16 -24.96
N LEU H 62 -21.43 -38.36 -24.81
CA LEU H 62 -20.88 -39.70 -24.62
C LEU H 62 -19.97 -39.68 -23.41
N ASP H 63 -20.16 -40.63 -22.51
CA ASP H 63 -19.56 -40.62 -21.17
C ASP H 63 -19.43 -39.18 -20.61
N GLY H 64 -20.52 -38.38 -20.63
CA GLY H 64 -20.64 -37.03 -20.05
C GLY H 64 -20.00 -35.91 -20.87
N VAL H 65 -19.49 -36.20 -22.06
CA VAL H 65 -18.72 -35.22 -22.90
C VAL H 65 -19.57 -34.89 -24.14
N ILE H 66 -19.76 -33.63 -24.39
CA ILE H 66 -20.56 -33.14 -25.54
C ILE H 66 -19.78 -33.59 -26.79
N GLN H 67 -20.47 -34.24 -27.70
CA GLN H 67 -19.87 -34.71 -28.95
C GLN H 67 -20.29 -33.80 -30.10
N LEU H 68 -21.48 -33.23 -30.03
CA LEU H 68 -22.16 -32.53 -31.15
C LEU H 68 -23.33 -31.67 -30.65
N THR H 69 -23.46 -30.38 -31.08
CA THR H 69 -24.76 -29.69 -30.99
C THR H 69 -25.12 -29.31 -32.39
N GLU H 70 -26.41 -29.19 -32.66
CA GLU H 70 -26.91 -28.83 -34.02
C GLU H 70 -26.44 -27.42 -34.38
N ARG H 71 -26.32 -26.55 -33.38
CA ARG H 71 -25.99 -25.12 -33.65
C ARG H 71 -24.59 -24.91 -34.25
N ASP H 72 -23.57 -25.62 -33.75
CA ASP H 72 -22.18 -25.37 -34.17
C ASP H 72 -21.53 -26.54 -34.88
N GLU H 73 -22.29 -27.62 -35.18
CA GLU H 73 -21.64 -28.85 -35.71
C GLU H 73 -20.92 -28.56 -37.04
N CYS H 74 -21.40 -27.62 -37.84
CA CYS H 74 -20.81 -27.24 -39.13
C CYS H 74 -19.32 -26.95 -39.00
N ALA H 75 -18.85 -26.37 -37.91
CA ALA H 75 -17.43 -25.94 -37.77
C ALA H 75 -16.55 -27.19 -37.78
N TYR H 76 -16.77 -28.15 -36.88
CA TYR H 76 -15.89 -29.35 -36.83
C TYR H 76 -16.03 -30.26 -38.06
N GLN H 77 -17.25 -30.60 -38.47
CA GLN H 77 -17.36 -31.55 -39.62
C GLN H 77 -16.83 -30.94 -40.91
N GLU H 78 -17.10 -29.65 -41.15
CA GLU H 78 -16.55 -29.07 -42.39
C GLU H 78 -15.02 -29.00 -42.34
N MET H 79 -14.49 -28.65 -41.18
CA MET H 79 -13.03 -28.37 -41.18
C MET H 79 -12.26 -29.69 -41.22
N ILE H 80 -12.68 -30.66 -40.38
CA ILE H 80 -12.01 -32.00 -40.25
C ILE H 80 -12.04 -32.69 -41.63
N THR H 81 -13.07 -32.42 -42.43
CA THR H 81 -13.23 -33.12 -43.71
C THR H 81 -12.51 -32.39 -44.83
N HIS H 82 -12.77 -31.09 -44.93
CA HIS H 82 -12.32 -30.34 -46.14
C HIS H 82 -10.86 -29.94 -46.00
N LEU H 83 -10.33 -29.87 -44.76
CA LEU H 83 -8.87 -29.57 -44.60
C LEU H 83 -8.02 -30.67 -45.25
N PRO H 84 -8.21 -31.99 -45.02
CA PRO H 84 -7.48 -33.00 -45.79
C PRO H 84 -7.93 -33.16 -47.24
N LEU H 85 -9.21 -33.13 -47.48
CA LEU H 85 -9.71 -33.61 -48.79
C LEU H 85 -9.43 -32.53 -49.86
N CYS H 86 -9.29 -31.26 -49.51
CA CYS H 86 -9.04 -30.17 -50.52
C CYS H 86 -7.52 -30.04 -50.64
N SER H 87 -6.78 -30.87 -49.89
CA SER H 87 -5.29 -30.83 -49.86
C SER H 87 -4.71 -31.81 -50.87
N ILE H 88 -5.55 -32.73 -51.39
CA ILE H 88 -5.16 -33.84 -52.34
C ILE H 88 -6.05 -33.79 -53.58
N PRO H 89 -5.49 -34.19 -54.74
CA PRO H 89 -6.26 -34.30 -55.96
C PRO H 89 -7.23 -35.49 -55.97
N ASN H 90 -8.44 -35.28 -56.44
CA ASN H 90 -9.34 -36.37 -56.91
C ASN H 90 -9.31 -37.57 -55.95
N PRO H 91 -9.64 -37.41 -54.65
CA PRO H 91 -9.60 -38.51 -53.71
C PRO H 91 -10.70 -39.49 -54.11
N LYS H 92 -10.39 -40.78 -54.06
CA LYS H 92 -11.37 -41.84 -54.42
C LYS H 92 -11.85 -42.59 -53.16
N LYS H 93 -10.90 -43.03 -52.34
CA LYS H 93 -11.15 -44.03 -51.26
C LYS H 93 -10.74 -43.33 -49.95
N VAL H 94 -11.73 -43.14 -49.11
CA VAL H 94 -11.61 -42.43 -47.81
C VAL H 94 -12.21 -43.28 -46.67
N LEU H 95 -11.44 -43.40 -45.59
CA LEU H 95 -11.83 -44.07 -44.33
C LEU H 95 -12.17 -43.04 -43.25
N VAL H 96 -13.32 -43.18 -42.65
CA VAL H 96 -13.77 -42.40 -41.44
C VAL H 96 -13.67 -43.38 -40.26
N ILE H 97 -12.85 -43.02 -39.27
CA ILE H 97 -12.78 -43.78 -38.00
C ILE H 97 -13.56 -43.04 -36.92
N GLY H 98 -14.48 -43.72 -36.25
CA GLY H 98 -15.47 -43.12 -35.33
C GLY H 98 -16.55 -42.44 -36.16
N GLY H 99 -16.95 -41.18 -35.88
CA GLY H 99 -17.94 -40.44 -36.70
C GLY H 99 -19.37 -40.99 -36.71
N GLY H 100 -19.74 -41.76 -35.69
CA GLY H 100 -21.07 -42.37 -35.51
C GLY H 100 -22.21 -41.37 -35.67
N ASP H 101 -21.97 -40.06 -35.52
CA ASP H 101 -23.05 -39.04 -35.68
C ASP H 101 -23.46 -38.86 -37.16
N GLY H 102 -22.55 -39.14 -38.08
CA GLY H 102 -22.75 -39.16 -39.55
C GLY H 102 -22.34 -37.84 -40.24
N GLY H 103 -21.94 -36.81 -39.46
CA GLY H 103 -21.54 -35.45 -39.93
C GLY H 103 -20.39 -35.54 -40.92
N VAL H 104 -19.32 -36.17 -40.50
CA VAL H 104 -18.16 -36.33 -41.42
C VAL H 104 -18.63 -37.02 -42.71
N LEU H 105 -19.48 -38.06 -42.65
CA LEU H 105 -19.93 -38.75 -43.86
C LEU H 105 -20.61 -37.81 -44.82
N ARG H 106 -21.42 -36.89 -44.28
CA ARG H 106 -22.13 -35.92 -45.14
C ARG H 106 -21.13 -34.99 -45.85
N GLU H 107 -20.13 -34.50 -45.12
CA GLU H 107 -19.12 -33.55 -45.70
C GLU H 107 -18.24 -34.28 -46.72
N VAL H 108 -17.98 -35.55 -46.47
CA VAL H 108 -17.13 -36.37 -47.38
C VAL H 108 -17.87 -36.53 -48.68
N ALA H 109 -19.17 -36.77 -48.56
CA ALA H 109 -20.03 -37.07 -49.73
C ALA H 109 -20.02 -35.88 -50.64
N ARG H 110 -19.65 -34.71 -50.12
CA ARG H 110 -19.80 -33.47 -50.90
C ARG H 110 -18.77 -33.51 -52.03
N HIS H 111 -17.71 -34.32 -51.88
CA HIS H 111 -16.64 -34.47 -52.91
C HIS H 111 -17.05 -35.50 -53.96
N ALA H 112 -17.30 -35.05 -55.19
CA ALA H 112 -17.84 -35.87 -56.30
C ALA H 112 -16.87 -37.00 -56.63
N SER H 113 -15.59 -36.75 -56.56
CA SER H 113 -14.58 -37.75 -56.95
C SER H 113 -14.65 -39.04 -56.10
N ILE H 114 -15.19 -38.97 -54.88
CA ILE H 114 -15.17 -40.12 -53.94
C ILE H 114 -16.00 -41.30 -54.51
N GLU H 115 -15.40 -42.47 -54.55
CA GLU H 115 -16.01 -43.74 -55.04
C GLU H 115 -16.43 -44.55 -53.83
N GLN H 116 -15.60 -44.64 -52.78
CA GLN H 116 -16.08 -45.35 -51.56
C GLN H 116 -15.70 -44.55 -50.32
N ILE H 117 -16.68 -44.47 -49.42
CA ILE H 117 -16.48 -44.04 -48.02
C ILE H 117 -16.57 -45.21 -47.06
N ASP H 118 -15.45 -45.76 -46.66
CA ASP H 118 -15.48 -46.73 -45.54
C ASP H 118 -15.67 -46.01 -44.20
N MET H 119 -16.39 -46.62 -43.29
CA MET H 119 -16.49 -46.08 -41.90
C MET H 119 -16.38 -47.21 -40.92
N CYS H 120 -15.57 -47.04 -39.89
CA CYS H 120 -15.54 -47.99 -38.77
C CYS H 120 -15.81 -47.26 -37.44
N GLU H 121 -17.00 -47.47 -36.91
CA GLU H 121 -17.53 -46.89 -35.62
C GLU H 121 -17.74 -47.99 -34.58
N ILE H 122 -17.17 -47.78 -33.39
CA ILE H 122 -17.10 -48.89 -32.41
C ILE H 122 -18.51 -49.09 -31.79
N ASP H 123 -19.36 -48.04 -31.73
CA ASP H 123 -20.56 -48.02 -30.82
C ASP H 123 -21.84 -47.91 -31.64
N LYS H 124 -22.47 -49.08 -31.98
CA LYS H 124 -23.73 -49.05 -32.75
C LYS H 124 -24.84 -48.24 -32.05
N MET H 125 -24.86 -48.11 -30.75
CA MET H 125 -25.85 -47.23 -30.04
C MET H 125 -25.69 -45.77 -30.48
N VAL H 126 -24.46 -45.32 -30.82
CA VAL H 126 -24.29 -43.93 -31.31
C VAL H 126 -24.94 -43.84 -32.69
N VAL H 127 -24.73 -44.85 -33.55
CA VAL H 127 -25.22 -44.73 -34.95
C VAL H 127 -26.73 -44.65 -34.82
N ASP H 128 -27.34 -45.59 -34.07
CA ASP H 128 -28.82 -45.66 -34.00
C ASP H 128 -29.41 -44.37 -33.40
N VAL H 129 -28.81 -43.84 -32.34
CA VAL H 129 -29.43 -42.59 -31.72
C VAL H 129 -29.25 -41.34 -32.59
N SER H 130 -28.14 -41.27 -33.36
CA SER H 130 -27.90 -40.17 -34.32
C SER H 130 -28.93 -40.28 -35.44
N LYS H 131 -29.16 -41.51 -35.99
CA LYS H 131 -30.13 -41.64 -37.10
C LYS H 131 -31.53 -41.28 -36.57
N GLN H 132 -31.81 -41.65 -35.36
CA GLN H 132 -33.17 -41.43 -34.84
C GLN H 132 -33.40 -39.95 -34.52
N PHE H 133 -32.44 -39.26 -33.90
CA PHE H 133 -32.77 -37.99 -33.20
C PHE H 133 -32.29 -36.83 -34.07
N PHE H 134 -31.28 -37.04 -34.90
CA PHE H 134 -30.68 -35.92 -35.66
C PHE H 134 -31.13 -36.03 -37.12
N PRO H 135 -31.89 -35.06 -37.64
CA PRO H 135 -32.35 -35.14 -39.02
C PRO H 135 -31.29 -34.98 -40.12
N ASP H 136 -30.25 -34.19 -39.86
CA ASP H 136 -29.45 -33.75 -41.03
C ASP H 136 -27.99 -33.72 -40.62
N VAL H 137 -27.65 -34.50 -39.59
CA VAL H 137 -26.25 -34.92 -39.32
C VAL H 137 -26.16 -36.30 -39.93
N ALA H 138 -27.04 -37.21 -39.48
CA ALA H 138 -27.06 -38.64 -39.86
C ALA H 138 -27.65 -38.82 -41.27
N ILE H 139 -28.05 -37.73 -41.95
CA ILE H 139 -28.35 -37.88 -43.39
C ILE H 139 -27.09 -38.47 -44.06
N GLY H 140 -25.88 -38.34 -43.42
CA GLY H 140 -24.62 -38.97 -43.93
C GLY H 140 -24.75 -40.45 -44.34
N TYR H 141 -25.61 -41.21 -43.67
CA TYR H 141 -25.69 -42.69 -43.88
C TYR H 141 -26.34 -43.24 -45.17
N GLU H 142 -27.17 -42.51 -45.93
CA GLU H 142 -27.91 -43.26 -46.99
C GLU H 142 -27.17 -43.20 -48.32
N ASP H 143 -26.10 -42.45 -48.40
CA ASP H 143 -25.31 -42.33 -49.63
C ASP H 143 -24.76 -43.73 -50.02
N PRO H 144 -25.11 -44.16 -51.23
CA PRO H 144 -24.76 -45.51 -51.69
C PRO H 144 -23.25 -45.75 -51.56
N ARG H 145 -22.42 -44.69 -51.48
CA ARG H 145 -20.95 -44.84 -51.36
C ARG H 145 -20.53 -45.21 -49.94
N VAL H 146 -21.44 -45.20 -48.97
CA VAL H 146 -21.09 -45.39 -47.54
C VAL H 146 -21.07 -46.86 -47.22
N ASN H 147 -20.02 -47.34 -46.54
CA ASN H 147 -19.82 -48.75 -46.17
C ASN H 147 -19.48 -48.78 -44.70
N LEU H 148 -20.50 -48.96 -43.88
CA LEU H 148 -20.37 -48.88 -42.44
C LEU H 148 -20.01 -50.23 -41.86
N VAL H 149 -18.92 -50.27 -41.11
CA VAL H 149 -18.55 -51.38 -40.20
C VAL H 149 -18.68 -50.95 -38.74
N ILE H 150 -19.21 -51.81 -37.90
CA ILE H 150 -19.21 -51.61 -36.43
C ILE H 150 -18.03 -52.32 -35.82
N GLY H 151 -17.03 -51.61 -35.39
CA GLY H 151 -15.89 -52.22 -34.70
C GLY H 151 -14.91 -51.19 -34.17
N ASP H 152 -13.85 -51.68 -33.52
CA ASP H 152 -12.77 -50.83 -33.08
C ASP H 152 -11.96 -50.41 -34.31
N GLY H 153 -11.76 -49.10 -34.50
CA GLY H 153 -10.90 -48.56 -35.54
C GLY H 153 -9.52 -49.19 -35.49
N VAL H 154 -9.00 -49.56 -34.31
CA VAL H 154 -7.63 -50.14 -34.19
C VAL H 154 -7.56 -51.47 -35.03
N ALA H 155 -8.44 -52.42 -34.72
CA ALA H 155 -8.52 -53.68 -35.49
C ALA H 155 -8.81 -53.42 -36.98
N PHE H 156 -9.70 -52.52 -37.31
CA PHE H 156 -10.00 -52.17 -38.72
C PHE H 156 -8.75 -51.75 -39.50
N LEU H 157 -7.96 -50.84 -38.96
CA LEU H 157 -6.73 -50.37 -39.64
C LEU H 157 -5.79 -51.56 -39.87
N LYS H 158 -5.66 -52.45 -38.90
CA LYS H 158 -4.72 -53.59 -39.03
C LYS H 158 -5.16 -54.49 -40.21
N ASN H 159 -6.43 -54.43 -40.62
CA ASN H 159 -7.01 -55.31 -41.66
C ASN H 159 -6.84 -54.67 -43.04
N ALA H 160 -6.43 -53.41 -43.12
CA ALA H 160 -6.50 -52.63 -44.34
C ALA H 160 -5.44 -53.15 -45.29
N ALA H 161 -5.67 -53.08 -46.58
CA ALA H 161 -4.59 -53.41 -47.55
C ALA H 161 -3.57 -52.25 -47.50
N GLU H 162 -2.26 -52.53 -47.51
CA GLU H 162 -1.18 -51.49 -47.47
C GLU H 162 -1.44 -50.55 -48.64
N GLY H 163 -1.31 -49.25 -48.44
CA GLY H 163 -1.36 -48.30 -49.55
C GLY H 163 -2.75 -48.18 -50.12
N SER H 164 -3.78 -48.58 -49.40
CA SER H 164 -5.12 -48.68 -50.02
C SER H 164 -5.96 -47.40 -49.94
N TYR H 165 -5.70 -46.44 -49.02
CA TYR H 165 -6.62 -45.27 -48.89
C TYR H 165 -5.90 -44.00 -49.31
N ASP H 166 -6.60 -43.11 -50.01
CA ASP H 166 -6.16 -41.70 -50.23
C ASP H 166 -6.18 -40.89 -48.93
N ALA H 167 -7.20 -41.09 -48.09
CA ALA H 167 -7.37 -40.26 -46.88
C ALA H 167 -7.95 -41.07 -45.75
N VAL H 168 -7.53 -40.74 -44.51
CA VAL H 168 -8.14 -41.31 -43.29
C VAL H 168 -8.41 -40.13 -42.36
N ILE H 169 -9.68 -40.00 -42.01
CA ILE H 169 -10.15 -39.02 -40.99
C ILE H 169 -10.48 -39.77 -39.69
N VAL H 170 -9.84 -39.37 -38.59
CA VAL H 170 -10.03 -39.98 -37.26
C VAL H 170 -10.99 -39.06 -36.53
N ASP H 171 -12.31 -39.32 -36.61
CA ASP H 171 -13.30 -38.43 -35.91
C ASP H 171 -13.68 -39.07 -34.57
N SER H 172 -12.73 -39.12 -33.66
CA SER H 172 -12.85 -39.93 -32.44
C SER H 172 -13.31 -39.04 -31.26
N SER H 173 -13.92 -39.68 -30.23
CA SER H 173 -14.06 -39.09 -28.87
C SER H 173 -12.68 -38.92 -28.23
N ASP H 174 -12.68 -38.42 -27.01
CA ASP H 174 -11.45 -38.13 -26.24
C ASP H 174 -10.70 -39.40 -25.84
N PRO H 175 -9.47 -39.30 -25.37
CA PRO H 175 -8.67 -40.46 -24.98
C PRO H 175 -9.15 -41.18 -23.75
N ILE H 176 -10.10 -40.61 -23.00
CA ILE H 176 -10.72 -41.34 -21.87
C ILE H 176 -11.97 -42.07 -22.42
N GLY H 177 -11.92 -43.40 -22.42
CA GLY H 177 -12.94 -44.26 -23.03
C GLY H 177 -12.35 -45.03 -24.21
N PRO H 178 -13.21 -45.45 -25.14
CA PRO H 178 -12.83 -46.38 -26.18
C PRO H 178 -11.87 -45.82 -27.24
N ALA H 179 -11.66 -44.50 -27.26
CA ALA H 179 -10.80 -43.86 -28.28
C ALA H 179 -9.34 -43.79 -27.83
N LYS H 180 -9.05 -44.25 -26.63
CA LYS H 180 -7.70 -44.14 -26.08
C LYS H 180 -6.62 -44.46 -27.13
N GLU H 181 -6.65 -45.68 -27.70
CA GLU H 181 -5.47 -46.16 -28.50
CA GLU H 181 -5.50 -46.19 -28.52
C GLU H 181 -5.38 -45.43 -29.85
N LEU H 182 -6.41 -44.70 -30.25
CA LEU H 182 -6.39 -43.99 -31.55
C LEU H 182 -5.47 -42.77 -31.45
N PHE H 183 -5.07 -42.44 -30.24
CA PHE H 183 -4.13 -41.33 -29.96
C PHE H 183 -2.69 -41.84 -29.83
N GLU H 184 -2.45 -43.15 -29.98
CA GLU H 184 -1.11 -43.72 -29.65
CA GLU H 184 -1.13 -43.75 -29.64
C GLU H 184 -0.36 -44.15 -30.92
N LYS H 185 0.95 -44.28 -30.78
CA LYS H 185 1.88 -44.52 -31.91
C LYS H 185 1.47 -45.74 -32.73
N PRO H 186 1.15 -46.91 -32.14
CA PRO H 186 0.88 -48.09 -32.97
C PRO H 186 -0.27 -47.83 -33.97
N PHE H 187 -1.33 -47.21 -33.49
CA PHE H 187 -2.46 -46.80 -34.39
C PHE H 187 -1.97 -45.91 -35.54
N PHE H 188 -1.23 -44.82 -35.24
CA PHE H 188 -0.74 -43.93 -36.31
C PHE H 188 0.13 -44.78 -37.24
N GLN H 189 0.98 -45.69 -36.75
CA GLN H 189 1.85 -46.49 -37.67
C GLN H 189 0.92 -47.23 -38.64
N SER H 190 -0.16 -47.81 -38.14
CA SER H 190 -1.09 -48.64 -38.98
C SER H 190 -1.79 -47.73 -40.01
N VAL H 191 -2.11 -46.49 -39.66
CA VAL H 191 -2.73 -45.50 -40.63
C VAL H 191 -1.76 -45.24 -41.80
N ALA H 192 -0.51 -45.02 -41.43
CA ALA H 192 0.59 -44.69 -42.36
C ALA H 192 0.72 -45.86 -43.34
N ARG H 193 0.67 -47.10 -42.84
CA ARG H 193 0.68 -48.34 -43.68
C ARG H 193 -0.55 -48.42 -44.62
N ALA H 194 -1.73 -48.06 -44.19
CA ALA H 194 -3.01 -48.16 -44.94
C ALA H 194 -3.11 -47.13 -46.04
N LEU H 195 -2.38 -46.02 -45.88
CA LEU H 195 -2.41 -44.90 -46.83
C LEU H 195 -1.49 -45.19 -48.04
N ARG H 196 -1.95 -44.80 -49.23
CA ARG H 196 -1.07 -44.65 -50.42
C ARG H 196 0.11 -43.71 -50.11
N PRO H 197 1.22 -43.78 -50.87
CA PRO H 197 2.25 -42.75 -50.80
C PRO H 197 1.63 -41.40 -51.15
N GLY H 198 1.95 -40.34 -50.37
CA GLY H 198 1.29 -39.02 -50.48
C GLY H 198 -0.10 -38.98 -49.82
N GLY H 199 -0.58 -40.09 -49.28
CA GLY H 199 -1.94 -40.17 -48.69
C GLY H 199 -1.98 -39.30 -47.42
N VAL H 200 -3.16 -38.87 -46.98
CA VAL H 200 -3.28 -37.95 -45.83
C VAL H 200 -4.14 -38.51 -44.72
N VAL H 201 -3.84 -38.04 -43.52
CA VAL H 201 -4.65 -38.35 -42.33
C VAL H 201 -4.90 -37.01 -41.64
N CYS H 202 -6.12 -36.91 -41.17
CA CYS H 202 -6.62 -35.84 -40.32
C CYS H 202 -7.19 -36.47 -39.07
N THR H 203 -6.78 -36.02 -37.88
CA THR H 203 -7.24 -36.58 -36.59
C THR H 203 -7.80 -35.45 -35.72
N GLN H 204 -8.70 -35.81 -34.86
CA GLN H 204 -9.20 -34.96 -33.75
C GLN H 204 -8.06 -34.88 -32.74
N ALA H 205 -7.49 -33.66 -32.57
CA ALA H 205 -6.25 -33.52 -31.80
C ALA H 205 -6.42 -32.41 -30.73
N GLU H 206 -7.61 -32.34 -30.15
CA GLU H 206 -7.90 -31.71 -28.83
C GLU H 206 -7.54 -30.20 -28.82
N SER H 207 -7.40 -29.65 -27.60
CA SER H 207 -7.36 -28.18 -27.42
C SER H 207 -5.95 -27.71 -27.06
N LEU H 208 -5.44 -26.77 -27.86
CA LEU H 208 -4.11 -26.15 -27.60
C LEU H 208 -4.07 -25.41 -26.25
N TRP H 209 -5.20 -25.01 -25.73
CA TRP H 209 -5.34 -24.31 -24.40
C TRP H 209 -5.28 -25.28 -23.23
N LEU H 210 -5.83 -26.48 -23.38
CA LEU H 210 -6.01 -27.44 -22.25
C LEU H 210 -5.02 -28.62 -22.28
N HIS H 211 -4.53 -29.03 -23.47
CA HIS H 211 -3.97 -30.37 -23.76
C HIS H 211 -2.64 -30.30 -24.50
N MET H 212 -1.81 -29.25 -24.29
CA MET H 212 -0.51 -29.09 -24.98
C MET H 212 0.40 -30.28 -24.69
N ASP H 213 0.40 -30.81 -23.46
CA ASP H 213 1.20 -32.01 -23.13
C ASP H 213 0.79 -33.20 -24.02
N ILE H 214 -0.50 -33.49 -24.13
CA ILE H 214 -1.01 -34.55 -25.03
C ILE H 214 -0.66 -34.21 -26.49
N ILE H 215 -0.89 -32.97 -26.90
CA ILE H 215 -0.69 -32.57 -28.33
C ILE H 215 0.79 -32.72 -28.71
N GLU H 216 1.69 -32.36 -27.81
CA GLU H 216 3.14 -32.45 -28.01
C GLU H 216 3.52 -33.89 -28.32
N ASP H 217 2.94 -34.82 -27.57
CA ASP H 217 3.25 -36.25 -27.75
C ASP H 217 2.71 -36.70 -29.11
N ILE H 218 1.50 -36.30 -29.44
CA ILE H 218 0.87 -36.69 -30.73
C ILE H 218 1.76 -36.22 -31.89
N VAL H 219 2.15 -34.95 -31.90
CA VAL H 219 2.93 -34.35 -33.00
C VAL H 219 4.31 -35.00 -33.06
N SER H 220 4.88 -35.32 -31.91
CA SER H 220 6.22 -35.95 -31.87
C SER H 220 6.12 -37.36 -32.52
N ASN H 221 5.10 -38.13 -32.18
CA ASN H 221 4.79 -39.43 -32.78
C ASN H 221 4.57 -39.27 -34.29
N CYS H 222 3.72 -38.35 -34.74
CA CYS H 222 3.45 -38.18 -36.19
C CYS H 222 4.75 -37.86 -36.94
N ARG H 223 5.62 -37.05 -36.34
CA ARG H 223 6.87 -36.69 -37.05
C ARG H 223 7.74 -37.93 -37.30
N GLU H 224 7.79 -38.85 -36.33
CA GLU H 224 8.56 -40.11 -36.45
C GLU H 224 7.93 -41.02 -37.53
N ILE H 225 6.61 -41.02 -37.64
CA ILE H 225 5.81 -41.95 -38.50
C ILE H 225 5.73 -41.38 -39.93
N PHE H 226 5.38 -40.12 -40.10
CA PHE H 226 5.00 -39.56 -41.41
C PHE H 226 6.12 -38.68 -41.90
N LYS H 227 6.68 -39.09 -43.03
CA LYS H 227 7.88 -38.42 -43.55
C LYS H 227 7.46 -37.38 -44.56
N GLY H 228 6.16 -37.30 -44.91
CA GLY H 228 5.63 -36.22 -45.75
C GLY H 228 5.41 -34.95 -44.91
N SER H 229 4.30 -34.26 -45.05
CA SER H 229 3.96 -33.07 -44.21
C SER H 229 3.46 -33.52 -42.84
N VAL H 230 3.72 -32.70 -41.81
CA VAL H 230 3.03 -32.85 -40.50
C VAL H 230 2.65 -31.44 -40.06
N ASN H 231 1.34 -31.21 -39.91
CA ASN H 231 0.86 -29.84 -39.64
C ASN H 231 -0.29 -29.93 -38.63
N TYR H 232 -0.46 -28.90 -37.83
CA TYR H 232 -1.52 -28.85 -36.82
C TYR H 232 -2.39 -27.66 -37.14
N ALA H 233 -3.71 -27.86 -37.19
CA ALA H 233 -4.63 -26.75 -37.53
C ALA H 233 -5.63 -26.60 -36.38
N TRP H 234 -6.25 -25.43 -36.25
CA TRP H 234 -7.30 -25.34 -35.21
C TRP H 234 -8.52 -24.58 -35.73
N THR H 235 -9.66 -24.76 -35.07
CA THR H 235 -10.87 -23.99 -35.42
C THR H 235 -11.72 -23.79 -34.17
N SER H 236 -12.72 -22.96 -34.37
CA SER H 236 -13.70 -22.56 -33.32
C SER H 236 -14.81 -23.60 -33.21
N VAL H 237 -15.00 -24.21 -32.06
CA VAL H 237 -16.26 -24.90 -31.71
C VAL H 237 -16.73 -24.44 -30.35
N PRO H 238 -17.77 -23.63 -30.31
CA PRO H 238 -18.21 -23.08 -29.01
C PRO H 238 -18.45 -24.14 -27.92
N THR H 239 -19.01 -25.29 -28.32
CA THR H 239 -19.48 -26.28 -27.33
C THR H 239 -18.43 -27.38 -27.15
N TYR H 240 -17.17 -27.16 -27.54
CA TYR H 240 -16.06 -28.07 -27.18
C TYR H 240 -15.23 -27.32 -26.17
N PRO H 241 -14.60 -28.08 -25.23
CA PRO H 241 -13.88 -27.47 -24.13
C PRO H 241 -12.90 -26.43 -24.65
N SER H 242 -12.93 -25.26 -24.02
CA SER H 242 -12.08 -24.07 -24.32
C SER H 242 -12.56 -23.38 -25.60
N GLY H 243 -13.53 -23.94 -26.29
CA GLY H 243 -14.17 -23.33 -27.50
C GLY H 243 -13.28 -23.46 -28.75
N VAL H 244 -12.21 -24.18 -28.65
CA VAL H 244 -11.46 -24.63 -29.85
C VAL H 244 -11.28 -26.15 -29.92
N ILE H 245 -10.91 -26.61 -31.11
CA ILE H 245 -10.51 -28.00 -31.38
C ILE H 245 -9.49 -27.95 -32.50
N GLY H 246 -8.49 -28.80 -32.43
CA GLY H 246 -7.48 -28.87 -33.50
C GLY H 246 -7.39 -30.23 -34.12
N PHE H 247 -6.56 -30.25 -35.16
CA PHE H 247 -6.45 -31.41 -36.07
C PHE H 247 -4.99 -31.66 -36.41
N MET H 248 -4.54 -32.92 -36.33
CA MET H 248 -3.23 -33.31 -36.95
C MET H 248 -3.52 -33.51 -38.41
N LEU H 249 -2.70 -32.94 -39.28
CA LEU H 249 -2.75 -33.22 -40.72
C LEU H 249 -1.39 -33.82 -41.04
N CYS H 250 -1.34 -35.04 -41.59
CA CYS H 250 -0.04 -35.62 -42.00
C CYS H 250 -0.17 -36.37 -43.34
N SER H 251 0.90 -36.34 -44.12
CA SER H 251 1.05 -37.08 -45.39
C SER H 251 2.27 -37.99 -45.30
N THR H 252 2.13 -39.12 -45.97
CA THR H 252 3.17 -40.17 -46.10
C THR H 252 4.10 -39.74 -47.21
N GLU H 253 5.34 -40.13 -47.06
CA GLU H 253 6.35 -39.99 -48.16
C GLU H 253 5.71 -40.36 -49.50
N GLY H 254 5.93 -39.56 -50.53
CA GLY H 254 5.28 -39.69 -51.84
C GLY H 254 5.05 -38.31 -52.42
N PRO H 255 4.02 -38.11 -53.28
CA PRO H 255 3.71 -36.79 -53.81
C PRO H 255 3.59 -35.77 -52.66
N ASP H 256 4.29 -34.65 -52.77
CA ASP H 256 4.26 -33.64 -51.70
C ASP H 256 2.81 -33.12 -51.54
N VAL H 257 2.46 -32.82 -50.30
CA VAL H 257 1.15 -32.23 -49.95
C VAL H 257 1.39 -30.89 -49.24
N ASP H 258 0.71 -29.85 -49.70
CA ASP H 258 0.77 -28.51 -49.10
C ASP H 258 -0.57 -28.27 -48.39
N PHE H 259 -0.66 -28.72 -47.12
CA PHE H 259 -1.91 -28.58 -46.34
C PHE H 259 -2.34 -27.11 -46.16
N LYS H 260 -1.40 -26.19 -46.09
CA LYS H 260 -1.67 -24.76 -45.83
C LYS H 260 -2.19 -24.06 -47.09
N HIS H 261 -1.93 -24.57 -48.30
CA HIS H 261 -2.51 -24.00 -49.54
C HIS H 261 -3.24 -25.07 -50.34
N PRO H 262 -4.57 -25.20 -50.15
CA PRO H 262 -5.27 -26.36 -50.67
C PRO H 262 -5.38 -26.36 -52.20
N LEU H 263 -5.11 -27.51 -52.82
CA LEU H 263 -4.88 -27.74 -54.27
C LEU H 263 -6.11 -28.34 -54.97
N ASN H 264 -7.20 -28.53 -54.21
CA ASN H 264 -8.41 -29.30 -54.65
C ASN H 264 -9.60 -28.60 -53.98
N PRO H 265 -9.82 -27.29 -54.29
CA PRO H 265 -11.02 -26.56 -53.87
C PRO H 265 -12.33 -27.28 -54.18
N ILE H 266 -13.30 -27.18 -53.24
CA ILE H 266 -14.69 -27.67 -53.46
C ILE H 266 -15.31 -26.93 -54.65
N ASN H 274 -26.65 -31.36 -49.65
CA ASN H 274 -27.12 -31.05 -48.27
C ASN H 274 -26.92 -29.56 -47.95
N GLY H 275 -27.18 -28.70 -48.94
CA GLY H 275 -27.09 -27.24 -48.77
C GLY H 275 -25.64 -26.76 -48.72
N PRO H 276 -25.43 -25.44 -48.77
CA PRO H 276 -24.09 -24.90 -48.93
C PRO H 276 -23.29 -25.03 -47.62
N LEU H 277 -21.98 -24.92 -47.75
CA LEU H 277 -21.00 -24.92 -46.65
C LEU H 277 -21.30 -23.71 -45.77
N LYS H 278 -21.28 -23.88 -44.49
CA LYS H 278 -21.71 -22.84 -43.55
C LYS H 278 -20.48 -22.20 -42.93
N PHE H 279 -19.35 -22.88 -42.98
CA PHE H 279 -18.15 -22.59 -42.15
C PHE H 279 -16.88 -22.54 -43.02
N TYR H 280 -16.46 -23.70 -43.55
CA TYR H 280 -15.23 -23.84 -44.36
C TYR H 280 -15.27 -22.88 -45.57
N ASN H 281 -14.10 -22.39 -45.94
CA ASN H 281 -13.79 -21.66 -47.22
C ASN H 281 -12.26 -21.67 -47.40
N ALA H 282 -11.79 -21.37 -48.61
CA ALA H 282 -10.34 -21.47 -49.00
C ALA H 282 -9.47 -20.63 -48.03
N GLU H 283 -9.93 -19.42 -47.71
CA GLU H 283 -9.16 -18.49 -46.83
C GLU H 283 -9.08 -19.02 -45.38
N ILE H 284 -10.19 -19.49 -44.82
CA ILE H 284 -10.09 -20.06 -43.47
C ILE H 284 -9.30 -21.35 -43.45
N HIS H 285 -9.24 -22.08 -44.56
CA HIS H 285 -8.41 -23.30 -44.63
C HIS H 285 -6.99 -22.88 -44.23
N SER H 286 -6.41 -21.87 -44.92
CA SER H 286 -5.04 -21.38 -44.66
C SER H 286 -4.92 -20.83 -43.25
N ALA H 287 -5.92 -20.07 -42.84
CA ALA H 287 -5.92 -19.37 -41.51
C ALA H 287 -5.82 -20.40 -40.37
N ALA H 288 -6.43 -21.63 -40.55
CA ALA H 288 -6.52 -22.59 -39.43
C ALA H 288 -5.13 -23.08 -39.04
N PHE H 289 -4.12 -22.94 -39.90
CA PHE H 289 -2.73 -23.37 -39.58
C PHE H 289 -1.89 -22.25 -38.96
N CYS H 290 -2.52 -21.11 -38.68
CA CYS H 290 -1.80 -19.94 -38.08
C CYS H 290 -2.06 -19.93 -36.60
N LEU H 291 -1.17 -20.54 -35.83
CA LEU H 291 -1.45 -20.81 -34.40
C LEU H 291 -0.96 -19.62 -33.54
N PRO H 292 -1.48 -19.52 -32.33
CA PRO H 292 -0.98 -18.55 -31.38
C PRO H 292 0.47 -18.89 -31.03
N SER H 293 1.26 -17.86 -30.71
CA SER H 293 2.70 -17.98 -30.39
C SER H 293 3.05 -19.08 -29.38
N PHE H 294 2.32 -19.26 -28.28
CA PHE H 294 2.64 -20.29 -27.25
C PHE H 294 2.53 -21.71 -27.83
N ALA H 295 1.72 -21.88 -28.88
CA ALA H 295 1.42 -23.20 -29.44
C ALA H 295 2.41 -23.47 -30.58
N LYS H 296 2.68 -22.44 -31.39
CA LYS H 296 3.47 -22.48 -32.64
C LYS H 296 4.88 -22.88 -32.27
N LYS H 297 5.38 -22.33 -31.18
CA LYS H 297 6.73 -22.64 -30.64
C LYS H 297 6.77 -24.14 -30.34
N VAL H 298 5.85 -24.65 -29.54
CA VAL H 298 5.79 -26.11 -29.17
C VAL H 298 5.57 -26.99 -30.41
N ILE H 299 4.60 -26.70 -31.25
CA ILE H 299 4.15 -27.61 -32.34
C ILE H 299 5.23 -27.72 -33.41
N GLU H 300 5.95 -26.63 -33.74
CA GLU H 300 6.94 -26.77 -34.84
C GLU H 300 8.39 -26.92 -34.34
N SER H 301 8.60 -27.07 -33.02
CA SER H 301 9.92 -27.21 -32.34
C SER H 301 10.71 -28.43 -32.86
CA S4M I . 12.22 35.13 37.58
N S4M I . 11.22 35.64 38.54
CB S4M I . 13.32 36.15 37.33
CG S4M I . 14.32 36.31 38.45
SD S4M I . 14.11 37.79 39.42
CE S4M I . 14.29 39.25 38.35
C5' S4M I . 15.62 37.89 40.38
C4' S4M I . 15.87 39.20 41.09
O4' S4M I . 16.81 38.99 42.16
C1' S4M I . 17.30 40.27 42.46
C2' S4M I . 17.68 40.84 41.11
O2' S4M I . 17.83 42.23 41.08
C3' S4M I . 16.50 40.35 40.26
O3' S4M I . 15.62 41.43 40.00
N9 S4M I . 18.39 40.15 43.42
C8 S4M I . 19.63 39.59 43.24
N7 S4M I . 20.37 39.58 44.34
C5 S4M I . 19.54 40.13 45.31
C6 S4M I . 19.73 40.38 46.68
N6 S4M I . 20.87 40.13 47.32
C4 S4M I . 18.31 40.47 44.76
N3 S4M I . 17.29 41.04 45.42
C2 S4M I . 17.59 41.24 46.71
N1 S4M I . 18.71 40.94 47.37
C1 HAI J . 18.63 31.80 36.24
C2 HAI J . 17.67 30.87 36.94
C3 HAI J . 16.20 31.17 36.60
C4 HAI J . 15.77 32.51 37.12
C5 HAI J . 16.95 33.49 37.08
C6 HAI J . 18.01 33.15 36.02
N HAI J . 19.16 31.26 34.94
CA S4M K . 16.80 10.02 19.18
N S4M K . 16.78 8.56 19.24
CB S4M K . 16.97 10.62 17.80
CG S4M K . 15.91 10.23 16.78
SD S4M K . 16.36 8.95 15.62
CE S4M K . 17.95 9.45 14.93
C5' S4M K . 15.15 9.21 14.33
C4' S4M K . 15.23 8.38 13.05
O4' S4M K . 14.01 8.26 12.28
C1' S4M K . 14.41 7.90 10.98
C2' S4M K . 15.58 8.84 10.71
O2' S4M K . 16.35 8.52 9.57
C3' S4M K . 16.33 8.78 12.05
O3' S4M K . 17.37 7.81 12.04
N9 S4M K . 13.30 8.02 10.05
C8 S4M K . 12.80 9.17 9.50
N7 S4M K . 11.80 8.97 8.69
C5 S4M K . 11.62 7.59 8.70
C6 S4M K . 10.71 6.75 8.03
N6 S4M K . 9.78 7.19 7.21
C4 S4M K . 12.55 7.00 9.54
N3 S4M K . 12.66 5.68 9.77
C2 S4M K . 11.75 4.99 9.11
N1 S4M K . 10.81 5.42 8.27
C1 HAI L . 13.02 16.44 17.34
C2 HAI L . 12.99 15.99 18.79
C3 HAI L . 12.89 14.48 18.91
C4 HAI L . 13.51 13.74 17.71
C5 HAI L . 14.67 14.52 17.14
C6 HAI L . 14.22 15.88 16.59
N HAI L . 13.06 17.94 17.26
S SO4 M . 41.85 13.35 12.17
O1 SO4 M . 41.78 14.75 11.92
O2 SO4 M . 41.18 13.04 13.42
O3 SO4 M . 41.18 12.64 11.10
O4 SO4 M . 43.23 12.95 12.26
CA S4M N . 14.19 -30.62 8.49
N S4M N . 15.20 -29.57 8.47
CB S4M N . 13.06 -30.31 9.47
CG S4M N . 12.23 -29.06 9.16
SD S4M N . 12.59 -27.56 10.13
CE S4M N . 12.66 -28.02 11.88
C5' S4M N . 11.13 -26.54 9.83
C4' S4M N . 11.06 -25.24 10.63
O4' S4M N . 10.21 -24.24 10.02
C1' S4M N . 9.68 -23.46 11.07
C2' S4M N . 9.31 -24.46 12.13
O2' S4M N . 9.11 -23.88 13.39
C3' S4M N . 10.51 -25.43 12.06
O3' S4M N . 11.55 -25.14 12.98
N9 S4M N . 8.57 -22.68 10.53
C8 S4M N . 7.25 -23.05 10.42
N7 S4M N . 6.51 -22.12 9.86
C5 S4M N . 7.38 -21.05 9.67
C6 S4M N . 7.22 -19.73 9.16
N6 S4M N . 6.07 -19.22 8.74
C4 S4M N . 8.65 -21.39 10.10
N3 S4M N . 9.75 -20.62 10.06
C2 S4M N . 9.47 -19.40 9.58
N1 S4M N . 8.31 -18.93 9.14
C1 HAI O . 7.37 -33.10 6.67
C2 HAI O . 8.54 -33.61 5.91
C3 HAI O . 9.52 -32.48 5.63
C4 HAI O . 9.48 -31.35 6.63
C5 HAI O . 9.09 -31.79 8.01
C6 HAI O . 7.75 -32.50 8.00
N HAI O . 6.40 -34.21 6.85
S SO4 P . 32.71 -23.40 -3.31
O1 SO4 P . 32.49 -22.02 -2.97
O2 SO4 P . 32.80 -24.20 -2.12
O3 SO4 P . 31.61 -23.85 -4.13
O4 SO4 P . 33.93 -23.53 -4.06
CA S4M Q . 7.02 -58.58 -3.94
N S4M Q . 6.33 -59.03 -5.16
CB S4M Q . 6.65 -59.42 -2.71
CG S4M Q . 7.53 -60.63 -2.52
SD S4M Q . 6.99 -62.16 -3.23
CE S4M Q . 5.25 -62.35 -2.72
C5' S4M Q . 8.06 -63.35 -2.36
C4' S4M Q . 7.73 -64.84 -2.43
O4' S4M Q . 8.91 -65.65 -2.26
C1' S4M Q . 8.44 -66.92 -1.86
C2' S4M Q . 7.43 -66.58 -0.77
O2' S4M Q . 6.57 -67.65 -0.48
C3' S4M Q . 6.74 -65.34 -1.35
O3' S4M Q . 5.49 -65.65 -1.94
N9 S4M Q . 9.58 -67.71 -1.42
C8 S4M Q . 10.21 -67.64 -0.21
N7 S4M Q . 11.25 -68.44 -0.09
C5 S4M Q . 11.31 -69.10 -1.32
C6 S4M Q . 12.16 -70.11 -1.83
N6 S4M Q . 13.17 -70.63 -1.14
C4 S4M Q . 10.28 -68.67 -2.14
N3 S4M Q . 10.03 -69.13 -3.38
C2 S4M Q . 10.91 -70.06 -3.78
N1 S4M Q . 11.92 -70.59 -3.08
C1 HAI R . 10.74 -57.34 2.23
C2 HAI R . 10.95 -56.32 1.13
C3 HAI R . 11.08 -57.02 -0.21
C4 HAI R . 9.88 -57.89 -0.51
C5 HAI R . 9.59 -58.86 0.61
C6 HAI R . 9.50 -58.17 1.97
N HAI R . 10.64 -56.66 3.56
CA S4M S . -12.67 58.79 8.02
N S4M S . -13.53 59.30 9.09
CB S4M S . -11.50 59.70 7.70
CG S4M S . -10.45 59.88 8.79
SD S4M S . -10.67 61.39 9.77
CE S4M S . -10.90 62.65 8.45
C5' S4M S . -9.08 61.55 10.55
C4' S4M S . -8.82 62.80 11.38
O4' S4M S . -7.95 62.60 12.50
C1' S4M S . -7.42 63.87 12.82
C2' S4M S . -7.06 64.45 11.46
O2' S4M S . -6.74 65.82 11.39
C3' S4M S . -8.25 64.00 10.60
O3' S4M S . -9.22 65.01 10.36
N9 S4M S . -6.31 63.74 13.75
C8 S4M S . -5.04 63.30 13.48
N7 S4M S . -4.25 63.30 14.54
C5 S4M S . -5.07 63.74 15.57
C6 S4M S . -4.84 63.94 16.94
N6 S4M S . -3.67 63.71 17.52
C4 S4M S . -6.34 64.01 15.09
N3 S4M S . -7.38 64.45 15.81
C2 S4M S . -7.05 64.59 17.09
N1 S4M S . -5.88 64.36 17.69
C1 HAI T . -6.14 55.45 6.38
C2 HAI T . -7.24 54.43 6.40
C3 HAI T . -8.32 54.80 7.42
C4 HAI T . -8.13 56.11 8.10
C5 HAI T . -7.78 57.22 7.17
C6 HAI T . -6.69 56.86 6.18
N HAI T . -5.17 55.10 5.31
C1 PEG U . -0.37 52.64 7.55
O1 PEG U . -1.47 53.47 7.38
C2 PEG U . -0.06 52.38 8.98
O2 PEG U . 1.16 51.64 9.06
C3 PEG U . 2.32 52.42 8.83
C4 PEG U . 2.94 52.78 10.13
O4 PEG U . 3.76 53.91 10.08
S SO4 V . -31.55 53.45 20.02
O1 SO4 V . -31.56 54.27 18.86
O2 SO4 V . -31.13 54.24 21.15
O3 SO4 V . -32.89 52.99 20.27
O4 SO4 V . -30.68 52.33 19.87
CA S4M W . -7.47 33.56 -10.71
N S4M W . -7.51 32.10 -10.61
CB S4M W . -7.33 34.13 -12.12
CG S4M W . -8.51 33.96 -13.07
SD S4M W . -8.22 32.59 -14.23
CE S4M W . -6.53 32.80 -14.85
C5' S4M W . -9.30 33.01 -15.58
C4' S4M W . -9.15 32.12 -16.80
O4' S4M W . -10.34 31.84 -17.55
C1' S4M W . -9.94 31.49 -18.84
C2' S4M W . -8.83 32.50 -19.16
O2' S4M W . -8.01 32.15 -20.25
C3' S4M W . -8.09 32.55 -17.81
O3' S4M W . -6.95 31.71 -17.70
N9 S4M W . -11.10 31.57 -19.71
C8 S4M W . -11.68 32.69 -20.23
N7 S4M W . -12.71 32.44 -20.98
C5 S4M W . -12.85 31.06 -20.94
C6 S4M W . -13.76 30.18 -21.53
N6 S4M W . -14.76 30.57 -22.30
C4 S4M W . -11.85 30.51 -20.16
N3 S4M W . -11.65 29.20 -19.91
C2 S4M W . -12.58 28.46 -20.53
N1 S4M W . -13.58 28.85 -21.31
C1 HAI X . -11.42 39.81 -12.37
C2 HAI X . -11.49 39.41 -10.92
C3 HAI X . -11.74 37.92 -10.68
C4 HAI X . -11.22 37.04 -11.79
C5 HAI X . -10.05 37.68 -12.49
C6 HAI X . -10.42 39.00 -13.16
N HAI X . -11.06 41.27 -12.49
C1 EDO Y . -5.72 39.57 -28.17
O1 EDO Y . -6.60 40.66 -27.97
C2 EDO Y . -5.86 39.06 -29.55
O2 EDO Y . -5.42 37.74 -29.71
CA S4M Z . -10.61 -7.12 -20.92
N S4M Z . -9.66 -6.05 -21.17
CB S4M Z . -11.70 -6.76 -19.92
CG S4M Z . -12.67 -5.67 -20.35
SD S4M Z . -12.47 -4.07 -19.48
CE S4M Z . -12.55 -4.48 -17.73
C5' S4M Z . -13.97 -3.17 -19.82
C4' S4M Z . -14.10 -1.84 -19.06
O4' S4M Z . -14.90 -0.86 -19.73
C1' S4M Z . -15.27 0.07 -18.74
C2' S4M Z . -15.69 -0.81 -17.57
O2' S4M Z . -15.88 -0.21 -16.31
C3' S4M Z . -14.62 -1.92 -17.63
O3' S4M Z . -13.60 -1.68 -16.68
N9 S4M Z . -16.31 0.92 -19.26
C8 S4M Z . -17.61 0.58 -19.51
N7 S4M Z . -18.33 1.54 -20.02
C5 S4M Z . -17.42 2.60 -20.13
C6 S4M Z . -17.58 3.91 -20.59
N6 S4M Z . -18.71 4.39 -21.06
C4 S4M Z . -16.18 2.23 -19.67
N3 S4M Z . -15.09 3.00 -19.60
C2 S4M Z . -15.35 4.21 -20.09
N1 S4M Z . -16.48 4.70 -20.58
C1 HAI AA . -17.47 -9.34 -23.01
C2 HAI AA . -16.43 -9.91 -23.95
C3 HAI AA . -15.37 -8.88 -24.31
C4 HAI AA . -14.73 -8.23 -23.10
C5 HAI AA . -15.78 -7.69 -22.17
C6 HAI AA . -16.81 -8.74 -21.79
N HAI AA . -18.47 -10.40 -22.65
C1 PEG BA . -13.07 -6.33 -48.07
O1 PEG BA . -14.12 -6.32 -47.14
C2 PEG BA . -12.04 -5.30 -47.76
O2 PEG BA . -11.13 -5.84 -46.80
C3 PEG BA . -9.81 -5.36 -46.93
C4 PEG BA . -9.35 -5.41 -48.36
O4 PEG BA . -8.47 -6.47 -48.63
C1 EDO CA . 5.24 -12.07 -35.03
O1 EDO CA . 5.42 -12.09 -36.41
C2 EDO CA . 6.18 -12.93 -34.31
O2 EDO CA . 5.83 -13.09 -32.96
S SO4 DA . 8.28 -0.49 -32.08
O1 SO4 DA . 7.78 0.86 -32.00
O2 SO4 DA . 8.37 -1.07 -30.79
O3 SO4 DA . 7.39 -1.24 -32.91
O4 SO4 DA . 9.58 -0.44 -32.67
CA S4M EA . -18.38 -35.08 -33.65
N S4M EA . -18.26 -35.79 -34.92
CB S4M EA . -18.41 -35.97 -32.41
CG S4M EA . -17.34 -37.05 -32.29
SD S4M EA . -17.89 -38.71 -32.86
CE S4M EA . -19.56 -38.96 -32.21
C5' S4M EA . -16.72 -39.75 -32.00
C4' S4M EA . -16.92 -41.26 -32.10
O4' S4M EA . -15.73 -42.08 -31.98
C1' S4M EA . -16.16 -43.36 -31.57
C2' S4M EA . -17.21 -43.06 -30.51
O2' S4M EA . -18.06 -44.14 -30.22
C3' S4M EA . -17.94 -41.84 -31.10
O3' S4M EA . -19.17 -42.11 -31.75
N9 S4M EA . -15.05 -44.17 -31.12
C8 S4M EA . -14.44 -44.14 -29.90
N7 S4M EA . -13.49 -45.02 -29.77
C5 S4M EA . -13.46 -45.69 -30.99
C6 S4M EA . -12.65 -46.74 -31.51
N6 S4M EA . -11.69 -47.33 -30.83
C4 S4M EA . -14.43 -45.17 -31.82
N3 S4M EA . -14.69 -45.56 -33.08
C2 S4M EA . -13.88 -46.55 -33.45
N1 S4M EA . -12.91 -47.14 -32.77
C1 HAI FA . -13.85 -33.71 -27.54
C2 HAI FA . -13.93 -32.66 -28.64
C3 HAI FA . -13.79 -33.27 -30.03
C4 HAI FA . -14.63 -34.53 -30.18
C5 HAI FA . -15.64 -34.63 -29.06
C6 HAI FA . -14.93 -34.76 -27.70
N HAI FA . -13.95 -33.06 -26.20
#